data_3CJN
# 
_entry.id   3CJN 
# 
_audit_conform.dict_name       mmcif_pdbx.dic 
_audit_conform.dict_version    5.399 
_audit_conform.dict_location   http://mmcif.pdb.org/dictionaries/ascii/mmcif_pdbx.dic 
# 
loop_
_database_2.database_id 
_database_2.database_code 
_database_2.pdbx_database_accession 
_database_2.pdbx_DOI 
PDB   3CJN         pdb_00003cjn 10.2210/pdb3cjn/pdb 
RCSB  RCSB046856   ?            ?                   
WWPDB D_1000046856 ?            ?                   
# 
loop_
_pdbx_audit_revision_history.ordinal 
_pdbx_audit_revision_history.data_content_type 
_pdbx_audit_revision_history.major_revision 
_pdbx_audit_revision_history.minor_revision 
_pdbx_audit_revision_history.revision_date 
1 'Structure model' 1 0 2008-03-25 
2 'Structure model' 1 1 2011-07-13 
3 'Structure model' 1 2 2024-11-20 
# 
_pdbx_audit_revision_details.ordinal             1 
_pdbx_audit_revision_details.revision_ordinal    1 
_pdbx_audit_revision_details.data_content_type   'Structure model' 
_pdbx_audit_revision_details.provider            repository 
_pdbx_audit_revision_details.type                'Initial release' 
_pdbx_audit_revision_details.description         ? 
_pdbx_audit_revision_details.details             ? 
# 
loop_
_pdbx_audit_revision_group.ordinal 
_pdbx_audit_revision_group.revision_ordinal 
_pdbx_audit_revision_group.data_content_type 
_pdbx_audit_revision_group.group 
1 2 'Structure model' Advisory                    
2 2 'Structure model' 'Version format compliance' 
3 3 'Structure model' 'Data collection'           
4 3 'Structure model' 'Database references'       
5 3 'Structure model' 'Derived calculations'      
6 3 'Structure model' 'Structure summary'         
# 
loop_
_pdbx_audit_revision_category.ordinal 
_pdbx_audit_revision_category.revision_ordinal 
_pdbx_audit_revision_category.data_content_type 
_pdbx_audit_revision_category.category 
1 3 'Structure model' chem_comp_atom            
2 3 'Structure model' chem_comp_bond            
3 3 'Structure model' database_2                
4 3 'Structure model' pdbx_entry_details        
5 3 'Structure model' pdbx_modification_feature 
6 3 'Structure model' struct_conn               
7 3 'Structure model' struct_ref_seq_dif        
8 3 'Structure model' struct_site               
# 
loop_
_pdbx_audit_revision_item.ordinal 
_pdbx_audit_revision_item.revision_ordinal 
_pdbx_audit_revision_item.data_content_type 
_pdbx_audit_revision_item.item 
1 3 'Structure model' '_database_2.pdbx_DOI'                
2 3 'Structure model' '_database_2.pdbx_database_accession' 
3 3 'Structure model' '_struct_conn.pdbx_leaving_atom_flag' 
4 3 'Structure model' '_struct_ref_seq_dif.details'         
5 3 'Structure model' '_struct_site.pdbx_auth_asym_id'      
6 3 'Structure model' '_struct_site.pdbx_auth_comp_id'      
7 3 'Structure model' '_struct_site.pdbx_auth_seq_id'       
# 
_pdbx_database_status.status_code                     REL 
_pdbx_database_status.entry_id                        3CJN 
_pdbx_database_status.recvd_initial_deposition_date   2008-03-13 
_pdbx_database_status.deposit_site                    RCSB 
_pdbx_database_status.process_site                    RCSB 
_pdbx_database_status.status_code_sf                  REL 
_pdbx_database_status.status_code_mr                  ? 
_pdbx_database_status.SG_entry                        Y 
_pdbx_database_status.pdb_format_compatible           Y 
_pdbx_database_status.status_code_cs                  ? 
_pdbx_database_status.status_code_nmr_data            ? 
_pdbx_database_status.methods_development_category    ? 
# 
_pdbx_database_related.db_name        TargetDB 
_pdbx_database_related.db_id          APC88806 
_pdbx_database_related.details        . 
_pdbx_database_related.content_type   unspecified 
# 
loop_
_audit_author.name 
_audit_author.pdbx_ordinal 
'Chang, C.'                                     1 
'Volkart, L.'                                   2 
'Freeman, L.'                                   3 
'Joachimiak, A.'                                4 
'Midwest Center for Structural Genomics (MCSG)' 5 
# 
_citation.id                        primary 
_citation.title                     'Crystal structure of MarR family transcriptional regulator from Silicibacter pomeroyi.' 
_citation.journal_abbrev            'To be Published' 
_citation.journal_volume            ? 
_citation.page_first                ? 
_citation.page_last                 ? 
_citation.year                      ? 
_citation.journal_id_ASTM           ? 
_citation.country                   ? 
_citation.journal_id_ISSN           ? 
_citation.journal_id_CSD            0353 
_citation.book_publisher            ? 
_citation.pdbx_database_id_PubMed   ? 
_citation.pdbx_database_id_DOI      ? 
# 
loop_
_citation_author.citation_id 
_citation_author.name 
_citation_author.ordinal 
_citation_author.identifier_ORCID 
primary 'Chang, C.'      1 ? 
primary 'Volkart, L.'    2 ? 
primary 'Freeman, L.'    3 ? 
primary 'Joachimiak, A.' 4 ? 
# 
loop_
_entity.id 
_entity.type 
_entity.src_method 
_entity.pdbx_description 
_entity.formula_weight 
_entity.pdbx_number_of_molecules 
_entity.pdbx_ec 
_entity.pdbx_mutation 
_entity.pdbx_fragment 
_entity.details 
1 polymer     man 'Transcriptional regulator, MarR family' 18475.852 1   ? ? ? ? 
2 non-polymer syn 'PHOSPHATE ION'                          94.971    1   ? ? ? ? 
3 water       nat water                                    18.015    142 ? ? ? ? 
# 
_entity_poly.entity_id                      1 
_entity_poly.type                           'polypeptide(L)' 
_entity_poly.nstd_linkage                   no 
_entity_poly.nstd_monomer                   yes 
_entity_poly.pdbx_seq_one_letter_code       
;SNA(MSE)AESTDQTEQLRELAEIGLEGYAPYL(MSE)NRI(MSE)GRYNANLRKE(MSE)TALGLSTAK(MSE)RALAI
LSAKDGLPIGTLGIFAVVEQSTLSRALDGLQADGLVRREVDSDDQRSSRVYLTPAGRAVYDRLWPH(MSE)RASHDR
(MSE)FQGITPQERQAFLATLNK(MSE)LANIRVHEI
;
_entity_poly.pdbx_seq_one_letter_code_can   
;SNAMAESTDQTEQLRELAEIGLEGYAPYLMNRIMGRYNANLRKEMTALGLSTAKMRALAILSAKDGLPIGTLGIFAVVEQ
STLSRALDGLQADGLVRREVDSDDQRSSRVYLTPAGRAVYDRLWPHMRASHDRMFQGITPQERQAFLATLNKMLANIRVH
EI
;
_entity_poly.pdbx_strand_id                 A 
_entity_poly.pdbx_target_identifier         APC88806 
# 
loop_
_pdbx_entity_nonpoly.entity_id 
_pdbx_entity_nonpoly.name 
_pdbx_entity_nonpoly.comp_id 
2 'PHOSPHATE ION' PO4 
3 water           HOH 
# 
loop_
_entity_poly_seq.entity_id 
_entity_poly_seq.num 
_entity_poly_seq.mon_id 
_entity_poly_seq.hetero 
1 1   SER n 
1 2   ASN n 
1 3   ALA n 
1 4   MSE n 
1 5   ALA n 
1 6   GLU n 
1 7   SER n 
1 8   THR n 
1 9   ASP n 
1 10  GLN n 
1 11  THR n 
1 12  GLU n 
1 13  GLN n 
1 14  LEU n 
1 15  ARG n 
1 16  GLU n 
1 17  LEU n 
1 18  ALA n 
1 19  GLU n 
1 20  ILE n 
1 21  GLY n 
1 22  LEU n 
1 23  GLU n 
1 24  GLY n 
1 25  TYR n 
1 26  ALA n 
1 27  PRO n 
1 28  TYR n 
1 29  LEU n 
1 30  MSE n 
1 31  ASN n 
1 32  ARG n 
1 33  ILE n 
1 34  MSE n 
1 35  GLY n 
1 36  ARG n 
1 37  TYR n 
1 38  ASN n 
1 39  ALA n 
1 40  ASN n 
1 41  LEU n 
1 42  ARG n 
1 43  LYS n 
1 44  GLU n 
1 45  MSE n 
1 46  THR n 
1 47  ALA n 
1 48  LEU n 
1 49  GLY n 
1 50  LEU n 
1 51  SER n 
1 52  THR n 
1 53  ALA n 
1 54  LYS n 
1 55  MSE n 
1 56  ARG n 
1 57  ALA n 
1 58  LEU n 
1 59  ALA n 
1 60  ILE n 
1 61  LEU n 
1 62  SER n 
1 63  ALA n 
1 64  LYS n 
1 65  ASP n 
1 66  GLY n 
1 67  LEU n 
1 68  PRO n 
1 69  ILE n 
1 70  GLY n 
1 71  THR n 
1 72  LEU n 
1 73  GLY n 
1 74  ILE n 
1 75  PHE n 
1 76  ALA n 
1 77  VAL n 
1 78  VAL n 
1 79  GLU n 
1 80  GLN n 
1 81  SER n 
1 82  THR n 
1 83  LEU n 
1 84  SER n 
1 85  ARG n 
1 86  ALA n 
1 87  LEU n 
1 88  ASP n 
1 89  GLY n 
1 90  LEU n 
1 91  GLN n 
1 92  ALA n 
1 93  ASP n 
1 94  GLY n 
1 95  LEU n 
1 96  VAL n 
1 97  ARG n 
1 98  ARG n 
1 99  GLU n 
1 100 VAL n 
1 101 ASP n 
1 102 SER n 
1 103 ASP n 
1 104 ASP n 
1 105 GLN n 
1 106 ARG n 
1 107 SER n 
1 108 SER n 
1 109 ARG n 
1 110 VAL n 
1 111 TYR n 
1 112 LEU n 
1 113 THR n 
1 114 PRO n 
1 115 ALA n 
1 116 GLY n 
1 117 ARG n 
1 118 ALA n 
1 119 VAL n 
1 120 TYR n 
1 121 ASP n 
1 122 ARG n 
1 123 LEU n 
1 124 TRP n 
1 125 PRO n 
1 126 HIS n 
1 127 MSE n 
1 128 ARG n 
1 129 ALA n 
1 130 SER n 
1 131 HIS n 
1 132 ASP n 
1 133 ARG n 
1 134 MSE n 
1 135 PHE n 
1 136 GLN n 
1 137 GLY n 
1 138 ILE n 
1 139 THR n 
1 140 PRO n 
1 141 GLN n 
1 142 GLU n 
1 143 ARG n 
1 144 GLN n 
1 145 ALA n 
1 146 PHE n 
1 147 LEU n 
1 148 ALA n 
1 149 THR n 
1 150 LEU n 
1 151 ASN n 
1 152 LYS n 
1 153 MSE n 
1 154 LEU n 
1 155 ALA n 
1 156 ASN n 
1 157 ILE n 
1 158 ARG n 
1 159 VAL n 
1 160 HIS n 
1 161 GLU n 
1 162 ILE n 
# 
_entity_src_gen.entity_id                          1 
_entity_src_gen.pdbx_src_id                        1 
_entity_src_gen.pdbx_alt_source_flag               sample 
_entity_src_gen.pdbx_seq_type                      ? 
_entity_src_gen.pdbx_beg_seq_num                   ? 
_entity_src_gen.pdbx_end_seq_num                   ? 
_entity_src_gen.gene_src_common_name               ? 
_entity_src_gen.gene_src_genus                     Silicibacter 
_entity_src_gen.pdbx_gene_src_gene                 SPO1458 
_entity_src_gen.gene_src_species                   'Silicibacter pomeroyi' 
_entity_src_gen.gene_src_strain                    'DSS-3 / DSM 15171' 
_entity_src_gen.gene_src_tissue                    ? 
_entity_src_gen.gene_src_tissue_fraction           ? 
_entity_src_gen.gene_src_details                   ? 
_entity_src_gen.pdbx_gene_src_fragment             ? 
_entity_src_gen.pdbx_gene_src_scientific_name      'Silicibacter pomeroyi DSS-3' 
_entity_src_gen.pdbx_gene_src_ncbi_taxonomy_id     246200 
_entity_src_gen.pdbx_gene_src_variant              ? 
_entity_src_gen.pdbx_gene_src_cell_line            ? 
_entity_src_gen.pdbx_gene_src_atcc                 700808 
_entity_src_gen.pdbx_gene_src_organ                ? 
_entity_src_gen.pdbx_gene_src_organelle            ? 
_entity_src_gen.pdbx_gene_src_cell                 ? 
_entity_src_gen.pdbx_gene_src_cellular_location    ? 
_entity_src_gen.host_org_common_name               ? 
_entity_src_gen.pdbx_host_org_scientific_name      'Escherichia coli' 
_entity_src_gen.pdbx_host_org_ncbi_taxonomy_id     562 
_entity_src_gen.host_org_genus                     Escherichia 
_entity_src_gen.pdbx_host_org_gene                 ? 
_entity_src_gen.pdbx_host_org_organ                ? 
_entity_src_gen.host_org_species                   ? 
_entity_src_gen.pdbx_host_org_tissue               ? 
_entity_src_gen.pdbx_host_org_tissue_fraction      ? 
_entity_src_gen.pdbx_host_org_strain               'BL21(DE3)star' 
_entity_src_gen.pdbx_host_org_variant              ? 
_entity_src_gen.pdbx_host_org_cell_line            ? 
_entity_src_gen.pdbx_host_org_atcc                 ? 
_entity_src_gen.pdbx_host_org_culture_collection   ? 
_entity_src_gen.pdbx_host_org_cell                 ? 
_entity_src_gen.pdbx_host_org_organelle            ? 
_entity_src_gen.pdbx_host_org_cellular_location    ? 
_entity_src_gen.pdbx_host_org_vector_type          Plasmid 
_entity_src_gen.pdbx_host_org_vector               ? 
_entity_src_gen.host_org_details                   ? 
_entity_src_gen.expression_system_id               ? 
_entity_src_gen.plasmid_name                       pMCSG7 
_entity_src_gen.plasmid_details                    ? 
_entity_src_gen.pdbx_description                   ? 
# 
loop_
_chem_comp.id 
_chem_comp.type 
_chem_comp.mon_nstd_flag 
_chem_comp.name 
_chem_comp.pdbx_synonyms 
_chem_comp.formula 
_chem_comp.formula_weight 
ALA 'L-peptide linking' y ALANINE          ? 'C3 H7 N O2'     89.093  
ARG 'L-peptide linking' y ARGININE         ? 'C6 H15 N4 O2 1' 175.209 
ASN 'L-peptide linking' y ASPARAGINE       ? 'C4 H8 N2 O3'    132.118 
ASP 'L-peptide linking' y 'ASPARTIC ACID'  ? 'C4 H7 N O4'     133.103 
GLN 'L-peptide linking' y GLUTAMINE        ? 'C5 H10 N2 O3'   146.144 
GLU 'L-peptide linking' y 'GLUTAMIC ACID'  ? 'C5 H9 N O4'     147.129 
GLY 'peptide linking'   y GLYCINE          ? 'C2 H5 N O2'     75.067  
HIS 'L-peptide linking' y HISTIDINE        ? 'C6 H10 N3 O2 1' 156.162 
HOH non-polymer         . WATER            ? 'H2 O'           18.015  
ILE 'L-peptide linking' y ISOLEUCINE       ? 'C6 H13 N O2'    131.173 
LEU 'L-peptide linking' y LEUCINE          ? 'C6 H13 N O2'    131.173 
LYS 'L-peptide linking' y LYSINE           ? 'C6 H15 N2 O2 1' 147.195 
MSE 'L-peptide linking' n SELENOMETHIONINE ? 'C5 H11 N O2 Se' 196.106 
PHE 'L-peptide linking' y PHENYLALANINE    ? 'C9 H11 N O2'    165.189 
PO4 non-polymer         . 'PHOSPHATE ION'  ? 'O4 P -3'        94.971  
PRO 'L-peptide linking' y PROLINE          ? 'C5 H9 N O2'     115.130 
SER 'L-peptide linking' y SERINE           ? 'C3 H7 N O3'     105.093 
THR 'L-peptide linking' y THREONINE        ? 'C4 H9 N O3'     119.119 
TRP 'L-peptide linking' y TRYPTOPHAN       ? 'C11 H12 N2 O2'  204.225 
TYR 'L-peptide linking' y TYROSINE         ? 'C9 H11 N O3'    181.189 
VAL 'L-peptide linking' y VALINE           ? 'C5 H11 N O2'    117.146 
# 
loop_
_pdbx_poly_seq_scheme.asym_id 
_pdbx_poly_seq_scheme.entity_id 
_pdbx_poly_seq_scheme.seq_id 
_pdbx_poly_seq_scheme.mon_id 
_pdbx_poly_seq_scheme.ndb_seq_num 
_pdbx_poly_seq_scheme.pdb_seq_num 
_pdbx_poly_seq_scheme.auth_seq_num 
_pdbx_poly_seq_scheme.pdb_mon_id 
_pdbx_poly_seq_scheme.auth_mon_id 
_pdbx_poly_seq_scheme.pdb_strand_id 
_pdbx_poly_seq_scheme.pdb_ins_code 
_pdbx_poly_seq_scheme.hetero 
A 1 1   SER 1   -2  ?   ?   ?   A . n 
A 1 2   ASN 2   -1  ?   ?   ?   A . n 
A 1 3   ALA 3   0   ?   ?   ?   A . n 
A 1 4   MSE 4   1   ?   ?   ?   A . n 
A 1 5   ALA 5   2   ?   ?   ?   A . n 
A 1 6   GLU 6   3   ?   ?   ?   A . n 
A 1 7   SER 7   4   ?   ?   ?   A . n 
A 1 8   THR 8   5   ?   ?   ?   A . n 
A 1 9   ASP 9   6   ?   ?   ?   A . n 
A 1 10  GLN 10  7   ?   ?   ?   A . n 
A 1 11  THR 11  8   ?   ?   ?   A . n 
A 1 12  GLU 12  9   ?   ?   ?   A . n 
A 1 13  GLN 13  10  ?   ?   ?   A . n 
A 1 14  LEU 14  11  ?   ?   ?   A . n 
A 1 15  ARG 15  12  12  ARG ALA A . n 
A 1 16  GLU 16  13  13  GLU GLU A . n 
A 1 17  LEU 17  14  14  LEU LEU A . n 
A 1 18  ALA 18  15  15  ALA ALA A . n 
A 1 19  GLU 19  16  16  GLU GLU A . n 
A 1 20  ILE 20  17  17  ILE ILE A . n 
A 1 21  GLY 21  18  18  GLY GLY A . n 
A 1 22  LEU 22  19  19  LEU LEU A . n 
A 1 23  GLU 23  20  20  GLU GLU A . n 
A 1 24  GLY 24  21  21  GLY GLY A . n 
A 1 25  TYR 25  22  22  TYR TYR A . n 
A 1 26  ALA 26  23  23  ALA ALA A . n 
A 1 27  PRO 27  24  24  PRO PRO A . n 
A 1 28  TYR 28  25  25  TYR TYR A . n 
A 1 29  LEU 29  26  26  LEU LEU A . n 
A 1 30  MSE 30  27  27  MSE MSE A . n 
A 1 31  ASN 31  28  28  ASN ASN A . n 
A 1 32  ARG 32  29  29  ARG ARG A . n 
A 1 33  ILE 33  30  30  ILE ILE A . n 
A 1 34  MSE 34  31  31  MSE MSE A . n 
A 1 35  GLY 35  32  32  GLY GLY A . n 
A 1 36  ARG 36  33  33  ARG ARG A . n 
A 1 37  TYR 37  34  34  TYR TYR A . n 
A 1 38  ASN 38  35  35  ASN ASN A . n 
A 1 39  ALA 39  36  36  ALA ALA A . n 
A 1 40  ASN 40  37  37  ASN ASN A . n 
A 1 41  LEU 41  38  38  LEU LEU A . n 
A 1 42  ARG 42  39  39  ARG ARG A . n 
A 1 43  LYS 43  40  40  LYS LYS A . n 
A 1 44  GLU 44  41  41  GLU GLU A . n 
A 1 45  MSE 45  42  42  MSE MSE A . n 
A 1 46  THR 46  43  43  THR ALA A . n 
A 1 47  ALA 47  44  44  ALA ALA A . n 
A 1 48  LEU 48  45  45  LEU LEU A . n 
A 1 49  GLY 49  46  46  GLY GLY A . n 
A 1 50  LEU 50  47  47  LEU LEU A . n 
A 1 51  SER 51  48  48  SER SER A . n 
A 1 52  THR 52  49  49  THR THR A . n 
A 1 53  ALA 53  50  50  ALA ALA A . n 
A 1 54  LYS 54  51  51  LYS LYS A . n 
A 1 55  MSE 55  52  52  MSE MSE A . n 
A 1 56  ARG 56  53  53  ARG ARG A . n 
A 1 57  ALA 57  54  54  ALA ALA A . n 
A 1 58  LEU 58  55  55  LEU LEU A . n 
A 1 59  ALA 59  56  56  ALA ALA A . n 
A 1 60  ILE 60  57  57  ILE ILE A . n 
A 1 61  LEU 61  58  58  LEU LEU A . n 
A 1 62  SER 62  59  59  SER SER A . n 
A 1 63  ALA 63  60  60  ALA ALA A . n 
A 1 64  LYS 64  61  61  LYS LYS A . n 
A 1 65  ASP 65  62  62  ASP ASP A . n 
A 1 66  GLY 66  63  63  GLY GLY A . n 
A 1 67  LEU 67  64  64  LEU LEU A . n 
A 1 68  PRO 68  65  65  PRO PRO A . n 
A 1 69  ILE 69  66  66  ILE ILE A . n 
A 1 70  GLY 70  67  67  GLY GLY A . n 
A 1 71  THR 71  68  68  THR THR A . n 
A 1 72  LEU 72  69  69  LEU LEU A . n 
A 1 73  GLY 73  70  70  GLY GLY A . n 
A 1 74  ILE 74  71  71  ILE ILE A . n 
A 1 75  PHE 75  72  72  PHE PHE A . n 
A 1 76  ALA 76  73  73  ALA ALA A . n 
A 1 77  VAL 77  74  74  VAL VAL A . n 
A 1 78  VAL 78  75  75  VAL VAL A . n 
A 1 79  GLU 79  76  76  GLU GLU A . n 
A 1 80  GLN 80  77  77  GLN GLN A . n 
A 1 81  SER 81  78  78  SER SER A . n 
A 1 82  THR 82  79  79  THR THR A . n 
A 1 83  LEU 83  80  80  LEU LEU A . n 
A 1 84  SER 84  81  81  SER SER A . n 
A 1 85  ARG 85  82  82  ARG ARG A . n 
A 1 86  ALA 86  83  83  ALA ALA A . n 
A 1 87  LEU 87  84  84  LEU LEU A . n 
A 1 88  ASP 88  85  85  ASP ASP A . n 
A 1 89  GLY 89  86  86  GLY GLY A . n 
A 1 90  LEU 90  87  87  LEU LEU A . n 
A 1 91  GLN 91  88  88  GLN GLN A . n 
A 1 92  ALA 92  89  89  ALA ALA A . n 
A 1 93  ASP 93  90  90  ASP ASP A . n 
A 1 94  GLY 94  91  91  GLY GLY A . n 
A 1 95  LEU 95  92  92  LEU LEU A . n 
A 1 96  VAL 96  93  93  VAL VAL A . n 
A 1 97  ARG 97  94  94  ARG ARG A . n 
A 1 98  ARG 98  95  95  ARG ARG A . n 
A 1 99  GLU 99  96  96  GLU GLU A . n 
A 1 100 VAL 100 97  97  VAL VAL A . n 
A 1 101 ASP 101 98  98  ASP ASP A . n 
A 1 102 SER 102 99  ?   ?   ?   A . n 
A 1 103 ASP 103 100 ?   ?   ?   A . n 
A 1 104 ASP 104 101 101 ASP ALA A . n 
A 1 105 GLN 105 102 102 GLN ALA A . n 
A 1 106 ARG 106 103 103 ARG ARG A . n 
A 1 107 SER 107 104 104 SER SER A . n 
A 1 108 SER 108 105 105 SER SER A . n 
A 1 109 ARG 109 106 106 ARG ARG A . n 
A 1 110 VAL 110 107 107 VAL VAL A . n 
A 1 111 TYR 111 108 108 TYR TYR A . n 
A 1 112 LEU 112 109 109 LEU LEU A . n 
A 1 113 THR 113 110 110 THR THR A . n 
A 1 114 PRO 114 111 111 PRO PRO A . n 
A 1 115 ALA 115 112 112 ALA ALA A . n 
A 1 116 GLY 116 113 113 GLY GLY A . n 
A 1 117 ARG 117 114 114 ARG ARG A . n 
A 1 118 ALA 118 115 115 ALA ALA A . n 
A 1 119 VAL 119 116 116 VAL VAL A . n 
A 1 120 TYR 120 117 117 TYR TYR A . n 
A 1 121 ASP 121 118 118 ASP ASP A . n 
A 1 122 ARG 122 119 119 ARG ARG A . n 
A 1 123 LEU 123 120 120 LEU LEU A . n 
A 1 124 TRP 124 121 121 TRP TRP A . n 
A 1 125 PRO 125 122 122 PRO PRO A . n 
A 1 126 HIS 126 123 123 HIS HIS A . n 
A 1 127 MSE 127 124 124 MSE MSE A . n 
A 1 128 ARG 128 125 125 ARG ARG A . n 
A 1 129 ALA 129 126 126 ALA ALA A . n 
A 1 130 SER 130 127 127 SER SER A . n 
A 1 131 HIS 131 128 128 HIS HIS A . n 
A 1 132 ASP 132 129 129 ASP ASP A . n 
A 1 133 ARG 133 130 130 ARG ARG A . n 
A 1 134 MSE 134 131 131 MSE MSE A . n 
A 1 135 PHE 135 132 132 PHE PHE A . n 
A 1 136 GLN 136 133 133 GLN GLN A . n 
A 1 137 GLY 137 134 134 GLY GLY A . n 
A 1 138 ILE 138 135 135 ILE ILE A . n 
A 1 139 THR 139 136 136 THR THR A . n 
A 1 140 PRO 140 137 137 PRO PRO A . n 
A 1 141 GLN 141 138 138 GLN GLN A . n 
A 1 142 GLU 142 139 139 GLU GLU A . n 
A 1 143 ARG 143 140 140 ARG ARG A . n 
A 1 144 GLN 144 141 141 GLN GLN A . n 
A 1 145 ALA 145 142 142 ALA ALA A . n 
A 1 146 PHE 146 143 143 PHE PHE A . n 
A 1 147 LEU 147 144 144 LEU LEU A . n 
A 1 148 ALA 148 145 145 ALA ALA A . n 
A 1 149 THR 149 146 146 THR THR A . n 
A 1 150 LEU 150 147 147 LEU LEU A . n 
A 1 151 ASN 151 148 148 ASN ASN A . n 
A 1 152 LYS 152 149 149 LYS LYS A . n 
A 1 153 MSE 153 150 150 MSE MSE A . n 
A 1 154 LEU 154 151 151 LEU LEU A . n 
A 1 155 ALA 155 152 152 ALA ALA A . n 
A 1 156 ASN 156 153 153 ASN ASN A . n 
A 1 157 ILE 157 154 154 ILE ILE A . n 
A 1 158 ARG 158 155 155 ARG ARG A . n 
A 1 159 VAL 159 156 156 VAL VAL A . n 
A 1 160 HIS 160 157 157 HIS HIS A . n 
A 1 161 GLU 161 158 158 GLU GLU A . n 
A 1 162 ILE 162 159 159 ILE ILE A . n 
# 
loop_
_pdbx_nonpoly_scheme.asym_id 
_pdbx_nonpoly_scheme.entity_id 
_pdbx_nonpoly_scheme.mon_id 
_pdbx_nonpoly_scheme.ndb_seq_num 
_pdbx_nonpoly_scheme.pdb_seq_num 
_pdbx_nonpoly_scheme.auth_seq_num 
_pdbx_nonpoly_scheme.pdb_mon_id 
_pdbx_nonpoly_scheme.auth_mon_id 
_pdbx_nonpoly_scheme.pdb_strand_id 
_pdbx_nonpoly_scheme.pdb_ins_code 
B 2 PO4 1   201 201 PO4 PO4 A . 
C 3 HOH 1   202 1   HOH HOH A . 
C 3 HOH 2   203 2   HOH HOH A . 
C 3 HOH 3   204 3   HOH HOH A . 
C 3 HOH 4   205 4   HOH HOH A . 
C 3 HOH 5   206 5   HOH HOH A . 
C 3 HOH 6   207 6   HOH HOH A . 
C 3 HOH 7   208 7   HOH HOH A . 
C 3 HOH 8   209 8   HOH HOH A . 
C 3 HOH 9   210 9   HOH HOH A . 
C 3 HOH 10  211 10  HOH HOH A . 
C 3 HOH 11  212 11  HOH HOH A . 
C 3 HOH 12  213 12  HOH HOH A . 
C 3 HOH 13  214 13  HOH HOH A . 
C 3 HOH 14  215 14  HOH HOH A . 
C 3 HOH 15  216 15  HOH HOH A . 
C 3 HOH 16  217 16  HOH HOH A . 
C 3 HOH 17  218 17  HOH HOH A . 
C 3 HOH 18  219 18  HOH HOH A . 
C 3 HOH 19  220 19  HOH HOH A . 
C 3 HOH 20  221 20  HOH HOH A . 
C 3 HOH 21  222 21  HOH HOH A . 
C 3 HOH 22  223 22  HOH HOH A . 
C 3 HOH 23  224 23  HOH HOH A . 
C 3 HOH 24  225 24  HOH HOH A . 
C 3 HOH 25  226 25  HOH HOH A . 
C 3 HOH 26  227 26  HOH HOH A . 
C 3 HOH 27  228 27  HOH HOH A . 
C 3 HOH 28  229 28  HOH HOH A . 
C 3 HOH 29  230 29  HOH HOH A . 
C 3 HOH 30  231 30  HOH HOH A . 
C 3 HOH 31  232 31  HOH HOH A . 
C 3 HOH 32  233 32  HOH HOH A . 
C 3 HOH 33  234 33  HOH HOH A . 
C 3 HOH 34  235 34  HOH HOH A . 
C 3 HOH 35  236 35  HOH HOH A . 
C 3 HOH 36  237 36  HOH HOH A . 
C 3 HOH 37  238 37  HOH HOH A . 
C 3 HOH 38  239 38  HOH HOH A . 
C 3 HOH 39  240 39  HOH HOH A . 
C 3 HOH 40  241 40  HOH HOH A . 
C 3 HOH 41  242 41  HOH HOH A . 
C 3 HOH 42  243 42  HOH HOH A . 
C 3 HOH 43  244 43  HOH HOH A . 
C 3 HOH 44  245 44  HOH HOH A . 
C 3 HOH 45  246 45  HOH HOH A . 
C 3 HOH 46  247 46  HOH HOH A . 
C 3 HOH 47  248 47  HOH HOH A . 
C 3 HOH 48  249 48  HOH HOH A . 
C 3 HOH 49  250 49  HOH HOH A . 
C 3 HOH 50  251 50  HOH HOH A . 
C 3 HOH 51  252 51  HOH HOH A . 
C 3 HOH 52  253 52  HOH HOH A . 
C 3 HOH 53  254 53  HOH HOH A . 
C 3 HOH 54  255 54  HOH HOH A . 
C 3 HOH 55  256 55  HOH HOH A . 
C 3 HOH 56  257 56  HOH HOH A . 
C 3 HOH 57  258 57  HOH HOH A . 
C 3 HOH 58  259 58  HOH HOH A . 
C 3 HOH 59  260 59  HOH HOH A . 
C 3 HOH 60  261 60  HOH HOH A . 
C 3 HOH 61  262 61  HOH HOH A . 
C 3 HOH 62  263 62  HOH HOH A . 
C 3 HOH 63  264 63  HOH HOH A . 
C 3 HOH 64  265 64  HOH HOH A . 
C 3 HOH 65  266 65  HOH HOH A . 
C 3 HOH 66  267 66  HOH HOH A . 
C 3 HOH 67  268 67  HOH HOH A . 
C 3 HOH 68  269 68  HOH HOH A . 
C 3 HOH 69  270 69  HOH HOH A . 
C 3 HOH 70  271 70  HOH HOH A . 
C 3 HOH 71  272 71  HOH HOH A . 
C 3 HOH 72  273 72  HOH HOH A . 
C 3 HOH 73  274 73  HOH HOH A . 
C 3 HOH 74  275 74  HOH HOH A . 
C 3 HOH 75  276 75  HOH HOH A . 
C 3 HOH 76  277 76  HOH HOH A . 
C 3 HOH 77  278 77  HOH HOH A . 
C 3 HOH 78  279 78  HOH HOH A . 
C 3 HOH 79  280 79  HOH HOH A . 
C 3 HOH 80  281 80  HOH HOH A . 
C 3 HOH 81  282 81  HOH HOH A . 
C 3 HOH 82  283 82  HOH HOH A . 
C 3 HOH 83  284 83  HOH HOH A . 
C 3 HOH 84  285 84  HOH HOH A . 
C 3 HOH 85  286 85  HOH HOH A . 
C 3 HOH 86  287 86  HOH HOH A . 
C 3 HOH 87  288 87  HOH HOH A . 
C 3 HOH 88  289 88  HOH HOH A . 
C 3 HOH 89  290 89  HOH HOH A . 
C 3 HOH 90  291 90  HOH HOH A . 
C 3 HOH 91  292 91  HOH HOH A . 
C 3 HOH 92  293 92  HOH HOH A . 
C 3 HOH 93  294 93  HOH HOH A . 
C 3 HOH 94  295 94  HOH HOH A . 
C 3 HOH 95  296 95  HOH HOH A . 
C 3 HOH 96  297 96  HOH HOH A . 
C 3 HOH 97  298 97  HOH HOH A . 
C 3 HOH 98  299 98  HOH HOH A . 
C 3 HOH 99  300 99  HOH HOH A . 
C 3 HOH 100 301 100 HOH HOH A . 
C 3 HOH 101 302 101 HOH HOH A . 
C 3 HOH 102 303 102 HOH HOH A . 
C 3 HOH 103 304 103 HOH HOH A . 
C 3 HOH 104 305 104 HOH HOH A . 
C 3 HOH 105 306 105 HOH HOH A . 
C 3 HOH 106 307 106 HOH HOH A . 
C 3 HOH 107 308 107 HOH HOH A . 
C 3 HOH 108 309 108 HOH HOH A . 
C 3 HOH 109 310 109 HOH HOH A . 
C 3 HOH 110 311 110 HOH HOH A . 
C 3 HOH 111 312 111 HOH HOH A . 
C 3 HOH 112 313 112 HOH HOH A . 
C 3 HOH 113 314 113 HOH HOH A . 
C 3 HOH 114 315 114 HOH HOH A . 
C 3 HOH 115 316 115 HOH HOH A . 
C 3 HOH 116 317 116 HOH HOH A . 
C 3 HOH 117 318 117 HOH HOH A . 
C 3 HOH 118 319 118 HOH HOH A . 
C 3 HOH 119 320 119 HOH HOH A . 
C 3 HOH 120 321 120 HOH HOH A . 
C 3 HOH 121 322 121 HOH HOH A . 
C 3 HOH 122 323 122 HOH HOH A . 
C 3 HOH 123 324 123 HOH HOH A . 
C 3 HOH 124 325 124 HOH HOH A . 
C 3 HOH 125 326 125 HOH HOH A . 
C 3 HOH 126 327 126 HOH HOH A . 
C 3 HOH 127 328 127 HOH HOH A . 
C 3 HOH 128 329 128 HOH HOH A . 
C 3 HOH 129 330 129 HOH HOH A . 
C 3 HOH 130 331 130 HOH HOH A . 
C 3 HOH 131 332 131 HOH HOH A . 
C 3 HOH 132 333 132 HOH HOH A . 
C 3 HOH 133 334 133 HOH HOH A . 
C 3 HOH 134 335 134 HOH HOH A . 
C 3 HOH 135 336 135 HOH HOH A . 
C 3 HOH 136 337 136 HOH HOH A . 
C 3 HOH 137 338 137 HOH HOH A . 
C 3 HOH 138 339 138 HOH HOH A . 
C 3 HOH 139 340 139 HOH HOH A . 
C 3 HOH 140 341 140 HOH HOH A . 
C 3 HOH 141 342 141 HOH HOH A . 
C 3 HOH 142 343 142 HOH HOH A . 
# 
loop_
_pdbx_unobs_or_zero_occ_atoms.id 
_pdbx_unobs_or_zero_occ_atoms.PDB_model_num 
_pdbx_unobs_or_zero_occ_atoms.polymer_flag 
_pdbx_unobs_or_zero_occ_atoms.occupancy_flag 
_pdbx_unobs_or_zero_occ_atoms.auth_asym_id 
_pdbx_unobs_or_zero_occ_atoms.auth_comp_id 
_pdbx_unobs_or_zero_occ_atoms.auth_seq_id 
_pdbx_unobs_or_zero_occ_atoms.PDB_ins_code 
_pdbx_unobs_or_zero_occ_atoms.auth_atom_id 
_pdbx_unobs_or_zero_occ_atoms.label_alt_id 
_pdbx_unobs_or_zero_occ_atoms.label_asym_id 
_pdbx_unobs_or_zero_occ_atoms.label_comp_id 
_pdbx_unobs_or_zero_occ_atoms.label_seq_id 
_pdbx_unobs_or_zero_occ_atoms.label_atom_id 
1  1 Y 1 A ARG 12  ? CG  ? A ARG 15  CG  
2  1 Y 1 A ARG 12  ? CD  ? A ARG 15  CD  
3  1 Y 1 A ARG 12  ? NE  ? A ARG 15  NE  
4  1 Y 1 A ARG 12  ? CZ  ? A ARG 15  CZ  
5  1 Y 1 A ARG 12  ? NH1 ? A ARG 15  NH1 
6  1 Y 1 A ARG 12  ? NH2 ? A ARG 15  NH2 
7  1 Y 1 A THR 43  ? OG1 ? A THR 46  OG1 
8  1 Y 1 A THR 43  ? CG2 ? A THR 46  CG2 
9  1 Y 1 A ASP 101 ? CG  ? A ASP 104 CG  
10 1 Y 1 A ASP 101 ? OD1 ? A ASP 104 OD1 
11 1 Y 1 A ASP 101 ? OD2 ? A ASP 104 OD2 
12 1 Y 1 A GLN 102 ? CG  ? A GLN 105 CG  
13 1 Y 1 A GLN 102 ? CD  ? A GLN 105 CD  
14 1 Y 1 A GLN 102 ? OE1 ? A GLN 105 OE1 
15 1 Y 1 A GLN 102 ? NE2 ? A GLN 105 NE2 
# 
loop_
_software.name 
_software.classification 
_software.version 
_software.citation_id 
_software.pdbx_ordinal 
REFMAC      refinement        5.2.0019 ? 1 
SBC-Collect 'data collection' .        ? 2 
HKL-3000    'data reduction'  .        ? 3 
HKL-3000    'data scaling'    .        ? 4 
HKL-3000    phasing           .        ? 5 
# 
_cell.entry_id           3CJN 
_cell.length_a           87.976 
_cell.length_b           87.976 
_cell.length_c           43.197 
_cell.angle_alpha        90.00 
_cell.angle_beta         90.00 
_cell.angle_gamma        90.00 
_cell.Z_PDB              8 
_cell.pdbx_unique_axis   ? 
_cell.length_a_esd       ? 
_cell.length_b_esd       ? 
_cell.length_c_esd       ? 
_cell.angle_alpha_esd    ? 
_cell.angle_beta_esd     ? 
_cell.angle_gamma_esd    ? 
# 
_symmetry.entry_id                         3CJN 
_symmetry.space_group_name_H-M             'P 43 21 2' 
_symmetry.pdbx_full_space_group_name_H-M   ? 
_symmetry.cell_setting                     ? 
_symmetry.Int_Tables_number                96 
_symmetry.space_group_name_Hall            ? 
# 
_exptl.entry_id          3CJN 
_exptl.method            'X-RAY DIFFRACTION' 
_exptl.crystals_number   1 
# 
_exptl_crystal.id                    1 
_exptl_crystal.density_meas          ? 
_exptl_crystal.density_Matthews      2.26 
_exptl_crystal.density_percent_sol   45.62 
_exptl_crystal.description           ? 
_exptl_crystal.F_000                 ? 
_exptl_crystal.preparation           ? 
# 
_exptl_crystal_grow.crystal_id      1 
_exptl_crystal_grow.method          'VAPOR DIFFUSION, SITTING DROP' 
_exptl_crystal_grow.temp            281 
_exptl_crystal_grow.temp_details    ? 
_exptl_crystal_grow.pH              7.0 
_exptl_crystal_grow.pdbx_details    '0.1 Succinic acid pH 7.0, 12 % PEG 3350, VAPOR DIFFUSION, SITTING DROP, temperature 281K' 
_exptl_crystal_grow.pdbx_pH_range   . 
# 
_diffrn.id                     1 
_diffrn.ambient_temp           100 
_diffrn.ambient_temp_details   ? 
_diffrn.crystal_id             1 
# 
_diffrn_detector.diffrn_id              1 
_diffrn_detector.detector               CCD 
_diffrn_detector.type                   'ADSC QUANTUM 315' 
_diffrn_detector.pdbx_collection_date   2007-11-21 
_diffrn_detector.details                ? 
# 
_diffrn_radiation.diffrn_id                        1 
_diffrn_radiation.wavelength_id                    1 
_diffrn_radiation.pdbx_monochromatic_or_laue_m_l   M 
_diffrn_radiation.monochromator                    'Double crystal' 
_diffrn_radiation.pdbx_diffrn_protocol             'SINGLE WAVELENGTH' 
_diffrn_radiation.pdbx_scattering_type             x-ray 
# 
_diffrn_radiation_wavelength.id           1 
_diffrn_radiation_wavelength.wavelength   0.97935 
_diffrn_radiation_wavelength.wt           1.0 
# 
_diffrn_source.diffrn_id                   1 
_diffrn_source.source                      SYNCHROTRON 
_diffrn_source.type                        'APS BEAMLINE 19-ID' 
_diffrn_source.pdbx_synchrotron_site       APS 
_diffrn_source.pdbx_synchrotron_beamline   19-ID 
_diffrn_source.pdbx_wavelength             ? 
_diffrn_source.pdbx_wavelength_list        0.97935 
# 
_reflns.entry_id                     3CJN 
_reflns.observed_criterion_sigma_F   ? 
_reflns.observed_criterion_sigma_I   -3 
_reflns.d_resolution_high            1.95 
_reflns.d_resolution_low             50 
_reflns.number_all                   12944 
_reflns.number_obs                   12941 
_reflns.percent_possible_obs         100.0 
_reflns.pdbx_Rmerge_I_obs            0.094 
_reflns.pdbx_Rsym_value              ? 
_reflns.pdbx_netI_over_sigmaI        77.2 
_reflns.B_iso_Wilson_estimate        28.0 
_reflns.pdbx_redundancy              21.0 
_reflns.R_free_details               ? 
_reflns.limit_h_max                  ? 
_reflns.limit_h_min                  ? 
_reflns.limit_k_max                  ? 
_reflns.limit_k_min                  ? 
_reflns.limit_l_max                  ? 
_reflns.limit_l_min                  ? 
_reflns.observed_criterion_F_max     ? 
_reflns.observed_criterion_F_min     ? 
_reflns.pdbx_chi_squared             ? 
_reflns.pdbx_scaling_rejects         ? 
_reflns.pdbx_ordinal                 1 
_reflns.pdbx_diffrn_id               1 
# 
_reflns_shell.d_res_high             1.95 
_reflns_shell.d_res_low              2.02 
_reflns_shell.percent_possible_all   100 
_reflns_shell.Rmerge_I_obs           0.472 
_reflns_shell.pdbx_Rsym_value        ? 
_reflns_shell.meanI_over_sigI_obs    14.5 
_reflns_shell.pdbx_redundancy        21.8 
_reflns_shell.percent_possible_obs   ? 
_reflns_shell.number_unique_all      1263 
_reflns_shell.number_measured_all    ? 
_reflns_shell.number_measured_obs    ? 
_reflns_shell.number_unique_obs      ? 
_reflns_shell.pdbx_chi_squared       ? 
_reflns_shell.pdbx_ordinal           1 
_reflns_shell.pdbx_diffrn_id         1 
# 
_refine.entry_id                                 3CJN 
_refine.ls_number_reflns_obs                     12819 
_refine.ls_number_reflns_all                     12819 
_refine.pdbx_ls_sigma_I                          ? 
_refine.pdbx_ls_sigma_F                          0 
_refine.pdbx_data_cutoff_high_absF               ? 
_refine.pdbx_data_cutoff_low_absF                ? 
_refine.pdbx_data_cutoff_high_rms_absF           ? 
_refine.ls_d_res_low                             43.98 
_refine.ls_d_res_high                            1.95 
_refine.ls_percent_reflns_obs                    99.20 
_refine.ls_R_factor_obs                          0.18119 
_refine.ls_R_factor_all                          0.18119 
_refine.ls_R_factor_R_work                       0.17912 
_refine.ls_R_factor_R_free                       0.22257 
_refine.ls_R_factor_R_free_error                 ? 
_refine.ls_R_factor_R_free_error_details         ? 
_refine.ls_percent_reflns_R_free                 4.9 
_refine.ls_number_reflns_R_free                  624 
_refine.ls_number_parameters                     ? 
_refine.ls_number_restraints                     ? 
_refine.occupancy_min                            ? 
_refine.occupancy_max                            ? 
_refine.correlation_coeff_Fo_to_Fc               0.960 
_refine.correlation_coeff_Fo_to_Fc_free          0.938 
_refine.B_iso_mean                               32.927 
_refine.aniso_B[1][1]                            -0.75 
_refine.aniso_B[2][2]                            -0.75 
_refine.aniso_B[3][3]                            1.50 
_refine.aniso_B[1][2]                            0.00 
_refine.aniso_B[1][3]                            0.00 
_refine.aniso_B[2][3]                            0.00 
_refine.solvent_model_details                    MASK 
_refine.solvent_model_param_ksol                 ? 
_refine.solvent_model_param_bsol                 ? 
_refine.pdbx_solvent_vdw_probe_radii             1.20 
_refine.pdbx_solvent_ion_probe_radii             0.80 
_refine.pdbx_solvent_shrinkage_radii             0.80 
_refine.pdbx_ls_cross_valid_method               THROUGHOUT 
_refine.details                                  'HYDROGENS HAVE BEEN ADDED IN THE RIDING POSITIONS' 
_refine.pdbx_starting_model                      ? 
_refine.pdbx_method_to_determine_struct          SAD 
_refine.pdbx_isotropic_thermal_model             ? 
_refine.pdbx_stereochemistry_target_values       'MAXIMUM LIKELIHOOD' 
_refine.pdbx_stereochem_target_val_spec_case     ? 
_refine.pdbx_R_Free_selection_details            RANDOM 
_refine.pdbx_overall_ESU_R                       0.153 
_refine.pdbx_overall_ESU_R_Free                  0.144 
_refine.overall_SU_ML                            0.092 
_refine.overall_SU_B                             5.913 
_refine.ls_redundancy_reflns_obs                 ? 
_refine.B_iso_min                                ? 
_refine.B_iso_max                                ? 
_refine.overall_SU_R_Cruickshank_DPI             ? 
_refine.overall_SU_R_free                        ? 
_refine.ls_wR_factor_R_free                      ? 
_refine.ls_wR_factor_R_work                      ? 
_refine.overall_FOM_free_R_set                   ? 
_refine.overall_FOM_work_R_set                   ? 
_refine.pdbx_overall_phase_error                 ? 
_refine.pdbx_refine_id                           'X-RAY DIFFRACTION' 
_refine.pdbx_TLS_residual_ADP_flag               'LIKELY RESIDUAL' 
_refine.pdbx_diffrn_id                           1 
_refine.pdbx_overall_SU_R_free_Cruickshank_DPI   ? 
_refine.pdbx_overall_SU_R_Blow_DPI               ? 
_refine.pdbx_overall_SU_R_free_Blow_DPI          ? 
# 
_refine_hist.pdbx_refine_id                   'X-RAY DIFFRACTION' 
_refine_hist.cycle_id                         LAST 
_refine_hist.pdbx_number_atoms_protein        1133 
_refine_hist.pdbx_number_atoms_nucleic_acid   0 
_refine_hist.pdbx_number_atoms_ligand         5 
_refine_hist.number_atoms_solvent             142 
_refine_hist.number_atoms_total               1280 
_refine_hist.d_res_high                       1.95 
_refine_hist.d_res_low                        43.98 
# 
loop_
_refine_ls_restr.type 
_refine_ls_restr.dev_ideal 
_refine_ls_restr.dev_ideal_target 
_refine_ls_restr.weight 
_refine_ls_restr.number 
_refine_ls_restr.pdbx_refine_id 
_refine_ls_restr.pdbx_restraint_function 
r_bond_refined_d             0.014  0.022  ? 1172 'X-RAY DIFFRACTION' ? 
r_bond_other_d               ?      ?      ? ?    'X-RAY DIFFRACTION' ? 
r_angle_refined_deg          1.282  1.981  ? 1583 'X-RAY DIFFRACTION' ? 
r_angle_other_deg            ?      ?      ? ?    'X-RAY DIFFRACTION' ? 
r_dihedral_angle_1_deg       5.126  5.000  ? 148  'X-RAY DIFFRACTION' ? 
r_dihedral_angle_2_deg       22.835 21.923 ? 52   'X-RAY DIFFRACTION' ? 
r_dihedral_angle_3_deg       12.965 15.000 ? 209  'X-RAY DIFFRACTION' ? 
r_dihedral_angle_4_deg       17.392 15.000 ? 15   'X-RAY DIFFRACTION' ? 
r_chiral_restr               0.098  0.200  ? 178  'X-RAY DIFFRACTION' ? 
r_gen_planes_refined         0.005  0.020  ? 880  'X-RAY DIFFRACTION' ? 
r_gen_planes_other           ?      ?      ? ?    'X-RAY DIFFRACTION' ? 
r_nbd_refined                0.210  0.200  ? 535  'X-RAY DIFFRACTION' ? 
r_nbd_other                  ?      ?      ? ?    'X-RAY DIFFRACTION' ? 
r_nbtor_refined              0.303  0.200  ? 821  'X-RAY DIFFRACTION' ? 
r_nbtor_other                ?      ?      ? ?    'X-RAY DIFFRACTION' ? 
r_xyhbond_nbd_refined        0.132  0.200  ? 106  'X-RAY DIFFRACTION' ? 
r_xyhbond_nbd_other          ?      ?      ? ?    'X-RAY DIFFRACTION' ? 
r_metal_ion_refined          ?      ?      ? ?    'X-RAY DIFFRACTION' ? 
r_metal_ion_other            ?      ?      ? ?    'X-RAY DIFFRACTION' ? 
r_symmetry_vdw_refined       0.266  0.200  ? 64   'X-RAY DIFFRACTION' ? 
r_symmetry_vdw_other         ?      ?      ? ?    'X-RAY DIFFRACTION' ? 
r_symmetry_hbond_refined     0.176  0.200  ? 19   'X-RAY DIFFRACTION' ? 
r_symmetry_hbond_other       ?      ?      ? ?    'X-RAY DIFFRACTION' ? 
r_symmetry_metal_ion_refined ?      ?      ? ?    'X-RAY DIFFRACTION' ? 
r_symmetry_metal_ion_other   ?      ?      ? ?    'X-RAY DIFFRACTION' ? 
r_mcbond_it                  0.857  1.500  ? 764  'X-RAY DIFFRACTION' ? 
r_mcbond_other               ?      ?      ? ?    'X-RAY DIFFRACTION' ? 
r_mcangle_it                 1.329  2.000  ? 1169 'X-RAY DIFFRACTION' ? 
r_scbond_it                  2.006  3.000  ? 463  'X-RAY DIFFRACTION' ? 
r_scangle_it                 2.881  4.500  ? 414  'X-RAY DIFFRACTION' ? 
r_rigid_bond_restr           ?      ?      ? ?    'X-RAY DIFFRACTION' ? 
r_sphericity_free            ?      ?      ? ?    'X-RAY DIFFRACTION' ? 
r_sphericity_bonded          ?      ?      ? ?    'X-RAY DIFFRACTION' ? 
# 
_refine_ls_shell.pdbx_total_number_of_bins_used   20 
_refine_ls_shell.d_res_high                       1.950 
_refine_ls_shell.d_res_low                        1.997 
_refine_ls_shell.number_reflns_R_work             864 
_refine_ls_shell.R_factor_R_work                  0.191 
_refine_ls_shell.percent_reflns_obs               96.26 
_refine_ls_shell.R_factor_R_free                  0.293 
_refine_ls_shell.R_factor_R_free_error            ? 
_refine_ls_shell.percent_reflns_R_free            ? 
_refine_ls_shell.number_reflns_R_free             36 
_refine_ls_shell.number_reflns_all                ? 
_refine_ls_shell.R_factor_all                     ? 
_refine_ls_shell.number_reflns_obs                900 
_refine_ls_shell.redundancy_reflns_obs            ? 
_refine_ls_shell.pdbx_refine_id                   'X-RAY DIFFRACTION' 
# 
_struct.entry_id                  3CJN 
_struct.title                     'Crystal structure of transcriptional regulator, MarR family, from Silicibacter pomeroyi' 
_struct.pdbx_model_details        ? 
_struct.pdbx_CASP_flag            ? 
_struct.pdbx_model_type_details   ? 
# 
_struct_keywords.entry_id        3CJN 
_struct_keywords.pdbx_keywords   'TRANSCRIPTION REGULATOR' 
_struct_keywords.text            
;Transcriptional regulator, MarR family, Silicibacter pomeroyi, Structural Genomics, PSI-2, Protein Structure Initiative, Midwest Center for Structural Genomics, MCSG, DNA-binding, Transcription regulation, TRANSCRIPTION REGULATOR
;
# 
loop_
_struct_asym.id 
_struct_asym.pdbx_blank_PDB_chainid_flag 
_struct_asym.pdbx_modified 
_struct_asym.entity_id 
_struct_asym.details 
A N N 1 ? 
B N N 2 ? 
C N N 3 ? 
# 
_struct_ref.id                         1 
_struct_ref.db_name                    UNP 
_struct_ref.db_code                    Q5LTF6_SILPO 
_struct_ref.pdbx_db_accession          Q5LTF6 
_struct_ref.entity_id                  1 
_struct_ref.pdbx_seq_one_letter_code   
;MAESTDQTEQLRELAEIGLEGYAPYLMNRIMGRYNANLRKEMTALGLSTAKMRALAILSAKDGLPIGTLGIFAVVEQSTL
SRALDGLQADGLVRREVDSDDQRSSRVYLTPAGRAVYDRLWPHMRASHDRMFQGITPQERQAFLATLNKMLANIRVHEI
;
_struct_ref.pdbx_align_begin           1 
_struct_ref.pdbx_db_isoform            ? 
# 
_struct_ref_seq.align_id                      1 
_struct_ref_seq.ref_id                        1 
_struct_ref_seq.pdbx_PDB_id_code              3CJN 
_struct_ref_seq.pdbx_strand_id                A 
_struct_ref_seq.seq_align_beg                 4 
_struct_ref_seq.pdbx_seq_align_beg_ins_code   ? 
_struct_ref_seq.seq_align_end                 162 
_struct_ref_seq.pdbx_seq_align_end_ins_code   ? 
_struct_ref_seq.pdbx_db_accession             Q5LTF6 
_struct_ref_seq.db_align_beg                  1 
_struct_ref_seq.pdbx_db_align_beg_ins_code    ? 
_struct_ref_seq.db_align_end                  159 
_struct_ref_seq.pdbx_db_align_end_ins_code    ? 
_struct_ref_seq.pdbx_auth_seq_align_beg       1 
_struct_ref_seq.pdbx_auth_seq_align_end       159 
# 
loop_
_struct_ref_seq_dif.align_id 
_struct_ref_seq_dif.pdbx_pdb_id_code 
_struct_ref_seq_dif.mon_id 
_struct_ref_seq_dif.pdbx_pdb_strand_id 
_struct_ref_seq_dif.seq_num 
_struct_ref_seq_dif.pdbx_pdb_ins_code 
_struct_ref_seq_dif.pdbx_seq_db_name 
_struct_ref_seq_dif.pdbx_seq_db_accession_code 
_struct_ref_seq_dif.db_mon_id 
_struct_ref_seq_dif.pdbx_seq_db_seq_num 
_struct_ref_seq_dif.details 
_struct_ref_seq_dif.pdbx_auth_seq_num 
_struct_ref_seq_dif.pdbx_ordinal 
1 3CJN SER A 1 ? UNP Q5LTF6 ? ? 'expression tag' -2 1 
1 3CJN ASN A 2 ? UNP Q5LTF6 ? ? 'expression tag' -1 2 
1 3CJN ALA A 3 ? UNP Q5LTF6 ? ? 'expression tag' 0  3 
# 
_pdbx_struct_assembly.id                   1 
_pdbx_struct_assembly.details              author_and_software_defined_assembly 
_pdbx_struct_assembly.method_details       PISA 
_pdbx_struct_assembly.oligomeric_details   dimeric 
_pdbx_struct_assembly.oligomeric_count     2 
# 
loop_
_pdbx_struct_assembly_prop.biol_id 
_pdbx_struct_assembly_prop.type 
_pdbx_struct_assembly_prop.value 
_pdbx_struct_assembly_prop.details 
1 'ABSA (A^2)' 5900  ? 
1 MORE         -43.6 ? 
1 'SSA (A^2)'  13690 ? 
# 
_pdbx_struct_assembly_gen.assembly_id       1 
_pdbx_struct_assembly_gen.oper_expression   1,2 
_pdbx_struct_assembly_gen.asym_id_list      A,B,C 
# 
loop_
_pdbx_struct_oper_list.id 
_pdbx_struct_oper_list.type 
_pdbx_struct_oper_list.name 
_pdbx_struct_oper_list.symmetry_operation 
_pdbx_struct_oper_list.matrix[1][1] 
_pdbx_struct_oper_list.matrix[1][2] 
_pdbx_struct_oper_list.matrix[1][3] 
_pdbx_struct_oper_list.vector[1] 
_pdbx_struct_oper_list.matrix[2][1] 
_pdbx_struct_oper_list.matrix[2][2] 
_pdbx_struct_oper_list.matrix[2][3] 
_pdbx_struct_oper_list.vector[2] 
_pdbx_struct_oper_list.matrix[3][1] 
_pdbx_struct_oper_list.matrix[3][2] 
_pdbx_struct_oper_list.matrix[3][3] 
_pdbx_struct_oper_list.vector[3] 
1 'identity operation'         1_555 x,y,z    1.0000000000  0.0000000000 0.0000000000 0.0000000000  0.0000000000 1.0000000000  0.0000000000 0.0000000000  0.0000000000 0.0000000000 1.0000000000 0.0000000000  
2 'crystal symmetry operation' 7_556 y,x,-z+1 -0.9972435433 0.0458401565 0.0583437698 15.0157752018 0.0458401565 -0.2376735249 0.9702628384 10.3565164235 0.0583437698 0.9702628384 0.2349170681 -8.8464401652 
# 
_struct_biol.id        1 
_struct_biol.details   ? 
# 
loop_
_struct_conf.conf_type_id 
_struct_conf.id 
_struct_conf.pdbx_PDB_helix_id 
_struct_conf.beg_label_comp_id 
_struct_conf.beg_label_asym_id 
_struct_conf.beg_label_seq_id 
_struct_conf.pdbx_beg_PDB_ins_code 
_struct_conf.end_label_comp_id 
_struct_conf.end_label_asym_id 
_struct_conf.end_label_seq_id 
_struct_conf.pdbx_end_PDB_ins_code 
_struct_conf.beg_auth_comp_id 
_struct_conf.beg_auth_asym_id 
_struct_conf.beg_auth_seq_id 
_struct_conf.end_auth_comp_id 
_struct_conf.end_auth_asym_id 
_struct_conf.end_auth_seq_id 
_struct_conf.pdbx_PDB_helix_class 
_struct_conf.details 
_struct_conf.pdbx_PDB_helix_length 
HELX_P HELX_P1 1 GLU A 16  ? GLY A 21  ? GLU A 13  GLY A 18  1 ? 6  
HELX_P HELX_P2 2 LEU A 22  ? GLY A 24  ? LEU A 19  GLY A 21  5 ? 3  
HELX_P HELX_P3 3 TYR A 25  ? LYS A 43  ? TYR A 22  LYS A 40  1 ? 19 
HELX_P HELX_P4 4 GLU A 44  ? GLY A 49  ? GLU A 41  GLY A 46  1 ? 6  
HELX_P HELX_P5 5 SER A 51  ? LYS A 64  ? SER A 48  LYS A 61  1 ? 14 
HELX_P HELX_P6 6 ILE A 69  ? VAL A 77  ? ILE A 66  VAL A 74  1 ? 9  
HELX_P HELX_P7 7 GLU A 79  ? ASP A 93  ? GLU A 76  ASP A 90  1 ? 15 
HELX_P HELX_P8 8 THR A 113 ? PHE A 135 ? THR A 110 PHE A 132 1 ? 23 
HELX_P HELX_P9 9 THR A 139 ? ARG A 158 ? THR A 136 ARG A 155 1 ? 20 
# 
_struct_conf_type.id          HELX_P 
_struct_conf_type.criteria    ? 
_struct_conf_type.reference   ? 
# 
loop_
_struct_conn.id 
_struct_conn.conn_type_id 
_struct_conn.pdbx_leaving_atom_flag 
_struct_conn.pdbx_PDB_id 
_struct_conn.ptnr1_label_asym_id 
_struct_conn.ptnr1_label_comp_id 
_struct_conn.ptnr1_label_seq_id 
_struct_conn.ptnr1_label_atom_id 
_struct_conn.pdbx_ptnr1_label_alt_id 
_struct_conn.pdbx_ptnr1_PDB_ins_code 
_struct_conn.pdbx_ptnr1_standard_comp_id 
_struct_conn.ptnr1_symmetry 
_struct_conn.ptnr2_label_asym_id 
_struct_conn.ptnr2_label_comp_id 
_struct_conn.ptnr2_label_seq_id 
_struct_conn.ptnr2_label_atom_id 
_struct_conn.pdbx_ptnr2_label_alt_id 
_struct_conn.pdbx_ptnr2_PDB_ins_code 
_struct_conn.ptnr1_auth_asym_id 
_struct_conn.ptnr1_auth_comp_id 
_struct_conn.ptnr1_auth_seq_id 
_struct_conn.ptnr2_auth_asym_id 
_struct_conn.ptnr2_auth_comp_id 
_struct_conn.ptnr2_auth_seq_id 
_struct_conn.ptnr2_symmetry 
_struct_conn.pdbx_ptnr3_label_atom_id 
_struct_conn.pdbx_ptnr3_label_seq_id 
_struct_conn.pdbx_ptnr3_label_comp_id 
_struct_conn.pdbx_ptnr3_label_asym_id 
_struct_conn.pdbx_ptnr3_label_alt_id 
_struct_conn.pdbx_ptnr3_PDB_ins_code 
_struct_conn.details 
_struct_conn.pdbx_dist_value 
_struct_conn.pdbx_value_order 
_struct_conn.pdbx_role 
covale1  covale both ? A LEU 29  C ? ? ? 1_555 A MSE 30  N ? ? A LEU 26  A MSE 27  1_555 ? ? ? ? ? ? ? 1.330 ? ? 
covale2  covale both ? A MSE 30  C ? ? ? 1_555 A ASN 31  N ? ? A MSE 27  A ASN 28  1_555 ? ? ? ? ? ? ? 1.339 ? ? 
covale3  covale both ? A ILE 33  C ? ? ? 1_555 A MSE 34  N ? ? A ILE 30  A MSE 31  1_555 ? ? ? ? ? ? ? 1.339 ? ? 
covale4  covale both ? A MSE 34  C ? ? ? 1_555 A GLY 35  N ? ? A MSE 31  A GLY 32  1_555 ? ? ? ? ? ? ? 1.327 ? ? 
covale5  covale both ? A GLU 44  C ? ? ? 1_555 A MSE 45  N ? ? A GLU 41  A MSE 42  1_555 ? ? ? ? ? ? ? 1.339 ? ? 
covale6  covale both ? A MSE 45  C ? ? ? 1_555 A THR 46  N ? ? A MSE 42  A THR 43  1_555 ? ? ? ? ? ? ? 1.334 ? ? 
covale7  covale both ? A LYS 54  C ? ? ? 1_555 A MSE 55  N ? ? A LYS 51  A MSE 52  1_555 ? ? ? ? ? ? ? 1.334 ? ? 
covale8  covale both ? A MSE 55  C ? ? ? 1_555 A ARG 56  N ? ? A MSE 52  A ARG 53  1_555 ? ? ? ? ? ? ? 1.334 ? ? 
covale9  covale both ? A HIS 126 C ? ? ? 1_555 A MSE 127 N ? ? A HIS 123 A MSE 124 1_555 ? ? ? ? ? ? ? 1.334 ? ? 
covale10 covale both ? A MSE 127 C ? ? ? 1_555 A ARG 128 N ? ? A MSE 124 A ARG 125 1_555 ? ? ? ? ? ? ? 1.335 ? ? 
covale11 covale both ? A ARG 133 C ? ? ? 1_555 A MSE 134 N ? ? A ARG 130 A MSE 131 1_555 ? ? ? ? ? ? ? 1.337 ? ? 
covale12 covale both ? A MSE 134 C ? ? ? 1_555 A PHE 135 N ? ? A MSE 131 A PHE 132 1_555 ? ? ? ? ? ? ? 1.336 ? ? 
covale13 covale both ? A LYS 152 C ? ? ? 1_555 A MSE 153 N ? ? A LYS 149 A MSE 150 1_555 ? ? ? ? ? ? ? 1.324 ? ? 
covale14 covale both ? A MSE 153 C ? ? ? 1_555 A LEU 154 N ? ? A MSE 150 A LEU 151 1_555 ? ? ? ? ? ? ? 1.329 ? ? 
# 
_struct_conn_type.id          covale 
_struct_conn_type.criteria    ? 
_struct_conn_type.reference   ? 
# 
loop_
_pdbx_modification_feature.ordinal 
_pdbx_modification_feature.label_comp_id 
_pdbx_modification_feature.label_asym_id 
_pdbx_modification_feature.label_seq_id 
_pdbx_modification_feature.label_alt_id 
_pdbx_modification_feature.modified_residue_label_comp_id 
_pdbx_modification_feature.modified_residue_label_asym_id 
_pdbx_modification_feature.modified_residue_label_seq_id 
_pdbx_modification_feature.modified_residue_label_alt_id 
_pdbx_modification_feature.auth_comp_id 
_pdbx_modification_feature.auth_asym_id 
_pdbx_modification_feature.auth_seq_id 
_pdbx_modification_feature.PDB_ins_code 
_pdbx_modification_feature.symmetry 
_pdbx_modification_feature.modified_residue_auth_comp_id 
_pdbx_modification_feature.modified_residue_auth_asym_id 
_pdbx_modification_feature.modified_residue_auth_seq_id 
_pdbx_modification_feature.modified_residue_PDB_ins_code 
_pdbx_modification_feature.modified_residue_symmetry 
_pdbx_modification_feature.comp_id_linking_atom 
_pdbx_modification_feature.modified_residue_id_linking_atom 
_pdbx_modification_feature.modified_residue_id 
_pdbx_modification_feature.ref_pcm_id 
_pdbx_modification_feature.ref_comp_id 
_pdbx_modification_feature.type 
_pdbx_modification_feature.category 
1 MSE A 30  ? . . . . MSE A 27  ? 1_555 . . . . . . . MET 1 MSE Selenomethionine 'Named protein modification' 
2 MSE A 34  ? . . . . MSE A 31  ? 1_555 . . . . . . . MET 1 MSE Selenomethionine 'Named protein modification' 
3 MSE A 45  ? . . . . MSE A 42  ? 1_555 . . . . . . . MET 1 MSE Selenomethionine 'Named protein modification' 
4 MSE A 55  ? . . . . MSE A 52  ? 1_555 . . . . . . . MET 1 MSE Selenomethionine 'Named protein modification' 
5 MSE A 127 ? . . . . MSE A 124 ? 1_555 . . . . . . . MET 1 MSE Selenomethionine 'Named protein modification' 
6 MSE A 134 ? . . . . MSE A 131 ? 1_555 . . . . . . . MET 1 MSE Selenomethionine 'Named protein modification' 
7 MSE A 153 ? . . . . MSE A 150 ? 1_555 . . . . . . . MET 1 MSE Selenomethionine 'Named protein modification' 
# 
_struct_sheet.id               A 
_struct_sheet.type             ? 
_struct_sheet.number_strands   3 
_struct_sheet.details          ? 
# 
loop_
_struct_sheet_order.sheet_id 
_struct_sheet_order.range_id_1 
_struct_sheet_order.range_id_2 
_struct_sheet_order.offset 
_struct_sheet_order.sense 
A 1 2 ? anti-parallel 
A 2 3 ? anti-parallel 
# 
loop_
_struct_sheet_range.sheet_id 
_struct_sheet_range.id 
_struct_sheet_range.beg_label_comp_id 
_struct_sheet_range.beg_label_asym_id 
_struct_sheet_range.beg_label_seq_id 
_struct_sheet_range.pdbx_beg_PDB_ins_code 
_struct_sheet_range.end_label_comp_id 
_struct_sheet_range.end_label_asym_id 
_struct_sheet_range.end_label_seq_id 
_struct_sheet_range.pdbx_end_PDB_ins_code 
_struct_sheet_range.beg_auth_comp_id 
_struct_sheet_range.beg_auth_asym_id 
_struct_sheet_range.beg_auth_seq_id 
_struct_sheet_range.end_auth_comp_id 
_struct_sheet_range.end_auth_asym_id 
_struct_sheet_range.end_auth_seq_id 
A 1 LEU A 67  ? PRO A 68  ? LEU A 64  PRO A 65  
A 2 SER A 108 ? LEU A 112 ? SER A 105 LEU A 109 
A 3 VAL A 96  ? VAL A 100 ? VAL A 93  VAL A 97  
# 
loop_
_pdbx_struct_sheet_hbond.sheet_id 
_pdbx_struct_sheet_hbond.range_id_1 
_pdbx_struct_sheet_hbond.range_id_2 
_pdbx_struct_sheet_hbond.range_1_label_atom_id 
_pdbx_struct_sheet_hbond.range_1_label_comp_id 
_pdbx_struct_sheet_hbond.range_1_label_asym_id 
_pdbx_struct_sheet_hbond.range_1_label_seq_id 
_pdbx_struct_sheet_hbond.range_1_PDB_ins_code 
_pdbx_struct_sheet_hbond.range_1_auth_atom_id 
_pdbx_struct_sheet_hbond.range_1_auth_comp_id 
_pdbx_struct_sheet_hbond.range_1_auth_asym_id 
_pdbx_struct_sheet_hbond.range_1_auth_seq_id 
_pdbx_struct_sheet_hbond.range_2_label_atom_id 
_pdbx_struct_sheet_hbond.range_2_label_comp_id 
_pdbx_struct_sheet_hbond.range_2_label_asym_id 
_pdbx_struct_sheet_hbond.range_2_label_seq_id 
_pdbx_struct_sheet_hbond.range_2_PDB_ins_code 
_pdbx_struct_sheet_hbond.range_2_auth_atom_id 
_pdbx_struct_sheet_hbond.range_2_auth_comp_id 
_pdbx_struct_sheet_hbond.range_2_auth_asym_id 
_pdbx_struct_sheet_hbond.range_2_auth_seq_id 
A 1 2 N LEU A 67  ? N LEU A 64  O VAL A 110 ? O VAL A 107 
A 2 3 O ARG A 109 ? O ARG A 106 N GLU A 99  ? N GLU A 96  
# 
_struct_site.id                   AC1 
_struct_site.pdbx_evidence_code   Software 
_struct_site.pdbx_auth_asym_id    A 
_struct_site.pdbx_auth_comp_id    PO4 
_struct_site.pdbx_auth_seq_id     201 
_struct_site.pdbx_auth_ins_code   ? 
_struct_site.pdbx_num_residues    6 
_struct_site.details              'BINDING SITE FOR RESIDUE PO4 A 201' 
# 
loop_
_struct_site_gen.id 
_struct_site_gen.site_id 
_struct_site_gen.pdbx_num_res 
_struct_site_gen.label_comp_id 
_struct_site_gen.label_asym_id 
_struct_site_gen.label_seq_id 
_struct_site_gen.pdbx_auth_ins_code 
_struct_site_gen.auth_comp_id 
_struct_site_gen.auth_asym_id 
_struct_site_gen.auth_seq_id 
_struct_site_gen.label_atom_id 
_struct_site_gen.label_alt_id 
_struct_site_gen.symmetry 
_struct_site_gen.details 
1 AC1 6 ARG A 32  ? ARG A 29  . ? 1_555 ? 
2 AC1 6 ARG A 36  ? ARG A 33  . ? 1_555 ? 
3 AC1 6 ARG A 158 ? ARG A 155 . ? 7_556 ? 
4 AC1 6 HIS A 160 ? HIS A 157 . ? 7_556 ? 
5 AC1 6 HOH C .   ? HOH A 211 . ? 1_555 ? 
6 AC1 6 HOH C .   ? HOH A 285 . ? 1_555 ? 
# 
_pdbx_entry_details.entry_id                   3CJN 
_pdbx_entry_details.compound_details           ? 
_pdbx_entry_details.source_details             ? 
_pdbx_entry_details.nonpolymer_details         ? 
_pdbx_entry_details.sequence_details           ? 
_pdbx_entry_details.has_ligand_of_interest     ? 
_pdbx_entry_details.has_protein_modification   Y 
# 
_pdbx_SG_project.id                    1 
_pdbx_SG_project.project_name          'PSI, Protein Structure Initiative' 
_pdbx_SG_project.full_name_of_center   'Midwest Center for Structural Genomics' 
_pdbx_SG_project.initial_of_center     MCSG 
# 
loop_
_pdbx_struct_mod_residue.id 
_pdbx_struct_mod_residue.label_asym_id 
_pdbx_struct_mod_residue.label_comp_id 
_pdbx_struct_mod_residue.label_seq_id 
_pdbx_struct_mod_residue.auth_asym_id 
_pdbx_struct_mod_residue.auth_comp_id 
_pdbx_struct_mod_residue.auth_seq_id 
_pdbx_struct_mod_residue.PDB_ins_code 
_pdbx_struct_mod_residue.parent_comp_id 
_pdbx_struct_mod_residue.details 
1 A MSE 30  A MSE 27  ? MET SELENOMETHIONINE 
2 A MSE 34  A MSE 31  ? MET SELENOMETHIONINE 
3 A MSE 45  A MSE 42  ? MET SELENOMETHIONINE 
4 A MSE 55  A MSE 52  ? MET SELENOMETHIONINE 
5 A MSE 127 A MSE 124 ? MET SELENOMETHIONINE 
6 A MSE 134 A MSE 131 ? MET SELENOMETHIONINE 
7 A MSE 153 A MSE 150 ? MET SELENOMETHIONINE 
# 
loop_
_pdbx_struct_special_symmetry.id 
_pdbx_struct_special_symmetry.PDB_model_num 
_pdbx_struct_special_symmetry.auth_asym_id 
_pdbx_struct_special_symmetry.auth_comp_id 
_pdbx_struct_special_symmetry.auth_seq_id 
_pdbx_struct_special_symmetry.PDB_ins_code 
_pdbx_struct_special_symmetry.label_asym_id 
_pdbx_struct_special_symmetry.label_comp_id 
_pdbx_struct_special_symmetry.label_seq_id 
1 1 A HOH 286 ? C HOH . 
2 1 A HOH 342 ? C HOH . 
# 
loop_
_pdbx_refine_tls.id 
_pdbx_refine_tls.details 
_pdbx_refine_tls.method 
_pdbx_refine_tls.origin_x 
_pdbx_refine_tls.origin_y 
_pdbx_refine_tls.origin_z 
_pdbx_refine_tls.T[1][1] 
_pdbx_refine_tls.T[2][2] 
_pdbx_refine_tls.T[3][3] 
_pdbx_refine_tls.T[1][2] 
_pdbx_refine_tls.T[1][3] 
_pdbx_refine_tls.T[2][3] 
_pdbx_refine_tls.L[1][1] 
_pdbx_refine_tls.L[2][2] 
_pdbx_refine_tls.L[3][3] 
_pdbx_refine_tls.L[1][2] 
_pdbx_refine_tls.L[1][3] 
_pdbx_refine_tls.L[2][3] 
_pdbx_refine_tls.S[1][1] 
_pdbx_refine_tls.S[1][2] 
_pdbx_refine_tls.S[1][3] 
_pdbx_refine_tls.S[2][1] 
_pdbx_refine_tls.S[2][2] 
_pdbx_refine_tls.S[2][3] 
_pdbx_refine_tls.S[3][1] 
_pdbx_refine_tls.S[3][2] 
_pdbx_refine_tls.S[3][3] 
_pdbx_refine_tls.pdbx_refine_id 
1 ? refined 7.0435  8.4939  -9.4417  -0.0635 -0.0802 -0.0927 0.0154  -0.0491 0.0047  11.7625 2.2382 4.7817  -1.4856 -6.1044 0.3566  -0.0368 -0.2518 -0.1164 -0.0122 0.1447  0.1603  0.2334 -0.0046 -0.1079 'X-RAY DIFFRACTION' 
2 ? refined -3.1103 -2.2921 11.3336  -0.0216 -0.0920 -0.1160 0.0225  -0.0267 0.0034  4.3875  2.0159 5.1338  0.1763  -2.2345 1.2210  0.0272  -0.1299 -0.1782 0.1005  0.0843  -0.1400 0.0935 0.0656  -0.1115 'X-RAY DIFFRACTION' 
3 ? refined -9.0643 2.5793  -7.3222  0.0082  0.0195  0.0209  -0.0209 -0.0660 0.0369  3.5782  0.0809 16.6072 -0.2148 -5.8831 -0.3339 -0.1238 0.2082  0.2486  -0.0990 0.3545  0.1094  0.6502 -0.5598 -0.2306 'X-RAY DIFFRACTION' 
4 ? refined 6.4976  -8.5853 -10.0638 0.0223  -0.1655 -0.0631 0.0010  -0.0156 -0.0187 3.9260  2.4743 9.0639  -0.5648 4.4625  -2.4010 -0.0774 0.2365  0.0321  -0.5501 -0.0127 -0.1868 0.2885 0.2348  0.0901  'X-RAY DIFFRACTION' 
# 
loop_
_pdbx_refine_tls_group.id 
_pdbx_refine_tls_group.refine_tls_id 
_pdbx_refine_tls_group.beg_auth_asym_id 
_pdbx_refine_tls_group.beg_auth_seq_id 
_pdbx_refine_tls_group.beg_label_asym_id 
_pdbx_refine_tls_group.beg_label_seq_id 
_pdbx_refine_tls_group.end_auth_asym_id 
_pdbx_refine_tls_group.end_auth_seq_id 
_pdbx_refine_tls_group.end_label_asym_id 
_pdbx_refine_tls_group.end_label_seq_id 
_pdbx_refine_tls_group.selection 
_pdbx_refine_tls_group.pdbx_refine_id 
_pdbx_refine_tls_group.selection_details 
1 1 A 12  A 15  A 46  A 49  ? 'X-RAY DIFFRACTION' ? 
2 2 A 47  A 50  A 112 A 115 ? 'X-RAY DIFFRACTION' ? 
3 3 A 113 A 116 A 135 A 138 ? 'X-RAY DIFFRACTION' ? 
4 4 A 136 A 139 A 159 A 162 ? 'X-RAY DIFFRACTION' ? 
# 
loop_
_pdbx_unobs_or_zero_occ_residues.id 
_pdbx_unobs_or_zero_occ_residues.PDB_model_num 
_pdbx_unobs_or_zero_occ_residues.polymer_flag 
_pdbx_unobs_or_zero_occ_residues.occupancy_flag 
_pdbx_unobs_or_zero_occ_residues.auth_asym_id 
_pdbx_unobs_or_zero_occ_residues.auth_comp_id 
_pdbx_unobs_or_zero_occ_residues.auth_seq_id 
_pdbx_unobs_or_zero_occ_residues.PDB_ins_code 
_pdbx_unobs_or_zero_occ_residues.label_asym_id 
_pdbx_unobs_or_zero_occ_residues.label_comp_id 
_pdbx_unobs_or_zero_occ_residues.label_seq_id 
1  1 Y 1 A SER -2  ? A SER 1   
2  1 Y 1 A ASN -1  ? A ASN 2   
3  1 Y 1 A ALA 0   ? A ALA 3   
4  1 Y 1 A MSE 1   ? A MSE 4   
5  1 Y 1 A ALA 2   ? A ALA 5   
6  1 Y 1 A GLU 3   ? A GLU 6   
7  1 Y 1 A SER 4   ? A SER 7   
8  1 Y 1 A THR 5   ? A THR 8   
9  1 Y 1 A ASP 6   ? A ASP 9   
10 1 Y 1 A GLN 7   ? A GLN 10  
11 1 Y 1 A THR 8   ? A THR 11  
12 1 Y 1 A GLU 9   ? A GLU 12  
13 1 Y 1 A GLN 10  ? A GLN 13  
14 1 Y 1 A LEU 11  ? A LEU 14  
15 1 Y 1 A SER 99  ? A SER 102 
16 1 Y 1 A ASP 100 ? A ASP 103 
# 
loop_
_chem_comp_atom.comp_id 
_chem_comp_atom.atom_id 
_chem_comp_atom.type_symbol 
_chem_comp_atom.pdbx_aromatic_flag 
_chem_comp_atom.pdbx_stereo_config 
_chem_comp_atom.pdbx_ordinal 
ALA N    N  N N 1   
ALA CA   C  N S 2   
ALA C    C  N N 3   
ALA O    O  N N 4   
ALA CB   C  N N 5   
ALA OXT  O  N N 6   
ALA H    H  N N 7   
ALA H2   H  N N 8   
ALA HA   H  N N 9   
ALA HB1  H  N N 10  
ALA HB2  H  N N 11  
ALA HB3  H  N N 12  
ALA HXT  H  N N 13  
ARG N    N  N N 14  
ARG CA   C  N S 15  
ARG C    C  N N 16  
ARG O    O  N N 17  
ARG CB   C  N N 18  
ARG CG   C  N N 19  
ARG CD   C  N N 20  
ARG NE   N  N N 21  
ARG CZ   C  N N 22  
ARG NH1  N  N N 23  
ARG NH2  N  N N 24  
ARG OXT  O  N N 25  
ARG H    H  N N 26  
ARG H2   H  N N 27  
ARG HA   H  N N 28  
ARG HB2  H  N N 29  
ARG HB3  H  N N 30  
ARG HG2  H  N N 31  
ARG HG3  H  N N 32  
ARG HD2  H  N N 33  
ARG HD3  H  N N 34  
ARG HE   H  N N 35  
ARG HH11 H  N N 36  
ARG HH12 H  N N 37  
ARG HH21 H  N N 38  
ARG HH22 H  N N 39  
ARG HXT  H  N N 40  
ASN N    N  N N 41  
ASN CA   C  N S 42  
ASN C    C  N N 43  
ASN O    O  N N 44  
ASN CB   C  N N 45  
ASN CG   C  N N 46  
ASN OD1  O  N N 47  
ASN ND2  N  N N 48  
ASN OXT  O  N N 49  
ASN H    H  N N 50  
ASN H2   H  N N 51  
ASN HA   H  N N 52  
ASN HB2  H  N N 53  
ASN HB3  H  N N 54  
ASN HD21 H  N N 55  
ASN HD22 H  N N 56  
ASN HXT  H  N N 57  
ASP N    N  N N 58  
ASP CA   C  N S 59  
ASP C    C  N N 60  
ASP O    O  N N 61  
ASP CB   C  N N 62  
ASP CG   C  N N 63  
ASP OD1  O  N N 64  
ASP OD2  O  N N 65  
ASP OXT  O  N N 66  
ASP H    H  N N 67  
ASP H2   H  N N 68  
ASP HA   H  N N 69  
ASP HB2  H  N N 70  
ASP HB3  H  N N 71  
ASP HD2  H  N N 72  
ASP HXT  H  N N 73  
GLN N    N  N N 74  
GLN CA   C  N S 75  
GLN C    C  N N 76  
GLN O    O  N N 77  
GLN CB   C  N N 78  
GLN CG   C  N N 79  
GLN CD   C  N N 80  
GLN OE1  O  N N 81  
GLN NE2  N  N N 82  
GLN OXT  O  N N 83  
GLN H    H  N N 84  
GLN H2   H  N N 85  
GLN HA   H  N N 86  
GLN HB2  H  N N 87  
GLN HB3  H  N N 88  
GLN HG2  H  N N 89  
GLN HG3  H  N N 90  
GLN HE21 H  N N 91  
GLN HE22 H  N N 92  
GLN HXT  H  N N 93  
GLU N    N  N N 94  
GLU CA   C  N S 95  
GLU C    C  N N 96  
GLU O    O  N N 97  
GLU CB   C  N N 98  
GLU CG   C  N N 99  
GLU CD   C  N N 100 
GLU OE1  O  N N 101 
GLU OE2  O  N N 102 
GLU OXT  O  N N 103 
GLU H    H  N N 104 
GLU H2   H  N N 105 
GLU HA   H  N N 106 
GLU HB2  H  N N 107 
GLU HB3  H  N N 108 
GLU HG2  H  N N 109 
GLU HG3  H  N N 110 
GLU HE2  H  N N 111 
GLU HXT  H  N N 112 
GLY N    N  N N 113 
GLY CA   C  N N 114 
GLY C    C  N N 115 
GLY O    O  N N 116 
GLY OXT  O  N N 117 
GLY H    H  N N 118 
GLY H2   H  N N 119 
GLY HA2  H  N N 120 
GLY HA3  H  N N 121 
GLY HXT  H  N N 122 
HIS N    N  N N 123 
HIS CA   C  N S 124 
HIS C    C  N N 125 
HIS O    O  N N 126 
HIS CB   C  N N 127 
HIS CG   C  Y N 128 
HIS ND1  N  Y N 129 
HIS CD2  C  Y N 130 
HIS CE1  C  Y N 131 
HIS NE2  N  Y N 132 
HIS OXT  O  N N 133 
HIS H    H  N N 134 
HIS H2   H  N N 135 
HIS HA   H  N N 136 
HIS HB2  H  N N 137 
HIS HB3  H  N N 138 
HIS HD1  H  N N 139 
HIS HD2  H  N N 140 
HIS HE1  H  N N 141 
HIS HE2  H  N N 142 
HIS HXT  H  N N 143 
HOH O    O  N N 144 
HOH H1   H  N N 145 
HOH H2   H  N N 146 
ILE N    N  N N 147 
ILE CA   C  N S 148 
ILE C    C  N N 149 
ILE O    O  N N 150 
ILE CB   C  N S 151 
ILE CG1  C  N N 152 
ILE CG2  C  N N 153 
ILE CD1  C  N N 154 
ILE OXT  O  N N 155 
ILE H    H  N N 156 
ILE H2   H  N N 157 
ILE HA   H  N N 158 
ILE HB   H  N N 159 
ILE HG12 H  N N 160 
ILE HG13 H  N N 161 
ILE HG21 H  N N 162 
ILE HG22 H  N N 163 
ILE HG23 H  N N 164 
ILE HD11 H  N N 165 
ILE HD12 H  N N 166 
ILE HD13 H  N N 167 
ILE HXT  H  N N 168 
LEU N    N  N N 169 
LEU CA   C  N S 170 
LEU C    C  N N 171 
LEU O    O  N N 172 
LEU CB   C  N N 173 
LEU CG   C  N N 174 
LEU CD1  C  N N 175 
LEU CD2  C  N N 176 
LEU OXT  O  N N 177 
LEU H    H  N N 178 
LEU H2   H  N N 179 
LEU HA   H  N N 180 
LEU HB2  H  N N 181 
LEU HB3  H  N N 182 
LEU HG   H  N N 183 
LEU HD11 H  N N 184 
LEU HD12 H  N N 185 
LEU HD13 H  N N 186 
LEU HD21 H  N N 187 
LEU HD22 H  N N 188 
LEU HD23 H  N N 189 
LEU HXT  H  N N 190 
LYS N    N  N N 191 
LYS CA   C  N S 192 
LYS C    C  N N 193 
LYS O    O  N N 194 
LYS CB   C  N N 195 
LYS CG   C  N N 196 
LYS CD   C  N N 197 
LYS CE   C  N N 198 
LYS NZ   N  N N 199 
LYS OXT  O  N N 200 
LYS H    H  N N 201 
LYS H2   H  N N 202 
LYS HA   H  N N 203 
LYS HB2  H  N N 204 
LYS HB3  H  N N 205 
LYS HG2  H  N N 206 
LYS HG3  H  N N 207 
LYS HD2  H  N N 208 
LYS HD3  H  N N 209 
LYS HE2  H  N N 210 
LYS HE3  H  N N 211 
LYS HZ1  H  N N 212 
LYS HZ2  H  N N 213 
LYS HZ3  H  N N 214 
LYS HXT  H  N N 215 
MSE N    N  N N 216 
MSE CA   C  N S 217 
MSE C    C  N N 218 
MSE O    O  N N 219 
MSE OXT  O  N N 220 
MSE CB   C  N N 221 
MSE CG   C  N N 222 
MSE SE   SE N N 223 
MSE CE   C  N N 224 
MSE H    H  N N 225 
MSE H2   H  N N 226 
MSE HA   H  N N 227 
MSE HXT  H  N N 228 
MSE HB2  H  N N 229 
MSE HB3  H  N N 230 
MSE HG2  H  N N 231 
MSE HG3  H  N N 232 
MSE HE1  H  N N 233 
MSE HE2  H  N N 234 
MSE HE3  H  N N 235 
PHE N    N  N N 236 
PHE CA   C  N S 237 
PHE C    C  N N 238 
PHE O    O  N N 239 
PHE CB   C  N N 240 
PHE CG   C  Y N 241 
PHE CD1  C  Y N 242 
PHE CD2  C  Y N 243 
PHE CE1  C  Y N 244 
PHE CE2  C  Y N 245 
PHE CZ   C  Y N 246 
PHE OXT  O  N N 247 
PHE H    H  N N 248 
PHE H2   H  N N 249 
PHE HA   H  N N 250 
PHE HB2  H  N N 251 
PHE HB3  H  N N 252 
PHE HD1  H  N N 253 
PHE HD2  H  N N 254 
PHE HE1  H  N N 255 
PHE HE2  H  N N 256 
PHE HZ   H  N N 257 
PHE HXT  H  N N 258 
PO4 P    P  N N 259 
PO4 O1   O  N N 260 
PO4 O2   O  N N 261 
PO4 O3   O  N N 262 
PO4 O4   O  N N 263 
PRO N    N  N N 264 
PRO CA   C  N S 265 
PRO C    C  N N 266 
PRO O    O  N N 267 
PRO CB   C  N N 268 
PRO CG   C  N N 269 
PRO CD   C  N N 270 
PRO OXT  O  N N 271 
PRO H    H  N N 272 
PRO HA   H  N N 273 
PRO HB2  H  N N 274 
PRO HB3  H  N N 275 
PRO HG2  H  N N 276 
PRO HG3  H  N N 277 
PRO HD2  H  N N 278 
PRO HD3  H  N N 279 
PRO HXT  H  N N 280 
SER N    N  N N 281 
SER CA   C  N S 282 
SER C    C  N N 283 
SER O    O  N N 284 
SER CB   C  N N 285 
SER OG   O  N N 286 
SER OXT  O  N N 287 
SER H    H  N N 288 
SER H2   H  N N 289 
SER HA   H  N N 290 
SER HB2  H  N N 291 
SER HB3  H  N N 292 
SER HG   H  N N 293 
SER HXT  H  N N 294 
THR N    N  N N 295 
THR CA   C  N S 296 
THR C    C  N N 297 
THR O    O  N N 298 
THR CB   C  N R 299 
THR OG1  O  N N 300 
THR CG2  C  N N 301 
THR OXT  O  N N 302 
THR H    H  N N 303 
THR H2   H  N N 304 
THR HA   H  N N 305 
THR HB   H  N N 306 
THR HG1  H  N N 307 
THR HG21 H  N N 308 
THR HG22 H  N N 309 
THR HG23 H  N N 310 
THR HXT  H  N N 311 
TRP N    N  N N 312 
TRP CA   C  N S 313 
TRP C    C  N N 314 
TRP O    O  N N 315 
TRP CB   C  N N 316 
TRP CG   C  Y N 317 
TRP CD1  C  Y N 318 
TRP CD2  C  Y N 319 
TRP NE1  N  Y N 320 
TRP CE2  C  Y N 321 
TRP CE3  C  Y N 322 
TRP CZ2  C  Y N 323 
TRP CZ3  C  Y N 324 
TRP CH2  C  Y N 325 
TRP OXT  O  N N 326 
TRP H    H  N N 327 
TRP H2   H  N N 328 
TRP HA   H  N N 329 
TRP HB2  H  N N 330 
TRP HB3  H  N N 331 
TRP HD1  H  N N 332 
TRP HE1  H  N N 333 
TRP HE3  H  N N 334 
TRP HZ2  H  N N 335 
TRP HZ3  H  N N 336 
TRP HH2  H  N N 337 
TRP HXT  H  N N 338 
TYR N    N  N N 339 
TYR CA   C  N S 340 
TYR C    C  N N 341 
TYR O    O  N N 342 
TYR CB   C  N N 343 
TYR CG   C  Y N 344 
TYR CD1  C  Y N 345 
TYR CD2  C  Y N 346 
TYR CE1  C  Y N 347 
TYR CE2  C  Y N 348 
TYR CZ   C  Y N 349 
TYR OH   O  N N 350 
TYR OXT  O  N N 351 
TYR H    H  N N 352 
TYR H2   H  N N 353 
TYR HA   H  N N 354 
TYR HB2  H  N N 355 
TYR HB3  H  N N 356 
TYR HD1  H  N N 357 
TYR HD2  H  N N 358 
TYR HE1  H  N N 359 
TYR HE2  H  N N 360 
TYR HH   H  N N 361 
TYR HXT  H  N N 362 
VAL N    N  N N 363 
VAL CA   C  N S 364 
VAL C    C  N N 365 
VAL O    O  N N 366 
VAL CB   C  N N 367 
VAL CG1  C  N N 368 
VAL CG2  C  N N 369 
VAL OXT  O  N N 370 
VAL H    H  N N 371 
VAL H2   H  N N 372 
VAL HA   H  N N 373 
VAL HB   H  N N 374 
VAL HG11 H  N N 375 
VAL HG12 H  N N 376 
VAL HG13 H  N N 377 
VAL HG21 H  N N 378 
VAL HG22 H  N N 379 
VAL HG23 H  N N 380 
VAL HXT  H  N N 381 
# 
loop_
_chem_comp_bond.comp_id 
_chem_comp_bond.atom_id_1 
_chem_comp_bond.atom_id_2 
_chem_comp_bond.value_order 
_chem_comp_bond.pdbx_aromatic_flag 
_chem_comp_bond.pdbx_stereo_config 
_chem_comp_bond.pdbx_ordinal 
ALA N   CA   sing N N 1   
ALA N   H    sing N N 2   
ALA N   H2   sing N N 3   
ALA CA  C    sing N N 4   
ALA CA  CB   sing N N 5   
ALA CA  HA   sing N N 6   
ALA C   O    doub N N 7   
ALA C   OXT  sing N N 8   
ALA CB  HB1  sing N N 9   
ALA CB  HB2  sing N N 10  
ALA CB  HB3  sing N N 11  
ALA OXT HXT  sing N N 12  
ARG N   CA   sing N N 13  
ARG N   H    sing N N 14  
ARG N   H2   sing N N 15  
ARG CA  C    sing N N 16  
ARG CA  CB   sing N N 17  
ARG CA  HA   sing N N 18  
ARG C   O    doub N N 19  
ARG C   OXT  sing N N 20  
ARG CB  CG   sing N N 21  
ARG CB  HB2  sing N N 22  
ARG CB  HB3  sing N N 23  
ARG CG  CD   sing N N 24  
ARG CG  HG2  sing N N 25  
ARG CG  HG3  sing N N 26  
ARG CD  NE   sing N N 27  
ARG CD  HD2  sing N N 28  
ARG CD  HD3  sing N N 29  
ARG NE  CZ   sing N N 30  
ARG NE  HE   sing N N 31  
ARG CZ  NH1  sing N N 32  
ARG CZ  NH2  doub N N 33  
ARG NH1 HH11 sing N N 34  
ARG NH1 HH12 sing N N 35  
ARG NH2 HH21 sing N N 36  
ARG NH2 HH22 sing N N 37  
ARG OXT HXT  sing N N 38  
ASN N   CA   sing N N 39  
ASN N   H    sing N N 40  
ASN N   H2   sing N N 41  
ASN CA  C    sing N N 42  
ASN CA  CB   sing N N 43  
ASN CA  HA   sing N N 44  
ASN C   O    doub N N 45  
ASN C   OXT  sing N N 46  
ASN CB  CG   sing N N 47  
ASN CB  HB2  sing N N 48  
ASN CB  HB3  sing N N 49  
ASN CG  OD1  doub N N 50  
ASN CG  ND2  sing N N 51  
ASN ND2 HD21 sing N N 52  
ASN ND2 HD22 sing N N 53  
ASN OXT HXT  sing N N 54  
ASP N   CA   sing N N 55  
ASP N   H    sing N N 56  
ASP N   H2   sing N N 57  
ASP CA  C    sing N N 58  
ASP CA  CB   sing N N 59  
ASP CA  HA   sing N N 60  
ASP C   O    doub N N 61  
ASP C   OXT  sing N N 62  
ASP CB  CG   sing N N 63  
ASP CB  HB2  sing N N 64  
ASP CB  HB3  sing N N 65  
ASP CG  OD1  doub N N 66  
ASP CG  OD2  sing N N 67  
ASP OD2 HD2  sing N N 68  
ASP OXT HXT  sing N N 69  
GLN N   CA   sing N N 70  
GLN N   H    sing N N 71  
GLN N   H2   sing N N 72  
GLN CA  C    sing N N 73  
GLN CA  CB   sing N N 74  
GLN CA  HA   sing N N 75  
GLN C   O    doub N N 76  
GLN C   OXT  sing N N 77  
GLN CB  CG   sing N N 78  
GLN CB  HB2  sing N N 79  
GLN CB  HB3  sing N N 80  
GLN CG  CD   sing N N 81  
GLN CG  HG2  sing N N 82  
GLN CG  HG3  sing N N 83  
GLN CD  OE1  doub N N 84  
GLN CD  NE2  sing N N 85  
GLN NE2 HE21 sing N N 86  
GLN NE2 HE22 sing N N 87  
GLN OXT HXT  sing N N 88  
GLU N   CA   sing N N 89  
GLU N   H    sing N N 90  
GLU N   H2   sing N N 91  
GLU CA  C    sing N N 92  
GLU CA  CB   sing N N 93  
GLU CA  HA   sing N N 94  
GLU C   O    doub N N 95  
GLU C   OXT  sing N N 96  
GLU CB  CG   sing N N 97  
GLU CB  HB2  sing N N 98  
GLU CB  HB3  sing N N 99  
GLU CG  CD   sing N N 100 
GLU CG  HG2  sing N N 101 
GLU CG  HG3  sing N N 102 
GLU CD  OE1  doub N N 103 
GLU CD  OE2  sing N N 104 
GLU OE2 HE2  sing N N 105 
GLU OXT HXT  sing N N 106 
GLY N   CA   sing N N 107 
GLY N   H    sing N N 108 
GLY N   H2   sing N N 109 
GLY CA  C    sing N N 110 
GLY CA  HA2  sing N N 111 
GLY CA  HA3  sing N N 112 
GLY C   O    doub N N 113 
GLY C   OXT  sing N N 114 
GLY OXT HXT  sing N N 115 
HIS N   CA   sing N N 116 
HIS N   H    sing N N 117 
HIS N   H2   sing N N 118 
HIS CA  C    sing N N 119 
HIS CA  CB   sing N N 120 
HIS CA  HA   sing N N 121 
HIS C   O    doub N N 122 
HIS C   OXT  sing N N 123 
HIS CB  CG   sing N N 124 
HIS CB  HB2  sing N N 125 
HIS CB  HB3  sing N N 126 
HIS CG  ND1  sing Y N 127 
HIS CG  CD2  doub Y N 128 
HIS ND1 CE1  doub Y N 129 
HIS ND1 HD1  sing N N 130 
HIS CD2 NE2  sing Y N 131 
HIS CD2 HD2  sing N N 132 
HIS CE1 NE2  sing Y N 133 
HIS CE1 HE1  sing N N 134 
HIS NE2 HE2  sing N N 135 
HIS OXT HXT  sing N N 136 
HOH O   H1   sing N N 137 
HOH O   H2   sing N N 138 
ILE N   CA   sing N N 139 
ILE N   H    sing N N 140 
ILE N   H2   sing N N 141 
ILE CA  C    sing N N 142 
ILE CA  CB   sing N N 143 
ILE CA  HA   sing N N 144 
ILE C   O    doub N N 145 
ILE C   OXT  sing N N 146 
ILE CB  CG1  sing N N 147 
ILE CB  CG2  sing N N 148 
ILE CB  HB   sing N N 149 
ILE CG1 CD1  sing N N 150 
ILE CG1 HG12 sing N N 151 
ILE CG1 HG13 sing N N 152 
ILE CG2 HG21 sing N N 153 
ILE CG2 HG22 sing N N 154 
ILE CG2 HG23 sing N N 155 
ILE CD1 HD11 sing N N 156 
ILE CD1 HD12 sing N N 157 
ILE CD1 HD13 sing N N 158 
ILE OXT HXT  sing N N 159 
LEU N   CA   sing N N 160 
LEU N   H    sing N N 161 
LEU N   H2   sing N N 162 
LEU CA  C    sing N N 163 
LEU CA  CB   sing N N 164 
LEU CA  HA   sing N N 165 
LEU C   O    doub N N 166 
LEU C   OXT  sing N N 167 
LEU CB  CG   sing N N 168 
LEU CB  HB2  sing N N 169 
LEU CB  HB3  sing N N 170 
LEU CG  CD1  sing N N 171 
LEU CG  CD2  sing N N 172 
LEU CG  HG   sing N N 173 
LEU CD1 HD11 sing N N 174 
LEU CD1 HD12 sing N N 175 
LEU CD1 HD13 sing N N 176 
LEU CD2 HD21 sing N N 177 
LEU CD2 HD22 sing N N 178 
LEU CD2 HD23 sing N N 179 
LEU OXT HXT  sing N N 180 
LYS N   CA   sing N N 181 
LYS N   H    sing N N 182 
LYS N   H2   sing N N 183 
LYS CA  C    sing N N 184 
LYS CA  CB   sing N N 185 
LYS CA  HA   sing N N 186 
LYS C   O    doub N N 187 
LYS C   OXT  sing N N 188 
LYS CB  CG   sing N N 189 
LYS CB  HB2  sing N N 190 
LYS CB  HB3  sing N N 191 
LYS CG  CD   sing N N 192 
LYS CG  HG2  sing N N 193 
LYS CG  HG3  sing N N 194 
LYS CD  CE   sing N N 195 
LYS CD  HD2  sing N N 196 
LYS CD  HD3  sing N N 197 
LYS CE  NZ   sing N N 198 
LYS CE  HE2  sing N N 199 
LYS CE  HE3  sing N N 200 
LYS NZ  HZ1  sing N N 201 
LYS NZ  HZ2  sing N N 202 
LYS NZ  HZ3  sing N N 203 
LYS OXT HXT  sing N N 204 
MSE N   CA   sing N N 205 
MSE N   H    sing N N 206 
MSE N   H2   sing N N 207 
MSE CA  C    sing N N 208 
MSE CA  CB   sing N N 209 
MSE CA  HA   sing N N 210 
MSE C   O    doub N N 211 
MSE C   OXT  sing N N 212 
MSE OXT HXT  sing N N 213 
MSE CB  CG   sing N N 214 
MSE CB  HB2  sing N N 215 
MSE CB  HB3  sing N N 216 
MSE CG  SE   sing N N 217 
MSE CG  HG2  sing N N 218 
MSE CG  HG3  sing N N 219 
MSE SE  CE   sing N N 220 
MSE CE  HE1  sing N N 221 
MSE CE  HE2  sing N N 222 
MSE CE  HE3  sing N N 223 
PHE N   CA   sing N N 224 
PHE N   H    sing N N 225 
PHE N   H2   sing N N 226 
PHE CA  C    sing N N 227 
PHE CA  CB   sing N N 228 
PHE CA  HA   sing N N 229 
PHE C   O    doub N N 230 
PHE C   OXT  sing N N 231 
PHE CB  CG   sing N N 232 
PHE CB  HB2  sing N N 233 
PHE CB  HB3  sing N N 234 
PHE CG  CD1  doub Y N 235 
PHE CG  CD2  sing Y N 236 
PHE CD1 CE1  sing Y N 237 
PHE CD1 HD1  sing N N 238 
PHE CD2 CE2  doub Y N 239 
PHE CD2 HD2  sing N N 240 
PHE CE1 CZ   doub Y N 241 
PHE CE1 HE1  sing N N 242 
PHE CE2 CZ   sing Y N 243 
PHE CE2 HE2  sing N N 244 
PHE CZ  HZ   sing N N 245 
PHE OXT HXT  sing N N 246 
PO4 P   O1   doub N N 247 
PO4 P   O2   sing N N 248 
PO4 P   O3   sing N N 249 
PO4 P   O4   sing N N 250 
PRO N   CA   sing N N 251 
PRO N   CD   sing N N 252 
PRO N   H    sing N N 253 
PRO CA  C    sing N N 254 
PRO CA  CB   sing N N 255 
PRO CA  HA   sing N N 256 
PRO C   O    doub N N 257 
PRO C   OXT  sing N N 258 
PRO CB  CG   sing N N 259 
PRO CB  HB2  sing N N 260 
PRO CB  HB3  sing N N 261 
PRO CG  CD   sing N N 262 
PRO CG  HG2  sing N N 263 
PRO CG  HG3  sing N N 264 
PRO CD  HD2  sing N N 265 
PRO CD  HD3  sing N N 266 
PRO OXT HXT  sing N N 267 
SER N   CA   sing N N 268 
SER N   H    sing N N 269 
SER N   H2   sing N N 270 
SER CA  C    sing N N 271 
SER CA  CB   sing N N 272 
SER CA  HA   sing N N 273 
SER C   O    doub N N 274 
SER C   OXT  sing N N 275 
SER CB  OG   sing N N 276 
SER CB  HB2  sing N N 277 
SER CB  HB3  sing N N 278 
SER OG  HG   sing N N 279 
SER OXT HXT  sing N N 280 
THR N   CA   sing N N 281 
THR N   H    sing N N 282 
THR N   H2   sing N N 283 
THR CA  C    sing N N 284 
THR CA  CB   sing N N 285 
THR CA  HA   sing N N 286 
THR C   O    doub N N 287 
THR C   OXT  sing N N 288 
THR CB  OG1  sing N N 289 
THR CB  CG2  sing N N 290 
THR CB  HB   sing N N 291 
THR OG1 HG1  sing N N 292 
THR CG2 HG21 sing N N 293 
THR CG2 HG22 sing N N 294 
THR CG2 HG23 sing N N 295 
THR OXT HXT  sing N N 296 
TRP N   CA   sing N N 297 
TRP N   H    sing N N 298 
TRP N   H2   sing N N 299 
TRP CA  C    sing N N 300 
TRP CA  CB   sing N N 301 
TRP CA  HA   sing N N 302 
TRP C   O    doub N N 303 
TRP C   OXT  sing N N 304 
TRP CB  CG   sing N N 305 
TRP CB  HB2  sing N N 306 
TRP CB  HB3  sing N N 307 
TRP CG  CD1  doub Y N 308 
TRP CG  CD2  sing Y N 309 
TRP CD1 NE1  sing Y N 310 
TRP CD1 HD1  sing N N 311 
TRP CD2 CE2  doub Y N 312 
TRP CD2 CE3  sing Y N 313 
TRP NE1 CE2  sing Y N 314 
TRP NE1 HE1  sing N N 315 
TRP CE2 CZ2  sing Y N 316 
TRP CE3 CZ3  doub Y N 317 
TRP CE3 HE3  sing N N 318 
TRP CZ2 CH2  doub Y N 319 
TRP CZ2 HZ2  sing N N 320 
TRP CZ3 CH2  sing Y N 321 
TRP CZ3 HZ3  sing N N 322 
TRP CH2 HH2  sing N N 323 
TRP OXT HXT  sing N N 324 
TYR N   CA   sing N N 325 
TYR N   H    sing N N 326 
TYR N   H2   sing N N 327 
TYR CA  C    sing N N 328 
TYR CA  CB   sing N N 329 
TYR CA  HA   sing N N 330 
TYR C   O    doub N N 331 
TYR C   OXT  sing N N 332 
TYR CB  CG   sing N N 333 
TYR CB  HB2  sing N N 334 
TYR CB  HB3  sing N N 335 
TYR CG  CD1  doub Y N 336 
TYR CG  CD2  sing Y N 337 
TYR CD1 CE1  sing Y N 338 
TYR CD1 HD1  sing N N 339 
TYR CD2 CE2  doub Y N 340 
TYR CD2 HD2  sing N N 341 
TYR CE1 CZ   doub Y N 342 
TYR CE1 HE1  sing N N 343 
TYR CE2 CZ   sing Y N 344 
TYR CE2 HE2  sing N N 345 
TYR CZ  OH   sing N N 346 
TYR OH  HH   sing N N 347 
TYR OXT HXT  sing N N 348 
VAL N   CA   sing N N 349 
VAL N   H    sing N N 350 
VAL N   H2   sing N N 351 
VAL CA  C    sing N N 352 
VAL CA  CB   sing N N 353 
VAL CA  HA   sing N N 354 
VAL C   O    doub N N 355 
VAL C   OXT  sing N N 356 
VAL CB  CG1  sing N N 357 
VAL CB  CG2  sing N N 358 
VAL CB  HB   sing N N 359 
VAL CG1 HG11 sing N N 360 
VAL CG1 HG12 sing N N 361 
VAL CG1 HG13 sing N N 362 
VAL CG2 HG21 sing N N 363 
VAL CG2 HG22 sing N N 364 
VAL CG2 HG23 sing N N 365 
VAL OXT HXT  sing N N 366 
# 
_atom_sites.entry_id                    3CJN 
_atom_sites.fract_transf_matrix[1][1]   0.00089068 
_atom_sites.fract_transf_matrix[1][2]   0.00126098 
_atom_sites.fract_transf_matrix[1][3]   -0.01126167 
_atom_sites.fract_transf_matrix[2][1]   -0.00148747 
_atom_sites.fract_transf_matrix[2][2]   -0.01118566 
_atom_sites.fract_transf_matrix[2][3]   -0.00137011 
_atom_sites.fract_transf_matrix[3][1]   -0.02287914 
_atom_sites.fract_transf_matrix[3][2]   0.00321995 
_atom_sites.fract_transf_matrix[3][3]   -0.00144896 
_atom_sites.fract_transf_vector[1]      0.203990 
_atom_sites.fract_transf_vector[2]      0.330049 
_atom_sites.fract_transf_vector[3]      0.648696 
# 
loop_
_atom_type.symbol 
C  
N  
O  
P  
SE 
# 
loop_
_atom_site.group_PDB 
_atom_site.id 
_atom_site.type_symbol 
_atom_site.label_atom_id 
_atom_site.label_alt_id 
_atom_site.label_comp_id 
_atom_site.label_asym_id 
_atom_site.label_entity_id 
_atom_site.label_seq_id 
_atom_site.pdbx_PDB_ins_code 
_atom_site.Cartn_x 
_atom_site.Cartn_y 
_atom_site.Cartn_z 
_atom_site.occupancy 
_atom_site.B_iso_or_equiv 
_atom_site.pdbx_formal_charge 
_atom_site.auth_seq_id 
_atom_site.auth_comp_id 
_atom_site.auth_asym_id 
_atom_site.auth_atom_id 
_atom_site.pdbx_PDB_model_num 
ATOM   1    N  N   . ARG A 1 15  ? 26.689  2.367   -18.914 1.00 41.78 ? 12  ARG A N   1 
ATOM   2    C  CA  . ARG A 1 15  ? 26.947  1.968   -17.507 1.00 40.92 ? 12  ARG A CA  1 
ATOM   3    C  C   . ARG A 1 15  ? 26.422  2.999   -16.512 1.00 40.59 ? 12  ARG A C   1 
ATOM   4    O  O   . ARG A 1 15  ? 25.809  2.625   -15.519 1.00 40.98 ? 12  ARG A O   1 
ATOM   5    C  CB  . ARG A 1 15  ? 28.438  1.695   -17.265 1.00 41.42 ? 12  ARG A CB  1 
ATOM   6    N  N   . GLU A 1 16  ? 26.654  4.281   -16.777 1.00 39.24 ? 13  GLU A N   1 
ATOM   7    C  CA  . GLU A 1 16  ? 26.250  5.333   -15.857 1.00 38.67 ? 13  GLU A CA  1 
ATOM   8    C  C   . GLU A 1 16  ? 24.916  5.941   -16.241 1.00 37.37 ? 13  GLU A C   1 
ATOM   9    O  O   . GLU A 1 16  ? 24.446  5.791   -17.373 1.00 37.00 ? 13  GLU A O   1 
ATOM   10   C  CB  . GLU A 1 16  ? 27.318  6.422   -15.768 1.00 39.48 ? 13  GLU A CB  1 
ATOM   11   C  CG  . GLU A 1 16  ? 28.687  5.878   -15.330 1.00 42.15 ? 13  GLU A CG  1 
ATOM   12   C  CD  . GLU A 1 16  ? 29.566  6.927   -14.689 1.00 45.56 ? 13  GLU A CD  1 
ATOM   13   O  OE1 . GLU A 1 16  ? 29.321  8.135   -14.898 1.00 47.70 ? 13  GLU A OE1 1 
ATOM   14   O  OE2 . GLU A 1 16  ? 30.507  6.543   -13.969 1.00 46.39 ? 13  GLU A OE2 1 
ATOM   15   N  N   . LEU A 1 17  ? 24.315  6.645   -15.289 1.00 36.28 ? 14  LEU A N   1 
ATOM   16   C  CA  . LEU A 1 17  ? 22.960  7.121   -15.454 1.00 34.67 ? 14  LEU A CA  1 
ATOM   17   C  C   . LEU A 1 17  ? 22.789  8.034   -16.682 1.00 34.70 ? 14  LEU A C   1 
ATOM   18   O  O   . LEU A 1 17  ? 21.829  7.877   -17.432 1.00 33.83 ? 14  LEU A O   1 
ATOM   19   C  CB  . LEU A 1 17  ? 22.458  7.782   -14.174 1.00 34.95 ? 14  LEU A CB  1 
ATOM   20   C  CG  . LEU A 1 17  ? 21.008  8.291   -14.233 1.00 34.04 ? 14  LEU A CG  1 
ATOM   21   C  CD1 . LEU A 1 17  ? 20.027  7.171   -14.570 1.00 33.22 ? 14  LEU A CD1 1 
ATOM   22   C  CD2 . LEU A 1 17  ? 20.608  8.985   -12.940 1.00 33.26 ? 14  LEU A CD2 1 
ATOM   23   N  N   . ALA A 1 18  ? 23.729  8.959   -16.902 1.00 34.40 ? 15  ALA A N   1 
ATOM   24   C  CA  . ALA A 1 18  ? 23.649  9.872   -18.045 1.00 34.60 ? 15  ALA A CA  1 
ATOM   25   C  C   . ALA A 1 18  ? 23.492  9.111   -19.376 1.00 35.03 ? 15  ALA A C   1 
ATOM   26   O  O   . ALA A 1 18  ? 22.740  9.525   -20.260 1.00 34.95 ? 15  ALA A O   1 
ATOM   27   C  CB  . ALA A 1 18  ? 24.871  10.760  -18.098 1.00 35.12 ? 15  ALA A CB  1 
ATOM   28   N  N   . GLU A 1 19  ? 24.219  8.008   -19.480 1.00 35.16 ? 16  GLU A N   1 
ATOM   29   C  CA  . GLU A 1 19  ? 24.274  7.156   -20.663 1.00 36.25 ? 16  GLU A CA  1 
ATOM   30   C  C   . GLU A 1 19  ? 22.990  6.339   -20.799 1.00 35.78 ? 16  GLU A C   1 
ATOM   31   O  O   . GLU A 1 19  ? 22.436  6.223   -21.875 1.00 35.23 ? 16  GLU A O   1 
ATOM   32   C  CB  . GLU A 1 19  ? 25.465  6.222   -20.492 1.00 36.42 ? 16  GLU A CB  1 
ATOM   33   C  CG  . GLU A 1 19  ? 26.077  5.699   -21.744 1.00 41.04 ? 16  GLU A CG  1 
ATOM   34   C  CD  . GLU A 1 19  ? 27.359  4.914   -21.467 1.00 44.19 ? 16  GLU A CD  1 
ATOM   35   O  OE1 . GLU A 1 19  ? 27.936  5.048   -20.348 1.00 48.28 ? 16  GLU A OE1 1 
ATOM   36   O  OE2 . GLU A 1 19  ? 27.779  4.159   -22.368 1.00 46.86 ? 16  GLU A OE2 1 
ATOM   37   N  N   . ILE A 1 20  ? 22.522  5.793   -19.680 1.00 36.06 ? 17  ILE A N   1 
ATOM   38   C  CA  . ILE A 1 20  ? 21.281  5.009   -19.635 1.00 35.41 ? 17  ILE A CA  1 
ATOM   39   C  C   . ILE A 1 20  ? 20.102  5.899   -20.059 1.00 34.31 ? 17  ILE A C   1 
ATOM   40   O  O   . ILE A 1 20  ? 19.246  5.484   -20.851 1.00 33.31 ? 17  ILE A O   1 
ATOM   41   C  CB  . ILE A 1 20  ? 21.061  4.462   -18.188 1.00 35.95 ? 17  ILE A CB  1 
ATOM   42   C  CG1 . ILE A 1 20  ? 22.108  3.390   -17.828 1.00 36.71 ? 17  ILE A CG1 1 
ATOM   43   C  CG2 . ILE A 1 20  ? 19.645  3.927   -17.989 1.00 35.06 ? 17  ILE A CG2 1 
ATOM   44   C  CD1 . ILE A 1 20  ? 22.076  3.005   -16.316 1.00 36.62 ? 17  ILE A CD1 1 
ATOM   45   N  N   . GLY A 1 21  ? 20.074  7.127   -19.533 1.00 33.13 ? 18  GLY A N   1 
ATOM   46   C  CA  . GLY A 1 21  ? 18.949  8.039   -19.747 1.00 31.47 ? 18  GLY A CA  1 
ATOM   47   C  C   . GLY A 1 21  ? 17.924  7.761   -18.653 1.00 30.85 ? 18  GLY A C   1 
ATOM   48   O  O   . GLY A 1 21  ? 17.697  6.615   -18.299 1.00 30.98 ? 18  GLY A O   1 
ATOM   49   N  N   . LEU A 1 22  ? 17.294  8.805   -18.124 1.00 30.04 ? 19  LEU A N   1 
ATOM   50   C  CA  . LEU A 1 22  ? 16.321  8.650   -17.039 1.00 28.90 ? 19  LEU A CA  1 
ATOM   51   C  C   . LEU A 1 22  ? 15.215  7.663   -17.447 1.00 28.64 ? 19  LEU A C   1 
ATOM   52   O  O   . LEU A 1 22  ? 14.844  6.784   -16.686 1.00 28.21 ? 19  LEU A O   1 
ATOM   53   C  CB  . LEU A 1 22  ? 15.713  10.018  -16.699 1.00 28.56 ? 19  LEU A CB  1 
ATOM   54   C  CG  . LEU A 1 22  ? 16.628  11.059  -16.042 1.00 30.60 ? 19  LEU A CG  1 
ATOM   55   C  CD1 . LEU A 1 22  ? 15.766  12.245  -15.619 1.00 32.19 ? 19  LEU A CD1 1 
ATOM   56   C  CD2 . LEU A 1 22  ? 17.438  10.469  -14.839 1.00 30.37 ? 19  LEU A CD2 1 
ATOM   57   N  N   . GLU A 1 23  ? 14.736  7.789   -18.683 1.00 28.15 ? 20  GLU A N   1 
ATOM   58   C  CA  . GLU A 1 23  ? 13.657  6.923   -19.183 1.00 27.06 ? 20  GLU A CA  1 
ATOM   59   C  C   . GLU A 1 23  ? 14.092  5.458   -19.440 1.00 26.91 ? 20  GLU A C   1 
ATOM   60   O  O   . GLU A 1 23  ? 13.248  4.611   -19.753 1.00 25.93 ? 20  GLU A O   1 
ATOM   61   C  CB  . GLU A 1 23  ? 13.012  7.528   -20.450 1.00 27.44 ? 20  GLU A CB  1 
ATOM   62   C  CG  . GLU A 1 23  ? 12.265  8.855   -20.240 1.00 28.60 ? 20  GLU A CG  1 
ATOM   63   C  CD  . GLU A 1 23  ? 13.180  10.097  -20.250 1.00 30.35 ? 20  GLU A CD  1 
ATOM   64   O  OE1 . GLU A 1 23  ? 14.401  9.981   -20.533 1.00 25.97 ? 20  GLU A OE1 1 
ATOM   65   O  OE2 . GLU A 1 23  ? 12.668  11.195  -19.929 1.00 30.71 ? 20  GLU A OE2 1 
ATOM   66   N  N   . GLY A 1 24  ? 15.389  5.167   -19.320 1.00 26.01 ? 21  GLY A N   1 
ATOM   67   C  CA  . GLY A 1 24  ? 15.867  3.790   -19.366 1.00 26.54 ? 21  GLY A CA  1 
ATOM   68   C  C   . GLY A 1 24  ? 16.255  3.270   -17.990 1.00 26.70 ? 21  GLY A C   1 
ATOM   69   O  O   . GLY A 1 24  ? 16.834  2.191   -17.869 1.00 26.56 ? 21  GLY A O   1 
ATOM   70   N  N   . TYR A 1 25  ? 15.928  4.038   -16.951 1.00 27.02 ? 22  TYR A N   1 
ATOM   71   C  CA  . TYR A 1 25  ? 16.328  3.711   -15.580 1.00 26.25 ? 22  TYR A CA  1 
ATOM   72   C  C   . TYR A 1 25  ? 15.058  3.466   -14.787 1.00 26.45 ? 22  TYR A C   1 
ATOM   73   O  O   . TYR A 1 25  ? 14.322  4.415   -14.466 1.00 25.85 ? 22  TYR A O   1 
ATOM   74   C  CB  . TYR A 1 25  ? 17.110  4.875   -14.962 1.00 26.53 ? 22  TYR A CB  1 
ATOM   75   C  CG  . TYR A 1 25  ? 17.715  4.550   -13.598 1.00 25.53 ? 22  TYR A CG  1 
ATOM   76   C  CD1 . TYR A 1 25  ? 18.597  3.493   -13.454 1.00 27.69 ? 22  TYR A CD1 1 
ATOM   77   C  CD2 . TYR A 1 25  ? 17.415  5.322   -12.482 1.00 25.87 ? 22  TYR A CD2 1 
ATOM   78   C  CE1 . TYR A 1 25  ? 19.168  3.186   -12.220 1.00 28.65 ? 22  TYR A CE1 1 
ATOM   79   C  CE2 . TYR A 1 25  ? 17.973  5.012   -11.218 1.00 24.47 ? 22  TYR A CE2 1 
ATOM   80   C  CZ  . TYR A 1 25  ? 18.835  3.931   -11.111 1.00 25.69 ? 22  TYR A CZ  1 
ATOM   81   O  OH  . TYR A 1 25  ? 19.413  3.589   -9.912  1.00 26.00 ? 22  TYR A OH  1 
ATOM   82   N  N   . ALA A 1 26  ? 14.762  2.203   -14.509 1.00 25.00 ? 23  ALA A N   1 
ATOM   83   C  CA  . ALA A 1 26  ? 13.472  1.889   -13.903 1.00 24.64 ? 23  ALA A CA  1 
ATOM   84   C  C   . ALA A 1 26  ? 13.144  2.664   -12.607 1.00 24.71 ? 23  ALA A C   1 
ATOM   85   O  O   . ALA A 1 26  ? 11.991  3.072   -12.406 1.00 25.33 ? 23  ALA A O   1 
ATOM   86   C  CB  . ALA A 1 26  ? 13.316  0.383   -13.710 1.00 23.61 ? 23  ALA A CB  1 
ATOM   87   N  N   . PRO A 1 27  ? 14.120  2.825   -11.692 1.00 24.45 ? 24  PRO A N   1 
ATOM   88   C  CA  . PRO A 1 27  ? 13.768  3.603   -10.492 1.00 25.01 ? 24  PRO A CA  1 
ATOM   89   C  C   . PRO A 1 27  ? 13.268  5.011   -10.752 1.00 26.36 ? 24  PRO A C   1 
ATOM   90   O  O   . PRO A 1 27  ? 12.416  5.503   -10.004 1.00 26.23 ? 24  PRO A O   1 
ATOM   91   C  CB  . PRO A 1 27  ? 15.082  3.611   -9.680  1.00 24.59 ? 24  PRO A CB  1 
ATOM   92   C  CG  . PRO A 1 27  ? 15.730  2.333   -10.082 1.00 24.62 ? 24  PRO A CG  1 
ATOM   93   C  CD  . PRO A 1 27  ? 15.466  2.238   -11.575 1.00 23.89 ? 24  PRO A CD  1 
ATOM   94   N  N   . TYR A 1 28  ? 13.761  5.669   -11.803 1.00 26.22 ? 25  TYR A N   1 
ATOM   95   C  CA  . TYR A 1 28  ? 13.227  7.015   -12.140 1.00 26.98 ? 25  TYR A CA  1 
ATOM   96   C  C   . TYR A 1 28  ? 11.757  6.914   -12.514 1.00 26.74 ? 25  TYR A C   1 
ATOM   97   O  O   . TYR A 1 28  ? 10.916  7.736   -12.090 1.00 27.87 ? 25  TYR A O   1 
ATOM   98   C  CB  . TYR A 1 28  ? 13.984  7.628   -13.326 1.00 26.37 ? 25  TYR A CB  1 
ATOM   99   C  CG  . TYR A 1 28  ? 13.141  8.678   -14.057 1.00 26.30 ? 25  TYR A CG  1 
ATOM   100  C  CD1 . TYR A 1 28  ? 13.016  9.957   -13.534 1.00 26.93 ? 25  TYR A CD1 1 
ATOM   101  C  CD2 . TYR A 1 28  ? 12.491  8.381   -15.261 1.00 25.30 ? 25  TYR A CD2 1 
ATOM   102  C  CE1 . TYR A 1 28  ? 12.236  10.943  -14.199 1.00 28.18 ? 25  TYR A CE1 1 
ATOM   103  C  CE2 . TYR A 1 28  ? 11.720  9.353   -15.931 1.00 28.58 ? 25  TYR A CE2 1 
ATOM   104  C  CZ  . TYR A 1 28  ? 11.590  10.634  -15.372 1.00 28.00 ? 25  TYR A CZ  1 
ATOM   105  O  OH  . TYR A 1 28  ? 10.833  11.623  -16.008 1.00 28.16 ? 25  TYR A OH  1 
ATOM   106  N  N   . LEU A 1 29  ? 11.450  5.926   -13.334 1.00 25.76 ? 26  LEU A N   1 
ATOM   107  C  CA  . LEU A 1 29  ? 10.098  5.802   -13.854 1.00 26.35 ? 26  LEU A CA  1 
ATOM   108  C  C   . LEU A 1 29  ? 9.139   5.413   -12.736 1.00 26.26 ? 26  LEU A C   1 
ATOM   109  O  O   . LEU A 1 29  ? 8.053   5.991   -12.590 1.00 26.04 ? 26  LEU A O   1 
ATOM   110  C  CB  . LEU A 1 29  ? 10.055  4.743   -14.964 1.00 25.29 ? 26  LEU A CB  1 
ATOM   111  C  CG  . LEU A 1 29  ? 10.815  5.110   -16.247 1.00 25.36 ? 26  LEU A CG  1 
ATOM   112  C  CD1 . LEU A 1 29  ? 11.091  3.857   -17.073 1.00 24.22 ? 26  LEU A CD1 1 
ATOM   113  C  CD2 . LEU A 1 29  ? 10.012  6.119   -17.049 1.00 25.19 ? 26  LEU A CD2 1 
HETATM 114  N  N   . MSE A 1 30  ? 9.536   4.406   -11.963 1.00 25.43 ? 27  MSE A N   1 
HETATM 115  C  CA  . MSE A 1 30  ? 8.668   3.919   -10.895 1.00 26.01 ? 27  MSE A CA  1 
HETATM 116  C  C   . MSE A 1 30  ? 8.474   4.964   -9.808  1.00 26.32 ? 27  MSE A C   1 
HETATM 117  O  O   . MSE A 1 30  ? 7.367   5.116   -9.317  1.00 25.87 ? 27  MSE A O   1 
HETATM 118  C  CB  . MSE A 1 30  ? 9.191   2.605   -10.309 1.00 24.88 ? 27  MSE A CB  1 
HETATM 119  C  CG  . MSE A 1 30  ? 8.907   1.408   -11.205 1.00 24.56 ? 27  MSE A CG  1 
HETATM 120  SE SE  . MSE A 1 30  ? 9.615   -0.197  -10.456 0.50 28.53 ? 27  MSE A SE  1 
HETATM 121  C  CE  . MSE A 1 30  ? 11.347  0.110   -10.628 1.00 19.47 ? 27  MSE A CE  1 
ATOM   122  N  N   . ASN A 1 31  ? 9.538   5.680   -9.420  1.00 26.81 ? 28  ASN A N   1 
ATOM   123  C  CA  . ASN A 1 31  ? 9.382   6.757   -8.426  1.00 27.22 ? 28  ASN A CA  1 
ATOM   124  C  C   . ASN A 1 31  ? 8.414   7.841   -8.905  1.00 27.14 ? 28  ASN A C   1 
ATOM   125  O  O   . ASN A 1 31  ? 7.586   8.344   -8.149  1.00 25.99 ? 28  ASN A O   1 
ATOM   126  C  CB  . ASN A 1 31  ? 10.753  7.368   -8.021  1.00 27.20 ? 28  ASN A CB  1 
ATOM   127  C  CG  . ASN A 1 31  ? 11.393  6.645   -6.834  1.00 30.81 ? 28  ASN A CG  1 
ATOM   128  O  OD1 . ASN A 1 31  ? 10.703  5.941   -6.073  1.00 31.72 ? 28  ASN A OD1 1 
ATOM   129  N  ND2 . ASN A 1 31  ? 12.710  6.843   -6.637  1.00 31.70 ? 28  ASN A ND2 1 
ATOM   130  N  N   . ARG A 1 32  ? 8.490   8.179   -10.180 1.00 26.80 ? 29  ARG A N   1 
ATOM   131  C  CA  . ARG A 1 32  ? 7.602   9.220   -10.720 1.00 27.07 ? 29  ARG A CA  1 
ATOM   132  C  C   . ARG A 1 32  ? 6.137   8.774   -10.903 1.00 26.37 ? 29  ARG A C   1 
ATOM   133  O  O   . ARG A 1 32  ? 5.195   9.533   -10.599 1.00 26.15 ? 29  ARG A O   1 
ATOM   134  C  CB  . ARG A 1 32  ? 8.155   9.784   -12.029 1.00 26.71 ? 29  ARG A CB  1 
ATOM   135  C  CG  . ARG A 1 32  ? 7.399   11.064  -12.439 1.00 28.08 ? 29  ARG A CG  1 
ATOM   136  C  CD  . ARG A 1 32  ? 8.141   11.879  -13.475 1.00 26.21 ? 29  ARG A CD  1 
ATOM   137  N  NE  . ARG A 1 32  ? 7.169   12.796  -14.058 1.00 24.27 ? 29  ARG A NE  1 
ATOM   138  C  CZ  . ARG A 1 32  ? 7.200   13.253  -15.293 1.00 23.12 ? 29  ARG A CZ  1 
ATOM   139  N  NH1 . ARG A 1 32  ? 8.210   12.906  -16.100 1.00 24.66 ? 29  ARG A NH1 1 
ATOM   140  N  NH2 . ARG A 1 32  ? 6.205   14.055  -15.709 1.00 21.54 ? 29  ARG A NH2 1 
ATOM   141  N  N   . ILE A 1 33  ? 5.936   7.552   -11.379 1.00 25.54 ? 30  ILE A N   1 
ATOM   142  C  CA  . ILE A 1 33  ? 4.584   7.010   -11.531 1.00 24.21 ? 30  ILE A CA  1 
ATOM   143  C  C   . ILE A 1 33  ? 3.924   6.890   -10.150 1.00 25.15 ? 30  ILE A C   1 
ATOM   144  O  O   . ILE A 1 33  ? 2.794   7.353   -9.949  1.00 25.03 ? 30  ILE A O   1 
ATOM   145  C  CB  . ILE A 1 33  ? 4.603   5.626   -12.209 1.00 24.27 ? 30  ILE A CB  1 
ATOM   146  C  CG1 . ILE A 1 33  ? 5.032   5.757   -13.693 1.00 23.33 ? 30  ILE A CG1 1 
ATOM   147  C  CG2 . ILE A 1 33  ? 3.235   4.932   -12.032 1.00 21.93 ? 30  ILE A CG2 1 
ATOM   148  C  CD1 . ILE A 1 33  ? 5.539   4.417   -14.306 1.00 22.57 ? 30  ILE A CD1 1 
HETATM 149  N  N   . MSE A 1 34  ? 4.632   6.267   -9.199  1.00 24.23 ? 31  MSE A N   1 
HETATM 150  C  CA  . MSE A 1 34  ? 4.124   6.144   -7.821  1.00 24.43 ? 31  MSE A CA  1 
HETATM 151  C  C   . MSE A 1 34  ? 3.962   7.496   -7.130  1.00 25.04 ? 31  MSE A C   1 
HETATM 152  O  O   . MSE A 1 34  ? 3.013   7.701   -6.388  1.00 24.83 ? 31  MSE A O   1 
HETATM 153  C  CB  . MSE A 1 34  ? 5.008   5.201   -6.987  1.00 24.59 ? 31  MSE A CB  1 
HETATM 154  C  CG  . MSE A 1 34  ? 4.808   3.726   -7.347  1.00 23.64 ? 31  MSE A CG  1 
HETATM 155  SE SE  . MSE A 1 34  ? 2.951   3.161   -7.286  0.50 27.21 ? 31  MSE A SE  1 
HETATM 156  C  CE  . MSE A 1 34  ? 2.480   3.733   -5.598  1.00 32.71 ? 31  MSE A CE  1 
ATOM   157  N  N   . GLY A 1 35  ? 4.880   8.421   -7.382  1.00 25.95 ? 32  GLY A N   1 
ATOM   158  C  CA  . GLY A 1 35  ? 4.725   9.778   -6.880  1.00 26.56 ? 32  GLY A CA  1 
ATOM   159  C  C   . GLY A 1 35  ? 3.395   10.393  -7.278  1.00 26.53 ? 32  GLY A C   1 
ATOM   160  O  O   . GLY A 1 35  ? 2.698   10.995  -6.438  1.00 26.79 ? 32  GLY A O   1 
ATOM   161  N  N   . ARG A 1 36  ? 3.018   10.249  -8.546  1.00 26.06 ? 33  ARG A N   1 
ATOM   162  C  CA  . ARG A 1 36  ? 1.723   10.747  -9.006  1.00 25.86 ? 33  ARG A CA  1 
ATOM   163  C  C   . ARG A 1 36  ? 0.536   9.930   -8.449  1.00 25.99 ? 33  ARG A C   1 
ATOM   164  O  O   . ARG A 1 36  ? -0.456  10.515  -7.986  1.00 27.22 ? 33  ARG A O   1 
ATOM   165  C  CB  . ARG A 1 36  ? 1.682   10.827  -10.549 1.00 25.53 ? 33  ARG A CB  1 
ATOM   166  C  CG  . ARG A 1 36  ? 0.319   11.201  -11.130 1.00 26.49 ? 33  ARG A CG  1 
ATOM   167  C  CD  . ARG A 1 36  ? -0.250  12.481  -10.508 1.00 25.88 ? 33  ARG A CD  1 
ATOM   168  N  NE  . ARG A 1 36  ? 0.697   13.599  -10.588 1.00 24.53 ? 33  ARG A NE  1 
ATOM   169  C  CZ  . ARG A 1 36  ? 0.534   14.731  -9.914  1.00 28.87 ? 33  ARG A CZ  1 
ATOM   170  N  NH1 . ARG A 1 36  ? -0.516  14.870  -9.101  1.00 26.11 ? 33  ARG A NH1 1 
ATOM   171  N  NH2 . ARG A 1 36  ? 1.421   15.713  -10.036 1.00 27.32 ? 33  ARG A NH2 1 
ATOM   172  N  N   . TYR A 1 37  ? 0.627   8.597   -8.463  1.00 24.78 ? 34  TYR A N   1 
ATOM   173  C  CA  . TYR A 1 37  ? -0.435  7.759   -7.879  1.00 24.72 ? 34  TYR A CA  1 
ATOM   174  C  C   . TYR A 1 37  ? -0.678  8.186   -6.402  1.00 25.19 ? 34  TYR A C   1 
ATOM   175  O  O   . TYR A 1 37  ? -1.819  8.426   -5.966  1.00 25.11 ? 34  TYR A O   1 
ATOM   176  C  CB  . TYR A 1 37  ? -0.026  6.287   -7.944  1.00 23.22 ? 34  TYR A CB  1 
ATOM   177  C  CG  . TYR A 1 37  ? -0.937  5.333   -7.188  1.00 24.38 ? 34  TYR A CG  1 
ATOM   178  C  CD1 . TYR A 1 37  ? -2.034  4.729   -7.824  1.00 21.97 ? 34  TYR A CD1 1 
ATOM   179  C  CD2 . TYR A 1 37  ? -0.703  5.015   -5.848  1.00 23.20 ? 34  TYR A CD2 1 
ATOM   180  C  CE1 . TYR A 1 37  ? -2.862  3.843   -7.148  1.00 23.13 ? 34  TYR A CE1 1 
ATOM   181  C  CE2 . TYR A 1 37  ? -1.543  4.129   -5.155  1.00 21.77 ? 34  TYR A CE2 1 
ATOM   182  C  CZ  . TYR A 1 37  ? -2.615  3.548   -5.815  1.00 22.72 ? 34  TYR A CZ  1 
ATOM   183  O  OH  . TYR A 1 37  ? -3.430  2.657   -5.164  1.00 21.93 ? 34  TYR A OH  1 
ATOM   184  N  N   . ASN A 1 38  ? 0.410   8.262   -5.644  1.00 24.03 ? 35  ASN A N   1 
ATOM   185  C  CA  . ASN A 1 38  ? 0.354   8.577   -4.225  1.00 25.38 ? 35  ASN A CA  1 
ATOM   186  C  C   . ASN A 1 38  ? -0.148  10.005  -3.970  1.00 26.53 ? 35  ASN A C   1 
ATOM   187  O  O   . ASN A 1 38  ? -0.926  10.253  -3.026  1.00 26.90 ? 35  ASN A O   1 
ATOM   188  C  CB  . ASN A 1 38  ? 1.751   8.368   -3.592  1.00 25.07 ? 35  ASN A CB  1 
ATOM   189  C  CG  . ASN A 1 38  ? 2.126   6.890   -3.415  1.00 24.82 ? 35  ASN A CG  1 
ATOM   190  O  OD1 . ASN A 1 38  ? 1.260   6.026   -3.253  1.00 23.08 ? 35  ASN A OD1 1 
ATOM   191  N  ND2 . ASN A 1 38  ? 3.431   6.601   -3.409  1.00 23.51 ? 35  ASN A ND2 1 
ATOM   192  N  N   . ALA A 1 39  ? 0.330   10.945  -4.787  1.00 27.39 ? 36  ALA A N   1 
ATOM   193  C  CA  . ALA A 1 39  ? -0.073  12.349  -4.713  1.00 28.44 ? 36  ALA A CA  1 
ATOM   194  C  C   . ALA A 1 39  ? -1.574  12.487  -4.909  1.00 28.62 ? 36  ALA A C   1 
ATOM   195  O  O   . ALA A 1 39  ? -2.233  13.249  -4.192  1.00 28.17 ? 36  ALA A O   1 
ATOM   196  C  CB  . ALA A 1 39  ? 0.690   13.202  -5.784  1.00 28.22 ? 36  ALA A CB  1 
ATOM   197  N  N   . ASN A 1 40  ? -2.115  11.753  -5.882  1.00 28.80 ? 37  ASN A N   1 
ATOM   198  C  CA  . ASN A 1 40  ? -3.535  11.782  -6.158  1.00 29.22 ? 37  ASN A CA  1 
ATOM   199  C  C   . ASN A 1 40  ? -4.351  11.298  -4.962  1.00 29.21 ? 37  ASN A C   1 
ATOM   200  O  O   . ASN A 1 40  ? -5.393  11.875  -4.631  1.00 29.67 ? 37  ASN A O   1 
ATOM   201  C  CB  . ASN A 1 40  ? -3.861  10.933  -7.383  1.00 29.37 ? 37  ASN A CB  1 
ATOM   202  C  CG  . ASN A 1 40  ? -3.438  11.600  -8.673  1.00 31.05 ? 37  ASN A CG  1 
ATOM   203  O  OD1 . ASN A 1 40  ? -3.103  12.785  -8.684  1.00 29.44 ? 37  ASN A OD1 1 
ATOM   204  N  ND2 . ASN A 1 40  ? -3.436  10.835  -9.769  1.00 29.68 ? 37  ASN A ND2 1 
ATOM   205  N  N   . LEU A 1 41  ? -3.881  10.250  -4.297  1.00 28.27 ? 38  LEU A N   1 
ATOM   206  C  CA  . LEU A 1 41  ? -4.579  9.771   -3.100  1.00 28.19 ? 38  LEU A CA  1 
ATOM   207  C  C   . LEU A 1 41  ? -4.431  10.741  -1.934  1.00 28.99 ? 38  LEU A C   1 
ATOM   208  O  O   . LEU A 1 41  ? -5.377  10.950  -1.190  1.00 28.01 ? 38  LEU A O   1 
ATOM   209  C  CB  . LEU A 1 41  ? -4.085  8.390   -2.700  1.00 27.97 ? 38  LEU A CB  1 
ATOM   210  C  CG  . LEU A 1 41  ? -4.359  7.289   -3.719  1.00 27.96 ? 38  LEU A CG  1 
ATOM   211  C  CD1 . LEU A 1 41  ? -3.772  5.983   -3.162  1.00 29.23 ? 38  LEU A CD1 1 
ATOM   212  C  CD2 . LEU A 1 41  ? -5.865  7.159   -3.956  1.00 28.94 ? 38  LEU A CD2 1 
ATOM   213  N  N   . ARG A 1 42  ? -3.247  11.341  -1.797  1.00 29.69 ? 39  ARG A N   1 
ATOM   214  C  CA  . ARG A 1 42  ? -3.012  12.347  -0.760  1.00 31.67 ? 39  ARG A CA  1 
ATOM   215  C  C   . ARG A 1 42  ? -4.059  13.459  -0.795  1.00 31.98 ? 39  ARG A C   1 
ATOM   216  O  O   . ARG A 1 42  ? -4.483  13.952  0.252   1.00 32.71 ? 39  ARG A O   1 
ATOM   217  C  CB  . ARG A 1 42  ? -1.608  12.957  -0.877  1.00 31.17 ? 39  ARG A CB  1 
ATOM   218  C  CG  . ARG A 1 42  ? -0.548  12.172  -0.158  1.00 32.37 ? 39  ARG A CG  1 
ATOM   219  C  CD  . ARG A 1 42  ? 0.734   13.011  0.113   1.00 33.12 ? 39  ARG A CD  1 
ATOM   220  N  NE  . ARG A 1 42  ? 1.326   13.647  -1.073  1.00 34.18 ? 39  ARG A NE  1 
ATOM   221  C  CZ  . ARG A 1 42  ? 2.203   13.076  -1.917  1.00 37.58 ? 39  ARG A CZ  1 
ATOM   222  N  NH1 . ARG A 1 42  ? 2.616   11.817  -1.758  1.00 36.73 ? 39  ARG A NH1 1 
ATOM   223  N  NH2 . ARG A 1 42  ? 2.674   13.772  -2.944  1.00 37.63 ? 39  ARG A NH2 1 
ATOM   224  N  N   . LYS A 1 43  ? -4.491  13.824  -1.997  1.00 32.85 ? 40  LYS A N   1 
ATOM   225  C  CA  . LYS A 1 43  ? -5.525  14.840  -2.181  1.00 33.50 ? 40  LYS A CA  1 
ATOM   226  C  C   . LYS A 1 43  ? -6.780  14.561  -1.383  1.00 34.00 ? 40  LYS A C   1 
ATOM   227  O  O   . LYS A 1 43  ? -7.484  15.500  -0.981  1.00 33.94 ? 40  LYS A O   1 
ATOM   228  C  CB  . LYS A 1 43  ? -5.912  14.944  -3.652  1.00 34.09 ? 40  LYS A CB  1 
ATOM   229  C  CG  . LYS A 1 43  ? -4.793  15.461  -4.541  1.00 36.01 ? 40  LYS A CG  1 
ATOM   230  C  CD  . LYS A 1 43  ? -5.277  15.737  -5.954  1.00 40.83 ? 40  LYS A CD  1 
ATOM   231  C  CE  . LYS A 1 43  ? -4.097  15.990  -6.880  1.00 42.43 ? 40  LYS A CE  1 
ATOM   232  N  NZ  . LYS A 1 43  ? -3.340  17.209  -6.479  1.00 45.80 ? 40  LYS A NZ  1 
ATOM   233  N  N   . GLU A 1 44  ? -7.077  13.280  -1.195  1.00 33.52 ? 41  GLU A N   1 
ATOM   234  C  CA  . GLU A 1 44  ? -8.304  12.852  -0.541  1.00 34.69 ? 41  GLU A CA  1 
ATOM   235  C  C   . GLU A 1 44  ? -8.170  12.644  0.978   1.00 36.09 ? 41  GLU A C   1 
ATOM   236  O  O   . GLU A 1 44  ? -9.141  12.269  1.641   1.00 35.64 ? 41  GLU A O   1 
ATOM   237  C  CB  . GLU A 1 44  ? -8.867  11.596  -1.230  1.00 34.12 ? 41  GLU A CB  1 
ATOM   238  C  CG  . GLU A 1 44  ? -9.008  11.712  -2.760  1.00 33.12 ? 41  GLU A CG  1 
ATOM   239  C  CD  . GLU A 1 44  ? -9.793  12.963  -3.211  1.00 32.85 ? 41  GLU A CD  1 
ATOM   240  O  OE1 . GLU A 1 44  ? -10.717 13.385  -2.495  1.00 29.92 ? 41  GLU A OE1 1 
ATOM   241  O  OE2 . GLU A 1 44  ? -9.481  13.513  -4.291  1.00 33.92 ? 41  GLU A OE2 1 
HETATM 242  N  N   . MSE A 1 45  ? -6.975  12.926  1.512   1.00 38.41 ? 42  MSE A N   1 
HETATM 243  C  CA  . MSE A 1 45  ? -6.656  12.804  2.950   1.00 40.04 ? 42  MSE A CA  1 
HETATM 244  C  C   . MSE A 1 45  ? -7.531  13.582  3.900   1.00 40.61 ? 42  MSE A C   1 
HETATM 245  O  O   . MSE A 1 45  ? -8.257  12.982  4.704   1.00 41.03 ? 42  MSE A O   1 
HETATM 246  C  CB  . MSE A 1 45  ? -5.225  13.236  3.213   1.00 40.38 ? 42  MSE A CB  1 
HETATM 247  C  CG  . MSE A 1 45  ? -4.224  12.220  2.799   1.00 41.13 ? 42  MSE A CG  1 
HETATM 248  SE SE  . MSE A 1 45  ? -2.500  12.613  3.530   0.50 42.39 ? 42  MSE A SE  1 
HETATM 249  C  CE  . MSE A 1 45  ? -2.107  14.333  2.669   1.00 44.86 ? 42  MSE A CE  1 
ATOM   250  N  N   . THR A 1 46  ? -7.421  14.909  3.843   1.00 41.27 ? 43  THR A N   1 
ATOM   251  C  CA  . THR A 1 46  ? -8.231  15.803  4.675   1.00 42.36 ? 43  THR A CA  1 
ATOM   252  C  C   . THR A 1 46  ? -9.719  15.521  4.491   1.00 42.67 ? 43  THR A C   1 
ATOM   253  O  O   . THR A 1 46  ? -10.530 15.744  5.393   1.00 43.36 ? 43  THR A O   1 
ATOM   254  C  CB  . THR A 1 46  ? -7.919  17.271  4.348   1.00 42.50 ? 43  THR A CB  1 
ATOM   255  N  N   . ALA A 1 47  ? -10.064 15.021  3.308   1.00 42.81 ? 44  ALA A N   1 
ATOM   256  C  CA  . ALA A 1 47  ? -11.434 14.660  2.993   1.00 42.18 ? 44  ALA A CA  1 
ATOM   257  C  C   . ALA A 1 47  ? -11.903 13.477  3.827   1.00 42.03 ? 44  ALA A C   1 
ATOM   258  O  O   . ALA A 1 47  ? -13.023 13.468  4.360   1.00 41.94 ? 44  ALA A O   1 
ATOM   259  C  CB  . ALA A 1 47  ? -11.555 14.344  1.509   1.00 42.60 ? 44  ALA A CB  1 
ATOM   260  N  N   . LEU A 1 48  ? -11.057 12.463  3.938   1.00 40.92 ? 45  LEU A N   1 
ATOM   261  C  CA  . LEU A 1 48  ? -11.505 11.237  4.558   1.00 39.87 ? 45  LEU A CA  1 
ATOM   262  C  C   . LEU A 1 48  ? -11.058 11.149  6.014   1.00 39.16 ? 45  LEU A C   1 
ATOM   263  O  O   . LEU A 1 48  ? -11.363 10.179  6.710   1.00 39.17 ? 45  LEU A O   1 
ATOM   264  C  CB  . LEU A 1 48  ? -11.051 10.042  3.721   1.00 40.04 ? 45  LEU A CB  1 
ATOM   265  C  CG  . LEU A 1 48  ? -11.643 10.006  2.303   1.00 40.06 ? 45  LEU A CG  1 
ATOM   266  C  CD1 . LEU A 1 48  ? -10.887 9.031   1.411   1.00 41.10 ? 45  LEU A CD1 1 
ATOM   267  C  CD2 . LEU A 1 48  ? -13.138 9.680   2.324   1.00 41.95 ? 45  LEU A CD2 1 
ATOM   268  N  N   . GLY A 1 49  ? -10.355 12.186  6.469   1.00 38.40 ? 46  GLY A N   1 
ATOM   269  C  CA  . GLY A 1 49  ? -9.761  12.212  7.809   1.00 37.25 ? 46  GLY A CA  1 
ATOM   270  C  C   . GLY A 1 49  ? -8.701  11.139  7.956   1.00 36.72 ? 46  GLY A C   1 
ATOM   271  O  O   . GLY A 1 49  ? -8.490  10.601  9.039   1.00 35.84 ? 46  GLY A O   1 
ATOM   272  N  N   . LEU A 1 50  ? -8.029  10.838  6.847   1.00 36.24 ? 47  LEU A N   1 
ATOM   273  C  CA  . LEU A 1 50  ? -7.100  9.728   6.780   1.00 36.14 ? 47  LEU A CA  1 
ATOM   274  C  C   . LEU A 1 50  ? -5.732  10.230  6.358   1.00 35.77 ? 47  LEU A C   1 
ATOM   275  O  O   . LEU A 1 50  ? -5.620  11.081  5.485   1.00 37.49 ? 47  LEU A O   1 
ATOM   276  C  CB  . LEU A 1 50  ? -7.573  8.711   5.731   1.00 36.27 ? 47  LEU A CB  1 
ATOM   277  C  CG  . LEU A 1 50  ? -8.800  7.817   5.942   1.00 36.82 ? 47  LEU A CG  1 
ATOM   278  C  CD1 . LEU A 1 50  ? -8.967  6.965   4.709   1.00 36.03 ? 47  LEU A CD1 1 
ATOM   279  C  CD2 . LEU A 1 50  ? -8.674  6.909   7.203   1.00 36.28 ? 47  LEU A CD2 1 
ATOM   280  N  N   . SER A 1 51  ? -4.689  9.666   6.936   1.00 34.64 ? 48  SER A N   1 
ATOM   281  C  CA  . SER A 1 51  ? -3.338  9.935   6.488   1.00 32.41 ? 48  SER A CA  1 
ATOM   282  C  C   . SER A 1 51  ? -2.919  8.867   5.482   1.00 32.28 ? 48  SER A C   1 
ATOM   283  O  O   . SER A 1 51  ? -3.608  7.865   5.295   1.00 31.10 ? 48  SER A O   1 
ATOM   284  C  CB  . SER A 1 51  ? -2.403  9.895   7.683   1.00 32.10 ? 48  SER A CB  1 
ATOM   285  O  OG  . SER A 1 51  ? -2.389  8.581   8.226   1.00 29.43 ? 48  SER A OG  1 
ATOM   286  N  N   . THR A 1 52  ? -1.777  9.076   4.837   1.00 31.58 ? 49  THR A N   1 
ATOM   287  C  CA  . THR A 1 52  ? -1.188  8.042   3.982   1.00 31.68 ? 49  THR A CA  1 
ATOM   288  C  C   . THR A 1 52  ? -1.050  6.722   4.711   1.00 30.99 ? 49  THR A C   1 
ATOM   289  O  O   . THR A 1 52  ? -1.473  5.683   4.202   1.00 31.10 ? 49  THR A O   1 
ATOM   290  C  CB  . THR A 1 52  ? 0.192   8.489   3.471   1.00 31.68 ? 49  THR A CB  1 
ATOM   291  O  OG1 . THR A 1 52  ? 0.023   9.705   2.746   1.00 33.70 ? 49  THR A OG1 1 
ATOM   292  C  CG2 . THR A 1 52  ? 0.807   7.437   2.552   1.00 32.56 ? 49  THR A CG2 1 
ATOM   293  N  N   . ALA A 1 53  ? -0.464  6.757   5.911   1.00 31.07 ? 50  ALA A N   1 
ATOM   294  C  CA  . ALA A 1 53  ? -0.260  5.523   6.702   1.00 30.74 ? 50  ALA A CA  1 
ATOM   295  C  C   . ALA A 1 53  ? -1.591  4.802   6.916   1.00 30.77 ? 50  ALA A C   1 
ATOM   296  O  O   . ALA A 1 53  ? -1.673  3.589   6.772   1.00 30.49 ? 50  ALA A O   1 
ATOM   297  C  CB  . ALA A 1 53  ? 0.389   5.847   8.058   1.00 30.37 ? 50  ALA A CB  1 
ATOM   298  N  N   . LYS A 1 54  ? -2.638  5.554   7.267   1.00 30.14 ? 51  LYS A N   1 
ATOM   299  C  CA  . LYS A 1 54  ? -3.960  4.949   7.471   1.00 30.52 ? 51  LYS A CA  1 
ATOM   300  C  C   . LYS A 1 54  ? -4.542  4.382   6.172   1.00 31.36 ? 51  LYS A C   1 
ATOM   301  O  O   . LYS A 1 54  ? -5.134  3.297   6.182   1.00 31.85 ? 51  LYS A O   1 
ATOM   302  C  CB  . LYS A 1 54  ? -4.938  5.974   8.030   1.00 30.03 ? 51  LYS A CB  1 
ATOM   303  C  CG  . LYS A 1 54  ? -4.825  6.245   9.515   1.00 29.70 ? 51  LYS A CG  1 
ATOM   304  C  CD  . LYS A 1 54  ? -5.909  7.270   9.922   1.00 28.44 ? 51  LYS A CD  1 
ATOM   305  C  CE  . LYS A 1 54  ? -5.672  7.763   11.369  1.00 29.68 ? 51  LYS A CE  1 
ATOM   306  N  NZ  . LYS A 1 54  ? -6.786  8.669   11.815  1.00 26.95 ? 51  LYS A NZ  1 
HETATM 307  N  N   . MSE A 1 55  ? -4.409  5.132   5.077   1.00 31.64 ? 52  MSE A N   1 
HETATM 308  C  CA  . MSE A 1 55  ? -4.917  4.686   3.772   1.00 32.55 ? 52  MSE A CA  1 
HETATM 309  C  C   . MSE A 1 55  ? -4.246  3.374   3.382   1.00 32.42 ? 52  MSE A C   1 
HETATM 310  O  O   . MSE A 1 55  ? -4.919  2.425   2.975   1.00 31.36 ? 52  MSE A O   1 
HETATM 311  C  CB  . MSE A 1 55  ? -4.675  5.727   2.687   1.00 32.17 ? 52  MSE A CB  1 
HETATM 312  C  CG  . MSE A 1 55  ? -5.526  6.975   2.791   1.00 34.13 ? 52  MSE A CG  1 
HETATM 313  SE SE  . MSE A 1 55  ? -5.268  8.218   1.292   0.50 34.97 ? 52  MSE A SE  1 
HETATM 314  C  CE  . MSE A 1 55  ? -6.412  9.649   1.907   1.00 34.80 ? 52  MSE A CE  1 
ATOM   315  N  N   . ARG A 1 56  ? -2.919  3.328   3.511   1.00 32.34 ? 53  ARG A N   1 
ATOM   316  C  CA  . ARG A 1 56  ? -2.186  2.094   3.212   1.00 33.51 ? 53  ARG A CA  1 
ATOM   317  C  C   . ARG A 1 56  ? -2.584  0.914   4.089   1.00 33.40 ? 53  ARG A C   1 
ATOM   318  O  O   . ARG A 1 56  ? -2.812  -0.201  3.577   1.00 33.82 ? 53  ARG A O   1 
ATOM   319  C  CB  . ARG A 1 56  ? -0.679  2.346   3.226   1.00 33.87 ? 53  ARG A CB  1 
ATOM   320  C  CG  . ARG A 1 56  ? -0.264  3.220   2.046   1.00 36.06 ? 53  ARG A CG  1 
ATOM   321  C  CD  . ARG A 1 56  ? 1.224   3.360   1.983   1.00 38.53 ? 53  ARG A CD  1 
ATOM   322  N  NE  . ARG A 1 56  ? 1.646   4.242   0.900   1.00 36.97 ? 53  ARG A NE  1 
ATOM   323  C  CZ  . ARG A 1 56  ? 2.921   4.524   0.664   1.00 39.18 ? 53  ARG A CZ  1 
ATOM   324  N  NH1 . ARG A 1 56  ? 3.866   3.959   1.420   1.00 38.41 ? 53  ARG A NH1 1 
ATOM   325  N  NH2 . ARG A 1 56  ? 3.257   5.352   -0.314  1.00 36.66 ? 53  ARG A NH2 1 
ATOM   326  N  N   . ALA A 1 57  ? -2.689  1.152   5.397   1.00 33.01 ? 54  ALA A N   1 
ATOM   327  C  CA  . ALA A 1 57  ? -3.091  0.096   6.330   1.00 32.80 ? 54  ALA A CA  1 
ATOM   328  C  C   . ALA A 1 57  ? -4.479  -0.447  5.999   1.00 32.76 ? 54  ALA A C   1 
ATOM   329  O  O   . ALA A 1 57  ? -4.666  -1.655  5.959   1.00 34.02 ? 54  ALA A O   1 
ATOM   330  C  CB  . ALA A 1 57  ? -3.011  0.581   7.803   1.00 31.95 ? 54  ALA A CB  1 
ATOM   331  N  N   . LEU A 1 58  ? -5.457  0.424   5.728   1.00 32.19 ? 55  LEU A N   1 
ATOM   332  C  CA  . LEU A 1 58  ? -6.817  -0.057  5.387   1.00 31.81 ? 55  LEU A CA  1 
ATOM   333  C  C   . LEU A 1 58  ? -6.838  -0.904  4.106   1.00 31.93 ? 55  LEU A C   1 
ATOM   334  O  O   . LEU A 1 58  ? -7.579  -1.905  4.005   1.00 31.78 ? 55  LEU A O   1 
ATOM   335  C  CB  . LEU A 1 58  ? -7.801  1.120   5.235   1.00 31.56 ? 55  LEU A CB  1 
ATOM   336  C  CG  . LEU A 1 58  ? -8.182  1.901   6.504   1.00 32.30 ? 55  LEU A CG  1 
ATOM   337  C  CD1 . LEU A 1 58  ? -9.043  3.162   6.192   1.00 31.24 ? 55  LEU A CD1 1 
ATOM   338  C  CD2 . LEU A 1 58  ? -8.879  0.988   7.529   1.00 32.43 ? 55  LEU A CD2 1 
ATOM   339  N  N   . ALA A 1 59  ? -6.050  -0.474  3.119   1.00 31.37 ? 56  ALA A N   1 
ATOM   340  C  CA  . ALA A 1 59  ? -5.990  -1.145  1.833   1.00 31.40 ? 56  ALA A CA  1 
ATOM   341  C  C   . ALA A 1 59  ? -5.450  -2.563  2.032   1.00 31.34 ? 56  ALA A C   1 
ATOM   342  O  O   . ALA A 1 59  ? -6.025  -3.537  1.521   1.00 30.62 ? 56  ALA A O   1 
ATOM   343  C  CB  . ALA A 1 59  ? -5.085  -0.367  0.863   1.00 31.46 ? 56  ALA A CB  1 
ATOM   344  N  N   . ILE A 1 60  ? -4.343  -2.678  2.761   1.00 30.72 ? 57  ILE A N   1 
ATOM   345  C  CA  . ILE A 1 60  ? -3.716  -4.001  2.948   1.00 31.03 ? 57  ILE A CA  1 
ATOM   346  C  C   . ILE A 1 60  ? -4.720  -4.862  3.719   1.00 31.08 ? 57  ILE A C   1 
ATOM   347  O  O   . ILE A 1 60  ? -4.993  -6.009  3.354   1.00 30.51 ? 57  ILE A O   1 
ATOM   348  C  CB  . ILE A 1 60  ? -2.332  -3.942  3.718   1.00 31.45 ? 57  ILE A CB  1 
ATOM   349  C  CG1 . ILE A 1 60  ? -1.254  -3.135  2.965   1.00 31.38 ? 57  ILE A CG1 1 
ATOM   350  C  CG2 . ILE A 1 60  ? -1.820  -5.342  4.012   1.00 31.31 ? 57  ILE A CG2 1 
ATOM   351  C  CD1 . ILE A 1 60  ? -1.055  -3.554  1.487   1.00 31.14 ? 57  ILE A CD1 1 
ATOM   352  N  N   . LEU A 1 61  ? -5.307  -4.296  4.774   1.00 31.52 ? 58  LEU A N   1 
ATOM   353  C  CA  . LEU A 1 61  ? -6.230  -5.077  5.628   1.00 31.48 ? 58  LEU A CA  1 
ATOM   354  C  C   . LEU A 1 61  ? -7.479  -5.489  4.866   1.00 32.29 ? 58  LEU A C   1 
ATOM   355  O  O   . LEU A 1 61  ? -8.089  -6.537  5.172   1.00 32.12 ? 58  LEU A O   1 
ATOM   356  C  CB  . LEU A 1 61  ? -6.585  -4.330  6.930   1.00 32.25 ? 58  LEU A CB  1 
ATOM   357  C  CG  . LEU A 1 61  ? -5.438  -4.132  7.938   1.00 31.04 ? 58  LEU A CG  1 
ATOM   358  C  CD1 . LEU A 1 61  ? -5.794  -3.118  9.022   1.00 31.69 ? 58  LEU A CD1 1 
ATOM   359  C  CD2 . LEU A 1 61  ? -5.054  -5.479  8.563   1.00 31.58 ? 58  LEU A CD2 1 
ATOM   360  N  N   . SER A 1 62  ? -7.857  -4.697  3.855   1.00 31.39 ? 59  SER A N   1 
ATOM   361  C  CA  . SER A 1 62  ? -9.019  -5.060  3.054   1.00 31.50 ? 59  SER A CA  1 
ATOM   362  C  C   . SER A 1 62  ? -8.775  -6.335  2.239   1.00 31.66 ? 59  SER A C   1 
ATOM   363  O  O   . SER A 1 62  ? -9.715  -7.085  1.972   1.00 30.60 ? 59  SER A O   1 
ATOM   364  C  CB  . SER A 1 62  ? -9.461  -3.912  2.131   1.00 31.45 ? 59  SER A CB  1 
ATOM   365  O  OG  . SER A 1 62  ? -8.731  -3.956  0.910   1.00 34.40 ? 59  SER A OG  1 
ATOM   366  N  N   . ALA A 1 63  ? -7.509  -6.564  1.856   1.00 32.00 ? 60  ALA A N   1 
ATOM   367  C  CA  . ALA A 1 63  ? -7.099  -7.752  1.111   1.00 32.49 ? 60  ALA A CA  1 
ATOM   368  C  C   . ALA A 1 63  ? -6.813  -8.937  2.031   1.00 33.33 ? 60  ALA A C   1 
ATOM   369  O  O   . ALA A 1 63  ? -7.073  -10.081 1.675   1.00 32.62 ? 60  ALA A O   1 
ATOM   370  C  CB  . ALA A 1 63  ? -5.870  -7.455  0.273   1.00 32.35 ? 60  ALA A CB  1 
ATOM   371  N  N   . LYS A 1 64  ? -6.222  -8.659  3.191   1.00 34.09 ? 61  LYS A N   1 
ATOM   372  C  CA  . LYS A 1 64  ? -5.891  -9.704  4.149   1.00 35.40 ? 61  LYS A CA  1 
ATOM   373  C  C   . LYS A 1 64  ? -5.878  -9.128  5.557   1.00 35.88 ? 61  LYS A C   1 
ATOM   374  O  O   . LYS A 1 64  ? -5.123  -8.195  5.852   1.00 36.02 ? 61  LYS A O   1 
ATOM   375  C  CB  . LYS A 1 64  ? -4.559  -10.367 3.807   1.00 35.49 ? 61  LYS A CB  1 
ATOM   376  C  CG  . LYS A 1 64  ? -3.461  -9.391  3.473   1.00 36.62 ? 61  LYS A CG  1 
ATOM   377  C  CD  . LYS A 1 64  ? -2.127  -10.085 3.195   1.00 36.45 ? 61  LYS A CD  1 
ATOM   378  C  CE  . LYS A 1 64  ? -2.091  -10.806 1.888   1.00 37.25 ? 61  LYS A CE  1 
ATOM   379  N  NZ  . LYS A 1 64  ? -0.672  -11.001 1.438   1.00 38.03 ? 61  LYS A NZ  1 
ATOM   380  N  N   . ASP A 1 65  ? -6.727  -9.721  6.394   1.00 36.19 ? 62  ASP A N   1 
ATOM   381  C  CA  . ASP A 1 65  ? -7.053  -9.312  7.763   1.00 37.21 ? 62  ASP A CA  1 
ATOM   382  C  C   . ASP A 1 65  ? -6.175  -10.037 8.802   1.00 36.50 ? 62  ASP A C   1 
ATOM   383  O  O   . ASP A 1 65  ? -5.521  -11.047 8.498   1.00 36.63 ? 62  ASP A O   1 
ATOM   384  C  CB  . ASP A 1 65  ? -8.526  -9.737  8.033   1.00 37.29 ? 62  ASP A CB  1 
ATOM   385  C  CG  . ASP A 1 65  ? -9.321  -8.700  8.799   1.00 39.21 ? 62  ASP A CG  1 
ATOM   386  O  OD1 . ASP A 1 65  ? -8.808  -7.608  9.042   1.00 43.96 ? 62  ASP A OD1 1 
ATOM   387  O  OD2 . ASP A 1 65  ? -10.497 -8.954  9.136   1.00 43.76 ? 62  ASP A OD2 1 
ATOM   388  N  N   . GLY A 1 66  ? -6.209  -9.551  10.041  1.00 35.50 ? 63  GLY A N   1 
ATOM   389  C  CA  . GLY A 1 66  ? -5.588  -10.260 11.166  1.00 34.12 ? 63  GLY A CA  1 
ATOM   390  C  C   . GLY A 1 66  ? -4.090  -10.390 11.073  1.00 33.18 ? 63  GLY A C   1 
ATOM   391  O  O   . GLY A 1 66  ? -3.554  -11.478 11.249  1.00 33.81 ? 63  GLY A O   1 
ATOM   392  N  N   . LEU A 1 67  ? -3.413  -9.279  10.802  1.00 32.49 ? 64  LEU A N   1 
ATOM   393  C  CA  . LEU A 1 67  ? -1.965  -9.286  10.591  1.00 31.48 ? 64  LEU A CA  1 
ATOM   394  C  C   . LEU A 1 67  ? -1.241  -8.780  11.808  1.00 31.28 ? 64  LEU A C   1 
ATOM   395  O  O   . LEU A 1 67  ? -1.731  -7.851  12.472  1.00 31.50 ? 64  LEU A O   1 
ATOM   396  C  CB  . LEU A 1 67  ? -1.579  -8.409  9.390   1.00 30.67 ? 64  LEU A CB  1 
ATOM   397  C  CG  . LEU A 1 67  ? -2.088  -8.811  8.003   1.00 31.25 ? 64  LEU A CG  1 
ATOM   398  C  CD1 . LEU A 1 67  ? -1.776  -7.736  6.958   1.00 31.16 ? 64  LEU A CD1 1 
ATOM   399  C  CD2 . LEU A 1 67  ? -1.517  -10.180 7.578   1.00 28.68 ? 64  LEU A CD2 1 
ATOM   400  N  N   . PRO A 1 68  ? -0.049  -9.354  12.081  1.00 31.00 ? 65  PRO A N   1 
ATOM   401  C  CA  . PRO A 1 68  ? 0.807   -8.735  13.060  1.00 30.93 ? 65  PRO A CA  1 
ATOM   402  C  C   . PRO A 1 68  ? 1.216   -7.386  12.506  1.00 31.79 ? 65  PRO A C   1 
ATOM   403  O  O   . PRO A 1 68  ? 1.253   -7.192  11.281  1.00 30.23 ? 65  PRO A O   1 
ATOM   404  C  CB  . PRO A 1 68  ? 2.003   -9.701  13.169  1.00 31.20 ? 65  PRO A CB  1 
ATOM   405  C  CG  . PRO A 1 68  ? 1.570   -10.959 12.535  1.00 31.38 ? 65  PRO A CG  1 
ATOM   406  C  CD  . PRO A 1 68  ? 0.562   -10.561 11.493  1.00 29.95 ? 65  PRO A CD  1 
ATOM   407  N  N   A ILE A 1 69  ? 1.470   -6.439  13.411  0.50 31.44 ? 66  ILE A N   1 
ATOM   408  N  N   B ILE A 1 69  ? 1.550   -6.463  13.386  0.50 31.80 ? 66  ILE A N   1 
ATOM   409  C  CA  A ILE A 1 69  ? 1.806   -5.075  13.020  0.50 31.76 ? 66  ILE A CA  1 
ATOM   410  C  CA  B ILE A 1 69  ? 1.747   -5.090  12.973  0.50 32.42 ? 66  ILE A CA  1 
ATOM   411  C  C   A ILE A 1 69  ? 2.993   -5.074  12.067  0.50 31.45 ? 66  ILE A C   1 
ATOM   412  C  C   B ILE A 1 69  ? 3.085   -4.901  12.217  0.50 32.01 ? 66  ILE A C   1 
ATOM   413  O  O   A ILE A 1 69  ? 2.924   -4.464  11.008  0.50 31.79 ? 66  ILE A O   1 
ATOM   414  O  O   B ILE A 1 69  ? 3.205   -3.996  11.401  0.50 32.74 ? 66  ILE A O   1 
ATOM   415  C  CB  A ILE A 1 69  ? 2.073   -4.105  14.236  0.50 31.63 ? 66  ILE A CB  1 
ATOM   416  C  CB  B ILE A 1 69  ? 1.475   -4.131  14.171  0.50 32.70 ? 66  ILE A CB  1 
ATOM   417  C  CG1 A ILE A 1 69  ? 2.280   -2.670  13.720  0.50 31.92 ? 66  ILE A CG1 1 
ATOM   418  C  CG1 B ILE A 1 69  ? 0.013   -4.317  14.613  0.50 33.88 ? 66  ILE A CG1 1 
ATOM   419  C  CG2 A ILE A 1 69  ? 3.257   -4.571  15.087  0.50 31.71 ? 66  ILE A CG2 1 
ATOM   420  C  CG2 B ILE A 1 69  ? 1.701   -2.668  13.794  0.50 32.31 ? 66  ILE A CG2 1 
ATOM   421  C  CD1 A ILE A 1 69  ? 2.393   -1.579  14.793  0.50 31.83 ? 66  ILE A CD1 1 
ATOM   422  C  CD1 B ILE A 1 69  ? -0.198  -4.393  16.116  0.50 36.48 ? 66  ILE A CD1 1 
ATOM   423  N  N   . GLY A 1 70  ? 4.053   -5.791  12.443  1.00 31.41 ? 67  GLY A N   1 
ATOM   424  C  CA  . GLY A 1 70  ? 5.334   -5.764  11.716  1.00 30.70 ? 67  GLY A CA  1 
ATOM   425  C  C   . GLY A 1 70  ? 5.169   -6.195  10.273  1.00 30.38 ? 67  GLY A C   1 
ATOM   426  O  O   . GLY A 1 70  ? 5.751   -5.600  9.356   1.00 30.37 ? 67  GLY A O   1 
ATOM   427  N  N   . THR A 1 71  ? 4.375   -7.249  10.084  1.00 28.80 ? 68  THR A N   1 
ATOM   428  C  CA  . THR A 1 71  ? 4.057   -7.772  8.773   1.00 27.43 ? 68  THR A CA  1 
ATOM   429  C  C   . THR A 1 71  ? 3.227   -6.741  7.978   1.00 27.74 ? 68  THR A C   1 
ATOM   430  O  O   . THR A 1 71  ? 3.523   -6.460  6.830   1.00 27.04 ? 68  THR A O   1 
ATOM   431  C  CB  . THR A 1 71  ? 3.332   -9.126  8.923   1.00 27.44 ? 68  THR A CB  1 
ATOM   432  O  OG1 . THR A 1 71  ? 4.242   -10.075 9.505   1.00 25.45 ? 68  THR A OG1 1 
ATOM   433  C  CG2 . THR A 1 71  ? 2.844   -9.654  7.571   1.00 26.27 ? 68  THR A CG2 1 
ATOM   434  N  N   . LEU A 1 72  ? 2.218   -6.159  8.613   1.00 27.72 ? 69  LEU A N   1 
ATOM   435  C  CA  . LEU A 1 72  ? 1.412   -5.103  7.983   1.00 28.20 ? 69  LEU A CA  1 
ATOM   436  C  C   . LEU A 1 72  ? 2.277   -3.946  7.504   1.00 28.05 ? 69  LEU A C   1 
ATOM   437  O  O   . LEU A 1 72  ? 2.090   -3.460  6.394   1.00 28.26 ? 69  LEU A O   1 
ATOM   438  C  CB  . LEU A 1 72  ? 0.353   -4.585  8.983   1.00 27.52 ? 69  LEU A CB  1 
ATOM   439  C  CG  . LEU A 1 72  ? -0.506  -3.390  8.542   1.00 30.68 ? 69  LEU A CG  1 
ATOM   440  C  CD1 . LEU A 1 72  ? -1.255  -3.685  7.213   1.00 27.86 ? 69  LEU A CD1 1 
ATOM   441  C  CD2 . LEU A 1 72  ? -1.516  -3.006  9.629   1.00 29.23 ? 69  LEU A CD2 1 
ATOM   442  N  N   . GLY A 1 73  ? 3.214   -3.509  8.338   1.00 26.95 ? 70  GLY A N   1 
ATOM   443  C  CA  . GLY A 1 73  ? 4.092   -2.400  7.981   1.00 26.94 ? 70  GLY A CA  1 
ATOM   444  C  C   . GLY A 1 73  ? 4.956   -2.688  6.770   1.00 26.68 ? 70  GLY A C   1 
ATOM   445  O  O   . GLY A 1 73  ? 5.201   -1.790  5.944   1.00 27.30 ? 70  GLY A O   1 
ATOM   446  N  N   . ILE A 1 74  ? 5.419   -3.926  6.646   1.00 25.67 ? 71  ILE A N   1 
ATOM   447  C  CA  . ILE A 1 74  ? 6.191   -4.315  5.475   1.00 25.61 ? 71  ILE A CA  1 
ATOM   448  C  C   . ILE A 1 74  ? 5.327   -4.299  4.189   1.00 25.47 ? 71  ILE A C   1 
ATOM   449  O  O   . ILE A 1 74  ? 5.777   -3.802  3.158   1.00 25.14 ? 71  ILE A O   1 
ATOM   450  C  CB  . ILE A 1 74  ? 6.886   -5.684  5.664   1.00 25.43 ? 71  ILE A CB  1 
ATOM   451  C  CG1 . ILE A 1 74  ? 7.929   -5.594  6.787   1.00 26.85 ? 71  ILE A CG1 1 
ATOM   452  C  CG2 . ILE A 1 74  ? 7.569   -6.150  4.374   1.00 25.67 ? 71  ILE A CG2 1 
ATOM   453  C  CD1 . ILE A 1 74  ? 8.325   -6.949  7.342   1.00 28.59 ? 71  ILE A CD1 1 
ATOM   454  N  N   . PHE A 1 75  ? 4.123   -4.876  4.254   1.00 24.62 ? 72  PHE A N   1 
ATOM   455  C  CA  . PHE A 1 75  ? 3.215   -4.890  3.094   1.00 24.90 ? 72  PHE A CA  1 
ATOM   456  C  C   . PHE A 1 75  ? 2.810   -3.459  2.713   1.00 25.95 ? 72  PHE A C   1 
ATOM   457  O  O   . PHE A 1 75  ? 2.679   -3.142  1.526   1.00 26.25 ? 72  PHE A O   1 
ATOM   458  C  CB  . PHE A 1 75  ? 1.950   -5.676  3.401   1.00 24.74 ? 72  PHE A CB  1 
ATOM   459  C  CG  . PHE A 1 75  ? 2.139   -7.177  3.436   1.00 24.92 ? 72  PHE A CG  1 
ATOM   460  C  CD1 . PHE A 1 75  ? 3.002   -7.821  2.547   1.00 25.18 ? 72  PHE A CD1 1 
ATOM   461  C  CD2 . PHE A 1 75  ? 1.383   -7.950  4.304   1.00 26.94 ? 72  PHE A CD2 1 
ATOM   462  C  CE1 . PHE A 1 75  ? 3.150   -9.236  2.549   1.00 25.86 ? 72  PHE A CE1 1 
ATOM   463  C  CE2 . PHE A 1 75  ? 1.518   -9.364  4.330   1.00 24.38 ? 72  PHE A CE2 1 
ATOM   464  C  CZ  . PHE A 1 75  ? 2.398   -10.006 3.460   1.00 24.99 ? 72  PHE A CZ  1 
ATOM   465  N  N   . ALA A 1 76  ? 2.591   -2.621  3.725   1.00 26.07 ? 73  ALA A N   1 
ATOM   466  C  CA  . ALA A 1 76  ? 2.010   -1.271  3.527   1.00 27.36 ? 73  ALA A CA  1 
ATOM   467  C  C   . ALA A 1 76  ? 3.069   -0.252  3.163   1.00 28.18 ? 73  ALA A C   1 
ATOM   468  O  O   . ALA A 1 76  ? 2.743   0.821   2.639   1.00 29.63 ? 73  ALA A O   1 
ATOM   469  C  CB  . ALA A 1 76  ? 1.272   -0.818  4.789   1.00 27.11 ? 73  ALA A CB  1 
ATOM   470  N  N   . VAL A 1 77  ? 4.331   -0.585  3.428   1.00 28.09 ? 74  VAL A N   1 
ATOM   471  C  CA  . VAL A 1 77  ? 5.471   0.360   3.332   1.00 28.35 ? 74  VAL A CA  1 
ATOM   472  C  C   . VAL A 1 77  ? 5.251   1.562   4.260   1.00 29.53 ? 74  VAL A C   1 
ATOM   473  O  O   . VAL A 1 77  ? 5.174   2.728   3.822   1.00 28.06 ? 74  VAL A O   1 
ATOM   474  C  CB  . VAL A 1 77  ? 5.814   0.781   1.883   1.00 29.07 ? 74  VAL A CB  1 
ATOM   475  C  CG1 . VAL A 1 77  ? 7.247   1.347   1.832   1.00 28.67 ? 74  VAL A CG1 1 
ATOM   476  C  CG2 . VAL A 1 77  ? 5.704   -0.411  0.941   1.00 27.07 ? 74  VAL A CG2 1 
ATOM   477  N  N   . VAL A 1 78  ? 5.100   1.248   5.542   1.00 29.25 ? 75  VAL A N   1 
ATOM   478  C  CA  . VAL A 1 78  ? 4.925   2.256   6.593   1.00 30.37 ? 75  VAL A CA  1 
ATOM   479  C  C   . VAL A 1 78  ? 5.847   1.892   7.746   1.00 30.92 ? 75  VAL A C   1 
ATOM   480  O  O   . VAL A 1 78  ? 5.804   0.761   8.233   1.00 30.71 ? 75  VAL A O   1 
ATOM   481  C  CB  . VAL A 1 78  ? 3.472   2.284   7.137   1.00 30.28 ? 75  VAL A CB  1 
ATOM   482  C  CG1 . VAL A 1 78  ? 3.328   3.388   8.222   1.00 30.32 ? 75  VAL A CG1 1 
ATOM   483  C  CG2 . VAL A 1 78  ? 2.474   2.526   6.017   1.00 29.89 ? 75  VAL A CG2 1 
ATOM   484  N  N   . GLU A 1 79  ? 6.662   2.841   8.182   1.00 31.78 ? 76  GLU A N   1 
ATOM   485  C  CA  . GLU A 1 79  ? 7.515   2.649   9.358   1.00 33.61 ? 76  GLU A CA  1 
ATOM   486  C  C   . GLU A 1 79  ? 6.668   2.305   10.582  1.00 33.93 ? 76  GLU A C   1 
ATOM   487  O  O   . GLU A 1 79  ? 5.565   2.842   10.758  1.00 32.75 ? 76  GLU A O   1 
ATOM   488  C  CB  . GLU A 1 79  ? 8.400   3.887   9.600   1.00 33.93 ? 76  GLU A CB  1 
ATOM   489  C  CG  . GLU A 1 79  ? 9.429   3.726   10.723  1.00 37.46 ? 76  GLU A CG  1 
ATOM   490  C  CD  . GLU A 1 79  ? 8.890   4.103   12.112  1.00 41.68 ? 76  GLU A CD  1 
ATOM   491  O  OE1 . GLU A 1 79  ? 7.932   4.914   12.191  1.00 43.55 ? 76  GLU A OE1 1 
ATOM   492  O  OE2 . GLU A 1 79  ? 9.421   3.590   13.137  1.00 43.25 ? 76  GLU A OE2 1 
ATOM   493  N  N   . GLN A 1 80  ? 7.192   1.403   11.419  1.00 34.90 ? 77  GLN A N   1 
ATOM   494  C  CA  . GLN A 1 80  ? 6.422   0.832   12.529  1.00 36.36 ? 77  GLN A CA  1 
ATOM   495  C  C   . GLN A 1 80  ? 5.818   1.856   13.493  1.00 35.64 ? 77  GLN A C   1 
ATOM   496  O  O   . GLN A 1 80  ? 4.640   1.767   13.816  1.00 35.79 ? 77  GLN A O   1 
ATOM   497  C  CB  . GLN A 1 80  ? 7.252   -0.191  13.303  1.00 37.82 ? 77  GLN A CB  1 
ATOM   498  C  CG  . GLN A 1 80  ? 6.403   -1.352  13.856  1.00 43.33 ? 77  GLN A CG  1 
ATOM   499  C  CD  . GLN A 1 80  ? 7.110   -2.707  13.740  1.00 49.85 ? 77  GLN A CD  1 
ATOM   500  O  OE1 . GLN A 1 80  ? 8.083   -2.856  12.993  1.00 52.43 ? 77  GLN A OE1 1 
ATOM   501  N  NE2 . GLN A 1 80  ? 6.616   -3.703  14.482  1.00 52.82 ? 77  GLN A NE2 1 
ATOM   502  N  N   . SER A 1 81  ? 6.596   2.832   13.950  1.00 35.25 ? 78  SER A N   1 
ATOM   503  C  CA  . SER A 1 81  ? 6.023   3.791   14.917  1.00 34.40 ? 78  SER A CA  1 
ATOM   504  C  C   . SER A 1 81  ? 4.907   4.580   14.246  1.00 33.03 ? 78  SER A C   1 
ATOM   505  O  O   . SER A 1 81  ? 3.857   4.826   14.844  1.00 32.80 ? 78  SER A O   1 
ATOM   506  C  CB  . SER A 1 81  ? 7.093   4.726   15.506  1.00 34.61 ? 78  SER A CB  1 
ATOM   507  O  OG  . SER A 1 81  ? 7.739   5.438   14.462  1.00 37.16 ? 78  SER A OG  1 
ATOM   508  N  N   . THR A 1 82  ? 5.140   4.966   12.996  1.00 31.74 ? 79  THR A N   1 
ATOM   509  C  CA  . THR A 1 82  ? 4.159   5.708   12.207  1.00 30.55 ? 79  THR A CA  1 
ATOM   510  C  C   . THR A 1 82  ? 2.908   4.846   12.030  1.00 29.81 ? 79  THR A C   1 
ATOM   511  O  O   . THR A 1 82  ? 1.780   5.313   12.194  1.00 29.12 ? 79  THR A O   1 
ATOM   512  C  CB  . THR A 1 82  ? 4.745   6.107   10.821  1.00 31.14 ? 79  THR A CB  1 
ATOM   513  O  OG1 . THR A 1 82  ? 5.854   7.009   11.011  1.00 30.46 ? 79  THR A OG1 1 
ATOM   514  C  CG2 . THR A 1 82  ? 3.682   6.787   9.958   1.00 31.20 ? 79  THR A CG2 1 
ATOM   515  N  N   . LEU A 1 83  ? 3.106   3.575   11.718  1.00 29.00 ? 80  LEU A N   1 
ATOM   516  C  CA  . LEU A 1 83  ? 1.969   2.692   11.593  1.00 30.06 ? 80  LEU A CA  1 
ATOM   517  C  C   . LEU A 1 83  ? 1.194   2.483   12.919  1.00 30.22 ? 80  LEU A C   1 
ATOM   518  O  O   . LEU A 1 83  ? -0.031  2.422   12.912  1.00 30.48 ? 80  LEU A O   1 
ATOM   519  C  CB  . LEU A 1 83  ? 2.419   1.358   11.012  1.00 30.14 ? 80  LEU A CB  1 
ATOM   520  C  CG  . LEU A 1 83  ? 1.362   0.259   10.885  1.00 29.68 ? 80  LEU A CG  1 
ATOM   521  C  CD1 . LEU A 1 83  ? 0.299   0.675   9.887   1.00 30.90 ? 80  LEU A CD1 1 
ATOM   522  C  CD2 . LEU A 1 83  ? 2.104   -0.941  10.376  1.00 29.25 ? 80  LEU A CD2 1 
ATOM   523  N  N   . SER A 1 84  ? 1.907   2.377   14.038  1.00 30.41 ? 81  SER A N   1 
ATOM   524  C  CA  . SER A 1 84  ? 1.250   2.155   15.333  1.00 31.18 ? 81  SER A CA  1 
ATOM   525  C  C   . SER A 1 84  ? 0.338   3.323   15.644  1.00 31.06 ? 81  SER A C   1 
ATOM   526  O  O   . SER A 1 84  ? -0.803  3.120   16.066  1.00 31.01 ? 81  SER A O   1 
ATOM   527  C  CB  . SER A 1 84  ? 2.287   1.996   16.457  1.00 32.50 ? 81  SER A CB  1 
ATOM   528  O  OG  . SER A 1 84  ? 1.635   1.592   17.657  1.00 34.73 ? 81  SER A OG  1 
ATOM   529  N  N   . ARG A 1 85  ? 0.815   4.542   15.388  1.00 30.87 ? 82  ARG A N   1 
ATOM   530  C  CA  . ARG A 1 85  ? -0.005  5.747   15.604  1.00 32.78 ? 82  ARG A CA  1 
ATOM   531  C  C   . ARG A 1 85  ? -1.235  5.750   14.698  1.00 31.33 ? 82  ARG A C   1 
ATOM   532  O  O   . ARG A 1 85  ? -2.331  6.099   15.137  1.00 31.05 ? 82  ARG A O   1 
ATOM   533  C  CB  . ARG A 1 85  ? 0.808   7.044   15.409  1.00 33.27 ? 82  ARG A CB  1 
ATOM   534  C  CG  . ARG A 1 85  ? 1.852   7.310   16.506  1.00 36.39 ? 82  ARG A CG  1 
ATOM   535  C  CD  . ARG A 1 85  ? 2.549   8.673   16.346  1.00 35.72 ? 82  ARG A CD  1 
ATOM   536  N  NE  . ARG A 1 85  ? 3.184   8.823   15.031  1.00 42.31 ? 82  ARG A NE  1 
ATOM   537  C  CZ  . ARG A 1 85  ? 4.479   8.620   14.779  1.00 44.76 ? 82  ARG A CZ  1 
ATOM   538  N  NH1 . ARG A 1 85  ? 5.302   8.253   15.754  1.00 46.62 ? 82  ARG A NH1 1 
ATOM   539  N  NH2 . ARG A 1 85  ? 4.957   8.778   13.540  1.00 46.97 ? 82  ARG A NH2 1 
ATOM   540  N  N   . ALA A 1 86  ? -1.053  5.364   13.443  1.00 30.46 ? 83  ALA A N   1 
ATOM   541  C  CA  . ALA A 1 86  ? -2.169  5.249   12.478  1.00 30.61 ? 83  ALA A CA  1 
ATOM   542  C  C   . ALA A 1 86  ? -3.245  4.278   12.943  1.00 30.27 ? 83  ALA A C   1 
ATOM   543  O  O   . ALA A 1 86  ? -4.440  4.586   12.906  1.00 30.17 ? 83  ALA A O   1 
ATOM   544  C  CB  . ALA A 1 86  ? -1.635  4.811   11.110  1.00 30.30 ? 83  ALA A CB  1 
ATOM   545  N  N   . LEU A 1 87  ? -2.825  3.090   13.377  1.00 30.05 ? 84  LEU A N   1 
ATOM   546  C  CA  . LEU A 1 87  ? -3.765  2.109   13.948  1.00 29.96 ? 84  LEU A CA  1 
ATOM   547  C  C   . LEU A 1 87  ? -4.459  2.628   15.210  1.00 29.78 ? 84  LEU A C   1 
ATOM   548  O  O   . LEU A 1 87  ? -5.622  2.330   15.416  1.00 29.84 ? 84  LEU A O   1 
ATOM   549  C  CB  . LEU A 1 87  ? -3.066  0.767   14.251  1.00 29.83 ? 84  LEU A CB  1 
ATOM   550  C  CG  . LEU A 1 87  ? -2.438  0.121   13.009  1.00 30.66 ? 84  LEU A CG  1 
ATOM   551  C  CD1 . LEU A 1 87  ? -1.648  -1.127  13.412  1.00 31.94 ? 84  LEU A CD1 1 
ATOM   552  C  CD2 . LEU A 1 87  ? -3.491  -0.196  11.959  1.00 29.58 ? 84  LEU A CD2 1 
ATOM   553  N  N   . ASP A 1 88  ? -3.758  3.394   16.038  1.00 29.61 ? 85  ASP A N   1 
ATOM   554  C  CA  . ASP A 1 88  ? -4.360  3.961   17.251  1.00 29.62 ? 85  ASP A CA  1 
ATOM   555  C  C   . ASP A 1 88  ? -5.553  4.822   16.819  1.00 30.28 ? 85  ASP A C   1 
ATOM   556  O  O   . ASP A 1 88  ? -6.626  4.763   17.429  1.00 29.34 ? 85  ASP A O   1 
ATOM   557  C  CB  . ASP A 1 88  ? -3.369  4.847   18.026  1.00 29.38 ? 85  ASP A CB  1 
ATOM   558  C  CG  . ASP A 1 88  ? -2.295  4.059   18.767  1.00 29.61 ? 85  ASP A CG  1 
ATOM   559  O  OD1 . ASP A 1 88  ? -2.435  2.835   19.024  1.00 31.45 ? 85  ASP A OD1 1 
ATOM   560  O  OD2 . ASP A 1 88  ? -1.292  4.694   19.119  1.00 27.16 ? 85  ASP A OD2 1 
ATOM   561  N  N   . GLY A 1 89  ? -5.340  5.601   15.750  1.00 30.42 ? 86  GLY A N   1 
ATOM   562  C  CA  . GLY A 1 89  ? -6.347  6.535   15.220  1.00 30.96 ? 86  GLY A CA  1 
ATOM   563  C  C   . GLY A 1 89  ? -7.509  5.767   14.617  1.00 30.57 ? 86  GLY A C   1 
ATOM   564  O  O   . GLY A 1 89  ? -8.686  6.073   14.889  1.00 30.84 ? 86  GLY A O   1 
ATOM   565  N  N   . LEU A 1 90  ? -7.186  4.751   13.829  1.00 29.87 ? 87  LEU A N   1 
ATOM   566  C  CA  . LEU A 1 90  ? -8.218  3.942   13.175  1.00 30.15 ? 87  LEU A CA  1 
ATOM   567  C  C   . LEU A 1 90  ? -9.067  3.212   14.207  1.00 30.09 ? 87  LEU A C   1 
ATOM   568  O  O   . LEU A 1 90  ? -10.288 3.108   14.075  1.00 30.16 ? 87  LEU A O   1 
ATOM   569  C  CB  . LEU A 1 90  ? -7.585  2.937   12.197  1.00 30.24 ? 87  LEU A CB  1 
ATOM   570  C  CG  . LEU A 1 90  ? -6.977  3.568   10.940  1.00 29.59 ? 87  LEU A CG  1 
ATOM   571  C  CD1 . LEU A 1 90  ? -6.118  2.531   10.186  1.00 28.80 ? 87  LEU A CD1 1 
ATOM   572  C  CD2 . LEU A 1 90  ? -8.083  4.161   10.027  1.00 30.24 ? 87  LEU A CD2 1 
ATOM   573  N  N   . GLN A 1 91  ? -8.417  2.716   15.252  1.00 30.00 ? 88  GLN A N   1 
ATOM   574  C  CA  . GLN A 1 91  ? -9.131  2.011   16.296  1.00 29.86 ? 88  GLN A CA  1 
ATOM   575  C  C   . GLN A 1 91  ? -10.032 2.967   17.079  1.00 29.99 ? 88  GLN A C   1 
ATOM   576  O  O   . GLN A 1 91  ? -11.175 2.625   17.392  1.00 30.06 ? 88  GLN A O   1 
ATOM   577  C  CB  . GLN A 1 91  ? -8.154  1.294   17.240  1.00 29.85 ? 88  GLN A CB  1 
ATOM   578  C  CG  . GLN A 1 91  ? -8.873  0.576   18.362  1.00 28.35 ? 88  GLN A CG  1 
ATOM   579  C  CD  . GLN A 1 91  ? -7.938  -0.281  19.147  1.00 29.93 ? 88  GLN A CD  1 
ATOM   580  O  OE1 . GLN A 1 91  ? -7.379  -1.233  18.611  1.00 32.05 ? 88  GLN A OE1 1 
ATOM   581  N  NE2 . GLN A 1 91  ? -7.733  0.061   20.416  1.00 28.04 ? 88  GLN A NE2 1 
ATOM   582  N  N   . ALA A 1 92  ? -9.514  4.159   17.380  1.00 30.12 ? 89  ALA A N   1 
ATOM   583  C  CA  . ALA A 1 92  ? -10.274 5.188   18.097  1.00 29.80 ? 89  ALA A CA  1 
ATOM   584  C  C   . ALA A 1 92  ? -11.570 5.512   17.368  1.00 30.14 ? 89  ALA A C   1 
ATOM   585  O  O   . ALA A 1 92  ? -12.592 5.808   17.992  1.00 28.75 ? 89  ALA A O   1 
ATOM   586  C  CB  . ALA A 1 92  ? -9.438  6.443   18.285  1.00 29.10 ? 89  ALA A CB  1 
ATOM   587  N  N   . ASP A 1 93  ? -11.512 5.462   16.040  1.00 30.93 ? 90  ASP A N   1 
ATOM   588  C  CA  . ASP A 1 93  ? -12.654 5.778   15.175  1.00 31.56 ? 90  ASP A CA  1 
ATOM   589  C  C   . ASP A 1 93  ? -13.474 4.530   14.799  1.00 32.16 ? 90  ASP A C   1 
ATOM   590  O  O   . ASP A 1 93  ? -14.376 4.593   13.969  1.00 31.74 ? 90  ASP A O   1 
ATOM   591  C  CB  . ASP A 1 93  ? -12.155 6.539   13.926  1.00 32.10 ? 90  ASP A CB  1 
ATOM   592  C  CG  . ASP A 1 93  ? -11.555 7.930   14.279  1.00 32.67 ? 90  ASP A CG  1 
ATOM   593  O  OD1 . ASP A 1 93  ? -11.971 8.536   15.294  1.00 32.12 ? 90  ASP A OD1 1 
ATOM   594  O  OD2 . ASP A 1 93  ? -10.658 8.409   13.555  1.00 35.06 ? 90  ASP A OD2 1 
ATOM   595  N  N   . GLY A 1 94  ? -13.168 3.396   15.426  1.00 32.11 ? 91  GLY A N   1 
ATOM   596  C  CA  . GLY A 1 94  ? -13.932 2.159   15.211  1.00 31.78 ? 91  GLY A CA  1 
ATOM   597  C  C   . GLY A 1 94  ? -13.680 1.449   13.879  1.00 31.52 ? 91  GLY A C   1 
ATOM   598  O  O   . GLY A 1 94  ? -14.463 0.594   13.488  1.00 30.65 ? 91  GLY A O   1 
ATOM   599  N  N   . LEU A 1 95  ? -12.571 1.775   13.206  1.00 31.24 ? 92  LEU A N   1 
ATOM   600  C  CA  . LEU A 1 95  ? -12.302 1.273   11.849  1.00 31.17 ? 92  LEU A CA  1 
ATOM   601  C  C   . LEU A 1 95  ? -11.431 0.034   11.815  1.00 31.67 ? 92  LEU A C   1 
ATOM   602  O  O   . LEU A 1 95  ? -11.416 -0.720  10.818  1.00 31.18 ? 92  LEU A O   1 
ATOM   603  C  CB  . LEU A 1 95  ? -11.679 2.375   10.981  1.00 32.00 ? 92  LEU A CB  1 
ATOM   604  C  CG  . LEU A 1 95  ? -12.412 3.729   10.986  1.00 31.59 ? 92  LEU A CG  1 
ATOM   605  C  CD1 . LEU A 1 95  ? -11.806 4.692   9.966   1.00 34.12 ? 92  LEU A CD1 1 
ATOM   606  C  CD2 . LEU A 1 95  ? -13.913 3.559   10.751  1.00 32.69 ? 92  LEU A CD2 1 
ATOM   607  N  N   . VAL A 1 96  ? -10.679 -0.166  12.890  1.00 31.28 ? 93  VAL A N   1 
ATOM   608  C  CA  . VAL A 1 96  ? -9.969  -1.422  13.079  1.00 31.38 ? 93  VAL A CA  1 
ATOM   609  C  C   . VAL A 1 96  ? -10.119 -1.816  14.537  1.00 31.12 ? 93  VAL A C   1 
ATOM   610  O  O   . VAL A 1 96  ? -10.540 -1.014  15.373  1.00 31.80 ? 93  VAL A O   1 
ATOM   611  C  CB  . VAL A 1 96  ? -8.452  -1.369  12.695  1.00 31.02 ? 93  VAL A CB  1 
ATOM   612  C  CG1 . VAL A 1 96  ? -8.230  -0.916  11.247  1.00 31.17 ? 93  VAL A CG1 1 
ATOM   613  C  CG2 . VAL A 1 96  ? -7.621  -0.559  13.700  1.00 30.23 ? 93  VAL A CG2 1 
ATOM   614  N  N   . ARG A 1 97  ? -9.776  -3.056  14.824  1.00 31.17 ? 94  ARG A N   1 
ATOM   615  C  CA  . ARG A 1 97  ? -9.686  -3.534  16.180  1.00 32.21 ? 94  ARG A CA  1 
ATOM   616  C  C   . ARG A 1 97  ? -8.414  -4.354  16.312  1.00 31.57 ? 94  ARG A C   1 
ATOM   617  O  O   . ARG A 1 97  ? -8.030  -5.044  15.369  1.00 32.14 ? 94  ARG A O   1 
ATOM   618  C  CB  . ARG A 1 97  ? -10.910 -4.396  16.537  1.00 31.68 ? 94  ARG A CB  1 
ATOM   619  C  CG  . ARG A 1 97  ? -11.126 -5.540  15.576  1.00 33.00 ? 94  ARG A CG  1 
ATOM   620  C  CD  . ARG A 1 97  ? -12.409 -6.336  15.845  1.00 34.34 ? 94  ARG A CD  1 
ATOM   621  N  NE  . ARG A 1 97  ? -12.558 -7.371  14.819  1.00 38.01 ? 94  ARG A NE  1 
ATOM   622  C  CZ  . ARG A 1 97  ? -12.086 -8.608  14.940  1.00 39.16 ? 94  ARG A CZ  1 
ATOM   623  N  NH1 . ARG A 1 97  ? -11.458 -8.965  16.054  1.00 40.54 ? 94  ARG A NH1 1 
ATOM   624  N  NH2 . ARG A 1 97  ? -12.241 -9.487  13.951  1.00 36.55 ? 94  ARG A NH2 1 
ATOM   625  N  N   . ARG A 1 98  ? -7.800  -4.286  17.493  1.00 30.75 ? 95  ARG A N   1 
ATOM   626  C  CA  . ARG A 1 98  ? -6.568  -5.023  17.786  1.00 29.83 ? 95  ARG A CA  1 
ATOM   627  C  C   . ARG A 1 98  ? -6.797  -5.948  18.934  1.00 29.45 ? 95  ARG A C   1 
ATOM   628  O  O   . ARG A 1 98  ? -7.472  -5.581  19.906  1.00 27.44 ? 95  ARG A O   1 
ATOM   629  C  CB  . ARG A 1 98  ? -5.426  -4.062  18.121  1.00 29.80 ? 95  ARG A CB  1 
ATOM   630  C  CG  . ARG A 1 98  ? -4.902  -3.321  16.892  1.00 30.62 ? 95  ARG A CG  1 
ATOM   631  C  CD  . ARG A 1 98  ? -3.892  -2.224  17.265  1.00 30.95 ? 95  ARG A CD  1 
ATOM   632  N  NE  . ARG A 1 98  ? -4.486  -1.137  18.076  1.00 30.26 ? 95  ARG A NE  1 
ATOM   633  C  CZ  . ARG A 1 98  ? -3.849  -0.012  18.398  1.00 31.36 ? 95  ARG A CZ  1 
ATOM   634  N  NH1 . ARG A 1 98  ? -2.606  0.180   17.995  1.00 29.97 ? 95  ARG A NH1 1 
ATOM   635  N  NH2 . ARG A 1 98  ? -4.442  0.912   19.157  1.00 34.16 ? 95  ARG A NH2 1 
ATOM   636  N  N   . GLU A 1 99  ? -6.248  -7.160  18.824  1.00 29.48 ? 96  GLU A N   1 
ATOM   637  C  CA  . GLU A 1 99  ? -6.344  -8.157  19.891  1.00 30.64 ? 96  GLU A CA  1 
ATOM   638  C  C   . GLU A 1 99  ? -4.976  -8.751  20.147  1.00 30.22 ? 96  GLU A C   1 
ATOM   639  O  O   . GLU A 1 99  ? -4.180  -8.891  19.224  1.00 29.77 ? 96  GLU A O   1 
ATOM   640  C  CB  . GLU A 1 99  ? -7.273  -9.309  19.494  1.00 30.77 ? 96  GLU A CB  1 
ATOM   641  C  CG  . GLU A 1 99  ? -8.641  -8.884  19.041  1.00 32.97 ? 96  GLU A CG  1 
ATOM   642  C  CD  . GLU A 1 99  ? -9.509  -10.050 18.608  1.00 33.19 ? 96  GLU A CD  1 
ATOM   643  O  OE1 . GLU A 1 99  ? -8.984  -11.180 18.432  1.00 35.37 ? 96  GLU A OE1 1 
ATOM   644  O  OE2 . GLU A 1 99  ? -10.726 -9.814  18.441  1.00 37.52 ? 96  GLU A OE2 1 
ATOM   645  N  N   . VAL A 1 100 ? -4.715  -9.091  21.399  1.00 30.88 ? 97  VAL A N   1 
ATOM   646  C  CA  . VAL A 1 100 ? -3.493  -9.761  21.767  1.00 32.78 ? 97  VAL A CA  1 
ATOM   647  C  C   . VAL A 1 100 ? -3.573  -11.212 21.304  1.00 34.16 ? 97  VAL A C   1 
ATOM   648  O  O   . VAL A 1 100 ? -4.621  -11.848 21.458  1.00 33.91 ? 97  VAL A O   1 
ATOM   649  C  CB  . VAL A 1 100 ? -3.297  -9.761  23.310  1.00 32.61 ? 97  VAL A CB  1 
ATOM   650  C  CG1 . VAL A 1 100 ? -2.016  -10.482 23.688  1.00 33.48 ? 97  VAL A CG1 1 
ATOM   651  C  CG2 . VAL A 1 100 ? -3.282  -8.344  23.846  1.00 33.33 ? 97  VAL A CG2 1 
ATOM   652  N  N   . ASP A 1 101 ? -2.474  -11.727 20.751  1.00 35.68 ? 98  ASP A N   1 
ATOM   653  C  CA  . ASP A 1 101 ? -2.259  -13.182 20.692  1.00 37.87 ? 98  ASP A CA  1 
ATOM   654  C  C   . ASP A 1 101 ? -2.204  -13.778 22.096  1.00 38.13 ? 98  ASP A C   1 
ATOM   655  O  O   . ASP A 1 101 ? -3.080  -14.556 22.501  1.00 38.91 ? 98  ASP A O   1 
ATOM   656  C  CB  . ASP A 1 101 ? -0.963  -13.522 19.941  1.00 38.50 ? 98  ASP A CB  1 
ATOM   657  C  CG  . ASP A 1 101 ? -1.127  -13.434 18.443  1.00 41.08 ? 98  ASP A CG  1 
ATOM   658  O  OD1 . ASP A 1 101 ? -2.149  -12.872 17.992  1.00 42.62 ? 98  ASP A OD1 1 
ATOM   659  O  OD2 . ASP A 1 101 ? -0.248  -13.942 17.713  1.00 43.39 ? 98  ASP A OD2 1 
ATOM   660  N  N   . ASP A 1 104 ? -1.003  -16.948 21.698  1.00 58.65 ? 101 ASP A N   1 
ATOM   661  C  CA  . ASP A 1 104 ? -0.336  -16.568 22.944  1.00 58.54 ? 101 ASP A CA  1 
ATOM   662  C  C   . ASP A 1 104 ? 1.143   -16.211 22.729  1.00 58.45 ? 101 ASP A C   1 
ATOM   663  O  O   . ASP A 1 104 ? 1.991   -16.477 23.588  1.00 58.57 ? 101 ASP A O   1 
ATOM   664  C  CB  . ASP A 1 104 ? -0.493  -17.670 23.994  1.00 58.50 ? 101 ASP A CB  1 
ATOM   665  N  N   . GLN A 1 105 ? 1.437   -15.602 21.578  1.00 58.16 ? 102 GLN A N   1 
ATOM   666  C  CA  . GLN A 1 105 ? 2.783   -15.122 21.246  1.00 57.79 ? 102 GLN A CA  1 
ATOM   667  C  C   . GLN A 1 105 ? 3.094   -13.756 21.890  1.00 57.43 ? 102 GLN A C   1 
ATOM   668  O  O   . GLN A 1 105 ? 4.073   -13.091 21.506  1.00 57.81 ? 102 GLN A O   1 
ATOM   669  C  CB  . GLN A 1 105 ? 2.955   -15.043 19.721  1.00 57.86 ? 102 GLN A CB  1 
ATOM   670  N  N   . ARG A 1 106 ? 2.258   -13.357 22.862  1.00 56.31 ? 103 ARG A N   1 
ATOM   671  C  CA  . ARG A 1 106 ? 2.363   -12.089 23.621  1.00 54.90 ? 103 ARG A CA  1 
ATOM   672  C  C   . ARG A 1 106 ? 2.511   -10.814 22.770  1.00 53.74 ? 103 ARG A C   1 
ATOM   673  O  O   . ARG A 1 106 ? 3.121   -9.823  23.210  1.00 53.86 ? 103 ARG A O   1 
ATOM   674  C  CB  . ARG A 1 106 ? 3.416   -12.166 24.748  1.00 55.31 ? 103 ARG A CB  1 
ATOM   675  C  CG  . ARG A 1 106 ? 4.809   -12.674 24.355  1.00 55.53 ? 103 ARG A CG  1 
ATOM   676  C  CD  . ARG A 1 106 ? 5.802   -12.499 25.478  1.00 55.82 ? 103 ARG A CD  1 
ATOM   677  N  NE  . ARG A 1 106 ? 5.731   -13.575 26.467  1.00 57.75 ? 103 ARG A NE  1 
ATOM   678  C  CZ  . ARG A 1 106 ? 6.588   -13.729 27.476  1.00 58.69 ? 103 ARG A CZ  1 
ATOM   679  N  NH1 . ARG A 1 106 ? 7.595   -12.877 27.646  1.00 59.56 ? 103 ARG A NH1 1 
ATOM   680  N  NH2 . ARG A 1 106 ? 6.447   -14.743 28.322  1.00 59.03 ? 103 ARG A NH2 1 
ATOM   681  N  N   . SER A 1 107 ? 1.923   -10.856 21.569  1.00 51.11 ? 104 SER A N   1 
ATOM   682  C  CA  . SER A 1 107 ? 1.892   -9.732  20.626  1.00 49.28 ? 104 SER A CA  1 
ATOM   683  C  C   . SER A 1 107 ? 0.443   -9.421  20.158  1.00 46.56 ? 104 SER A C   1 
ATOM   684  O  O   . SER A 1 107 ? -0.498  -10.063 20.610  1.00 46.85 ? 104 SER A O   1 
ATOM   685  C  CB  . SER A 1 107 ? 2.754   -10.066 19.407  1.00 49.67 ? 104 SER A CB  1 
ATOM   686  O  OG  . SER A 1 107 ? 2.046   -10.949 18.547  1.00 51.19 ? 104 SER A OG  1 
ATOM   687  N  N   . SER A 1 108 ? 0.264   -8.481  19.236  1.00 43.54 ? 105 SER A N   1 
ATOM   688  C  CA  . SER A 1 108 ? -1.097  -8.136  18.786  1.00 40.57 ? 105 SER A CA  1 
ATOM   689  C  C   . SER A 1 108 ? -1.367  -8.245  17.282  1.00 37.94 ? 105 SER A C   1 
ATOM   690  O  O   . SER A 1 108 ? -0.469  -8.091  16.457  1.00 37.62 ? 105 SER A O   1 
ATOM   691  C  CB  . SER A 1 108 ? -1.519  -6.756  19.319  1.00 40.49 ? 105 SER A CB  1 
ATOM   692  O  OG  . SER A 1 108 ? -1.454  -5.771  18.317  1.00 42.69 ? 105 SER A OG  1 
ATOM   693  N  N   . ARG A 1 109 ? -2.618  -8.525  16.939  1.00 34.82 ? 106 ARG A N   1 
ATOM   694  C  CA  . ARG A 1 109 ? -3.021  -8.634  15.540  1.00 32.92 ? 106 ARG A CA  1 
ATOM   695  C  C   . ARG A 1 109 ? -4.108  -7.623  15.265  1.00 32.46 ? 106 ARG A C   1 
ATOM   696  O  O   . ARG A 1 109 ? -4.911  -7.309  16.156  1.00 31.34 ? 106 ARG A O   1 
ATOM   697  C  CB  . ARG A 1 109 ? -3.533  -10.030 15.205  1.00 32.17 ? 106 ARG A CB  1 
ATOM   698  C  CG  . ARG A 1 109 ? -2.453  -11.065 15.171  1.00 32.95 ? 106 ARG A CG  1 
ATOM   699  C  CD  . ARG A 1 109 ? -2.980  -12.391 14.696  1.00 30.77 ? 106 ARG A CD  1 
ATOM   700  N  NE  . ARG A 1 109 ? -1.905  -13.360 14.765  1.00 32.25 ? 106 ARG A NE  1 
ATOM   701  C  CZ  . ARG A 1 109 ? -1.116  -13.672 13.742  1.00 30.86 ? 106 ARG A CZ  1 
ATOM   702  N  NH1 . ARG A 1 109 ? -1.320  -13.123 12.556  1.00 29.37 ? 106 ARG A NH1 1 
ATOM   703  N  NH2 . ARG A 1 109 ? -0.146  -14.556 13.910  1.00 31.11 ? 106 ARG A NH2 1 
ATOM   704  N  N   . VAL A 1 110 ? -4.115  -7.103  14.047  1.00 32.10 ? 107 VAL A N   1 
ATOM   705  C  CA  . VAL A 1 110 ? -5.072  -6.063  13.652  1.00 32.87 ? 107 VAL A CA  1 
ATOM   706  C  C   . VAL A 1 110 ? -6.097  -6.549  12.621  1.00 33.14 ? 107 VAL A C   1 
ATOM   707  O  O   . VAL A 1 110 ? -5.747  -7.248  11.660  1.00 32.91 ? 107 VAL A O   1 
ATOM   708  C  CB  . VAL A 1 110 ? -4.361  -4.747  13.210  1.00 34.09 ? 107 VAL A CB  1 
ATOM   709  C  CG1 . VAL A 1 110 ? -3.420  -4.985  12.059  1.00 34.70 ? 107 VAL A CG1 1 
ATOM   710  C  CG2 . VAL A 1 110 ? -5.388  -3.655  12.835  1.00 32.14 ? 107 VAL A CG2 1 
ATOM   711  N  N   . TYR A 1 111 ? -7.367  -6.199  12.866  1.00 32.69 ? 108 TYR A N   1 
ATOM   712  C  CA  . TYR A 1 111 ? -8.501  -6.677  12.083  1.00 32.37 ? 108 TYR A CA  1 
ATOM   713  C  C   . TYR A 1 111 ? -9.294  -5.481  11.585  1.00 32.48 ? 108 TYR A C   1 
ATOM   714  O  O   . TYR A 1 111 ? -9.461  -4.509  12.294  1.00 32.16 ? 108 TYR A O   1 
ATOM   715  C  CB  . TYR A 1 111 ? -9.424  -7.572  12.944  1.00 32.43 ? 108 TYR A CB  1 
ATOM   716  C  CG  . TYR A 1 111 ? -8.758  -8.842  13.414  1.00 32.99 ? 108 TYR A CG  1 
ATOM   717  C  CD1 . TYR A 1 111 ? -8.842  -10.002 12.652  1.00 34.45 ? 108 TYR A CD1 1 
ATOM   718  C  CD2 . TYR A 1 111 ? -8.017  -8.883  14.609  1.00 32.30 ? 108 TYR A CD2 1 
ATOM   719  C  CE1 . TYR A 1 111 ? -8.229  -11.184 13.067  1.00 33.82 ? 108 TYR A CE1 1 
ATOM   720  C  CE2 . TYR A 1 111 ? -7.381  -10.060 15.023  1.00 30.45 ? 108 TYR A CE2 1 
ATOM   721  C  CZ  . TYR A 1 111 ? -7.492  -11.192 14.237  1.00 32.72 ? 108 TYR A CZ  1 
ATOM   722  O  OH  . TYR A 1 111 ? -6.895  -12.374 14.595  1.00 33.49 ? 108 TYR A OH  1 
ATOM   723  N  N   . LEU A 1 112 ? -9.776  -5.566  10.356  1.00 32.41 ? 109 LEU A N   1 
ATOM   724  C  CA  . LEU A 1 112 ? -10.655 -4.562  9.798   1.00 33.33 ? 109 LEU A CA  1 
ATOM   725  C  C   . LEU A 1 112 ? -12.082 -4.739  10.343  1.00 33.78 ? 109 LEU A C   1 
ATOM   726  O  O   . LEU A 1 112 ? -12.594 -5.870  10.398  1.00 35.04 ? 109 LEU A O   1 
ATOM   727  C  CB  . LEU A 1 112 ? -10.638 -4.700  8.252   1.00 33.08 ? 109 LEU A CB  1 
ATOM   728  C  CG  . LEU A 1 112 ? -11.185 -3.556  7.420   1.00 33.57 ? 109 LEU A CG  1 
ATOM   729  C  CD1 . LEU A 1 112 ? -10.442 -2.242  7.693   1.00 32.25 ? 109 LEU A CD1 1 
ATOM   730  C  CD2 . LEU A 1 112 ? -11.108 -3.933  5.913   1.00 33.44 ? 109 LEU A CD2 1 
ATOM   731  N  N   . THR A 1 113 ? -12.725 -3.645  10.758  1.00 33.18 ? 110 THR A N   1 
ATOM   732  C  CA  . THR A 1 113 ? -14.128 -3.711  11.195  1.00 33.29 ? 110 THR A CA  1 
ATOM   733  C  C   . THR A 1 113 ? -14.993 -3.449  9.964   1.00 33.15 ? 110 THR A C   1 
ATOM   734  O  O   . THR A 1 113 ? -14.466 -2.989  8.950   1.00 32.74 ? 110 THR A O   1 
ATOM   735  C  CB  . THR A 1 113 ? -14.466 -2.647  12.279  1.00 33.80 ? 110 THR A CB  1 
ATOM   736  O  OG1 . THR A 1 113 ? -14.359 -1.333  11.711  1.00 33.35 ? 110 THR A OG1 1 
ATOM   737  C  CG2 . THR A 1 113 ? -13.528 -2.756  13.498  1.00 32.80 ? 110 THR A CG2 1 
ATOM   738  N  N   . PRO A 1 114 ? -16.297 -3.790  10.019  1.00 33.12 ? 111 PRO A N   1 
ATOM   739  C  CA  . PRO A 1 114 ? -17.200 -3.360  8.942   1.00 32.83 ? 111 PRO A CA  1 
ATOM   740  C  C   . PRO A 1 114 ? -17.204 -1.837  8.715   1.00 32.38 ? 111 PRO A C   1 
ATOM   741  O  O   . PRO A 1 114 ? -17.247 -1.410  7.565   1.00 32.48 ? 111 PRO A O   1 
ATOM   742  C  CB  . PRO A 1 114 ? -18.570 -3.846  9.410   1.00 33.02 ? 111 PRO A CB  1 
ATOM   743  C  CG  . PRO A 1 114 ? -18.264 -5.011  10.311  1.00 34.08 ? 111 PRO A CG  1 
ATOM   744  C  CD  . PRO A 1 114 ? -16.995 -4.630  11.021  1.00 33.31 ? 111 PRO A CD  1 
ATOM   745  N  N   . ALA A 1 115 ? -17.154 -1.036  9.784   1.00 31.45 ? 112 ALA A N   1 
ATOM   746  C  CA  . ALA A 1 115 ? -16.993 0.418   9.628   1.00 30.39 ? 112 ALA A CA  1 
ATOM   747  C  C   . ALA A 1 115 ? -15.718 0.769   8.836   1.00 29.46 ? 112 ALA A C   1 
ATOM   748  O  O   . ALA A 1 115 ? -15.748 1.605   7.923   1.00 28.72 ? 112 ALA A O   1 
ATOM   749  C  CB  . ALA A 1 115 ? -17.008 1.120   10.965  1.00 31.21 ? 112 ALA A CB  1 
ATOM   750  N  N   . GLY A 1 116 ? -14.616 0.093   9.146   1.00 27.68 ? 113 GLY A N   1 
ATOM   751  C  CA  . GLY A 1 116 ? -13.365 0.349   8.450   1.00 26.43 ? 113 GLY A CA  1 
ATOM   752  C  C   . GLY A 1 116 ? -13.430 -0.027  6.977   1.00 26.35 ? 113 GLY A C   1 
ATOM   753  O  O   . GLY A 1 116 ? -12.876 0.679   6.119   1.00 25.41 ? 113 GLY A O   1 
ATOM   754  N  N   . ARG A 1 117 ? -14.098 -1.136  6.676   1.00 25.63 ? 114 ARG A N   1 
ATOM   755  C  CA  . ARG A 1 117 ? -14.232 -1.539  5.279   1.00 26.41 ? 114 ARG A CA  1 
ATOM   756  C  C   . ARG A 1 117 ? -15.114 -0.557  4.496   1.00 26.99 ? 114 ARG A C   1 
ATOM   757  O  O   . ARG A 1 117 ? -14.843 -0.255  3.325   1.00 27.23 ? 114 ARG A O   1 
ATOM   758  C  CB  . ARG A 1 117 ? -14.730 -2.975  5.152   1.00 25.76 ? 114 ARG A CB  1 
ATOM   759  C  CG  . ARG A 1 117 ? -14.509 -3.541  3.733   1.00 26.93 ? 114 ARG A CG  1 
ATOM   760  C  CD  . ARG A 1 117 ? -14.999 -4.968  3.619   1.00 29.13 ? 114 ARG A CD  1 
ATOM   761  N  NE  . ARG A 1 117 ? -14.210 -5.889  4.435   1.00 31.71 ? 114 ARG A NE  1 
ATOM   762  C  CZ  . ARG A 1 117 ? -13.069 -6.458  4.042   1.00 32.47 ? 114 ARG A CZ  1 
ATOM   763  N  NH1 . ARG A 1 117 ? -12.556 -6.198  2.839   1.00 33.94 ? 114 ARG A NH1 1 
ATOM   764  N  NH2 . ARG A 1 117 ? -12.436 -7.288  4.863   1.00 33.13 ? 114 ARG A NH2 1 
ATOM   765  N  N   . ALA A 1 118 ? -16.175 -0.070  5.137   1.00 27.41 ? 115 ALA A N   1 
ATOM   766  C  CA  . ALA A 1 118 ? -17.025 0.974   4.549   1.00 27.79 ? 115 ALA A CA  1 
ATOM   767  C  C   . ALA A 1 118 ? -16.215 2.233   4.171   1.00 28.22 ? 115 ALA A C   1 
ATOM   768  O  O   . ALA A 1 118 ? -16.411 2.821   3.099   1.00 28.59 ? 115 ALA A O   1 
ATOM   769  C  CB  . ALA A 1 118 ? -18.152 1.322   5.517   1.00 27.88 ? 115 ALA A CB  1 
ATOM   770  N  N   . VAL A 1 119 ? -15.298 2.637   5.042   1.00 27.86 ? 116 VAL A N   1 
ATOM   771  C  CA  . VAL A 1 119 ? -14.431 3.789   4.779   1.00 28.26 ? 116 VAL A CA  1 
ATOM   772  C  C   . VAL A 1 119 ? -13.458 3.470   3.646   1.00 28.12 ? 116 VAL A C   1 
ATOM   773  O  O   . VAL A 1 119 ? -13.306 4.263   2.703   1.00 27.67 ? 116 VAL A O   1 
ATOM   774  C  CB  . VAL A 1 119 ? -13.675 4.243   6.041   1.00 28.11 ? 116 VAL A CB  1 
ATOM   775  C  CG1 . VAL A 1 119 ? -12.539 5.217   5.698   1.00 29.73 ? 116 VAL A CG1 1 
ATOM   776  C  CG2 . VAL A 1 119 ? -14.652 4.902   7.023   1.00 27.93 ? 116 VAL A CG2 1 
ATOM   777  N  N   . TYR A 1 120 ? -12.833 2.295   3.718   1.00 27.83 ? 117 TYR A N   1 
ATOM   778  C  CA  . TYR A 1 120 ? -11.944 1.838   2.665   1.00 27.60 ? 117 TYR A CA  1 
ATOM   779  C  C   . TYR A 1 120 ? -12.664 1.786   1.293   1.00 28.04 ? 117 TYR A C   1 
ATOM   780  O  O   . TYR A 1 120 ? -12.096 2.212   0.268   1.00 26.98 ? 117 TYR A O   1 
ATOM   781  C  CB  . TYR A 1 120 ? -11.308 0.476   2.992   1.00 28.13 ? 117 TYR A CB  1 
ATOM   782  C  CG  . TYR A 1 120 ? -10.650 -0.063  1.763   1.00 28.55 ? 117 TYR A CG  1 
ATOM   783  C  CD1 . TYR A 1 120 ? -9.434  0.464   1.321   1.00 27.07 ? 117 TYR A CD1 1 
ATOM   784  C  CD2 . TYR A 1 120 ? -11.284 -1.024  0.979   1.00 27.70 ? 117 TYR A CD2 1 
ATOM   785  C  CE1 . TYR A 1 120 ? -8.843  0.022   0.156   1.00 25.82 ? 117 TYR A CE1 1 
ATOM   786  C  CE2 . TYR A 1 120 ? -10.702 -1.465  -0.202  1.00 28.58 ? 117 TYR A CE2 1 
ATOM   787  C  CZ  . TYR A 1 120 ? -9.476  -0.939  -0.605  1.00 28.15 ? 117 TYR A CZ  1 
ATOM   788  O  OH  . TYR A 1 120 ? -8.889  -1.372  -1.781  1.00 27.63 ? 117 TYR A OH  1 
ATOM   789  N  N   . ASP A 1 121 ? -13.897 1.273   1.282   1.00 27.67 ? 118 ASP A N   1 
ATOM   790  C  CA  . ASP A 1 121 ? -14.669 1.185   0.042   1.00 28.58 ? 118 ASP A CA  1 
ATOM   791  C  C   . ASP A 1 121 ? -14.955 2.553   -0.594  1.00 28.78 ? 118 ASP A C   1 
ATOM   792  O  O   . ASP A 1 121 ? -15.251 2.622   -1.781  1.00 29.03 ? 118 ASP A O   1 
ATOM   793  C  CB  . ASP A 1 121 ? -15.967 0.399   0.231   1.00 28.55 ? 118 ASP A CB  1 
ATOM   794  C  CG  . ASP A 1 121 ? -15.742 -1.111  0.402   1.00 29.45 ? 118 ASP A CG  1 
ATOM   795  O  OD1 . ASP A 1 121 ? -14.621 -1.621  0.164   1.00 32.05 ? 118 ASP A OD1 1 
ATOM   796  O  OD2 . ASP A 1 121 ? -16.705 -1.798  0.790   1.00 29.59 ? 118 ASP A OD2 1 
ATOM   797  N  N   . ARG A 1 122 ? -14.873 3.633   0.180   1.00 29.12 ? 119 ARG A N   1 
ATOM   798  C  CA  . ARG A 1 122 ? -15.046 4.989   -0.371  1.00 29.31 ? 119 ARG A CA  1 
ATOM   799  C  C   . ARG A 1 122 ? -13.701 5.598   -0.819  1.00 29.56 ? 119 ARG A C   1 
ATOM   800  O  O   . ARG A 1 122 ? -13.660 6.632   -1.488  1.00 28.80 ? 119 ARG A O   1 
ATOM   801  C  CB  . ARG A 1 122 ? -15.718 5.888   0.659   1.00 29.65 ? 119 ARG A CB  1 
ATOM   802  C  CG  . ARG A 1 122 ? -17.123 5.418   1.077   1.00 30.85 ? 119 ARG A CG  1 
ATOM   803  C  CD  . ARG A 1 122 ? -17.475 6.025   2.423   1.00 32.85 ? 119 ARG A CD  1 
ATOM   804  N  NE  . ARG A 1 122 ? -17.228 7.468   2.400   1.00 34.41 ? 119 ARG A NE  1 
ATOM   805  C  CZ  . ARG A 1 122 ? -16.784 8.196   3.420   1.00 35.58 ? 119 ARG A CZ  1 
ATOM   806  N  NH1 . ARG A 1 122 ? -16.511 7.626   4.597   1.00 35.29 ? 119 ARG A NH1 1 
ATOM   807  N  NH2 . ARG A 1 122 ? -16.609 9.502   3.253   1.00 31.89 ? 119 ARG A NH2 1 
ATOM   808  N  N   . LEU A 1 123 ? -12.606 4.943   -0.444  1.00 28.96 ? 120 LEU A N   1 
ATOM   809  C  CA  . LEU A 1 123 ? -11.279 5.317   -0.930  1.00 29.76 ? 120 LEU A CA  1 
ATOM   810  C  C   . LEU A 1 123 ? -10.953 4.616   -2.264  1.00 29.26 ? 120 LEU A C   1 
ATOM   811  O  O   . LEU A 1 123 ? -10.341 5.209   -3.171  1.00 28.84 ? 120 LEU A O   1 
ATOM   812  C  CB  . LEU A 1 123 ? -10.228 5.001   0.148   1.00 29.66 ? 120 LEU A CB  1 
ATOM   813  C  CG  . LEU A 1 123 ? -8.751  5.064   -0.269  1.00 31.86 ? 120 LEU A CG  1 
ATOM   814  C  CD1 . LEU A 1 123 ? -8.391  6.465   -0.783  1.00 33.85 ? 120 LEU A CD1 1 
ATOM   815  C  CD2 . LEU A 1 123 ? -7.838  4.647   0.887   1.00 31.26 ? 120 LEU A CD2 1 
ATOM   816  N  N   . TRP A 1 124 ? -11.364 3.351   -2.371  1.00 28.53 ? 121 TRP A N   1 
ATOM   817  C  CA  . TRP A 1 124 ? -11.095 2.523   -3.545  1.00 28.34 ? 121 TRP A CA  1 
ATOM   818  C  C   . TRP A 1 124 ? -11.391 3.178   -4.915  1.00 27.90 ? 121 TRP A C   1 
ATOM   819  O  O   . TRP A 1 124 ? -10.608 3.024   -5.862  1.00 28.47 ? 121 TRP A O   1 
ATOM   820  C  CB  . TRP A 1 124 ? -11.786 1.151   -3.400  1.00 28.39 ? 121 TRP A CB  1 
ATOM   821  C  CG  . TRP A 1 124 ? -11.641 0.265   -4.603  1.00 28.71 ? 121 TRP A CG  1 
ATOM   822  C  CD1 . TRP A 1 124 ? -12.650 -0.202  -5.405  1.00 29.58 ? 121 TRP A CD1 1 
ATOM   823  C  CD2 . TRP A 1 124 ? -10.422 -0.273  -5.141  1.00 28.00 ? 121 TRP A CD2 1 
ATOM   824  N  NE1 . TRP A 1 124 ? -12.130 -0.991  -6.398  1.00 29.38 ? 121 TRP A NE1 1 
ATOM   825  C  CE2 . TRP A 1 124 ? -10.769 -1.043  -6.273  1.00 30.63 ? 121 TRP A CE2 1 
ATOM   826  C  CE3 . TRP A 1 124 ? -9.072  -0.200  -4.760  1.00 29.14 ? 121 TRP A CE3 1 
ATOM   827  C  CZ2 . TRP A 1 124 ? -9.813  -1.736  -7.040  1.00 31.77 ? 121 TRP A CZ2 1 
ATOM   828  C  CZ3 . TRP A 1 124 ? -8.109  -0.872  -5.541  1.00 29.60 ? 121 TRP A CZ3 1 
ATOM   829  C  CH2 . TRP A 1 124 ? -8.493  -1.640  -6.657  1.00 30.30 ? 121 TRP A CH2 1 
ATOM   830  N  N   . PRO A 1 125 ? -12.518 3.899   -5.054  1.00 26.80 ? 122 PRO A N   1 
ATOM   831  C  CA  . PRO A 1 125 ? -12.722 4.509   -6.373  1.00 26.22 ? 122 PRO A CA  1 
ATOM   832  C  C   . PRO A 1 125 ? -11.588 5.409   -6.862  1.00 26.00 ? 122 PRO A C   1 
ATOM   833  O  O   . PRO A 1 125 ? -11.356 5.476   -8.070  1.00 24.95 ? 122 PRO A O   1 
ATOM   834  C  CB  . PRO A 1 125 ? -14.014 5.319   -6.197  1.00 26.06 ? 122 PRO A CB  1 
ATOM   835  C  CG  . PRO A 1 125 ? -14.746 4.621   -5.111  1.00 26.57 ? 122 PRO A CG  1 
ATOM   836  C  CD  . PRO A 1 125 ? -13.666 4.144   -4.158  1.00 27.17 ? 122 PRO A CD  1 
ATOM   837  N  N   . HIS A 1 126 ? -10.881 6.083   -5.952  1.00 25.18 ? 123 HIS A N   1 
ATOM   838  C  CA  . HIS A 1 126 ? -9.760  6.934   -6.355  1.00 25.08 ? 123 HIS A CA  1 
ATOM   839  C  C   . HIS A 1 126 ? -8.527  6.072   -6.720  1.00 26.00 ? 123 HIS A C   1 
ATOM   840  O  O   . HIS A 1 126 ? -7.758  6.404   -7.641  1.00 25.36 ? 123 HIS A O   1 
ATOM   841  C  CB  . HIS A 1 126 ? -9.384  7.870   -5.208  1.00 24.91 ? 123 HIS A CB  1 
ATOM   842  C  CG  . HIS A 1 126 ? -10.476 8.812   -4.825  1.00 23.14 ? 123 HIS A CG  1 
ATOM   843  N  ND1 . HIS A 1 126 ? -10.904 9.817   -5.661  1.00 21.03 ? 123 HIS A ND1 1 
ATOM   844  C  CD2 . HIS A 1 126 ? -11.226 8.902   -3.700  1.00 23.35 ? 123 HIS A CD2 1 
ATOM   845  C  CE1 . HIS A 1 126 ? -11.877 10.491  -5.066  1.00 24.50 ? 123 HIS A CE1 1 
ATOM   846  N  NE2 . HIS A 1 126 ? -12.093 9.951   -3.878  1.00 22.08 ? 123 HIS A NE2 1 
HETATM 847  N  N   . MSE A 1 127 ? -8.324  4.995   -5.960  1.00 25.95 ? 124 MSE A N   1 
HETATM 848  C  CA  . MSE A 1 127 ? -7.246  4.043   -6.261  1.00 26.11 ? 124 MSE A CA  1 
HETATM 849  C  C   . MSE A 1 127 ? -7.485  3.393   -7.613  1.00 27.63 ? 124 MSE A C   1 
HETATM 850  O  O   . MSE A 1 127 ? -6.580  3.337   -8.465  1.00 26.58 ? 124 MSE A O   1 
HETATM 851  C  CB  . MSE A 1 127 ? -7.183  2.947   -5.186  1.00 26.17 ? 124 MSE A CB  1 
HETATM 852  C  CG  . MSE A 1 127 ? -6.779  3.481   -3.851  1.00 25.75 ? 124 MSE A CG  1 
HETATM 853  SE SE  . MSE A 1 127 ? -7.057  2.257   -2.401  0.50 26.64 ? 124 MSE A SE  1 
HETATM 854  C  CE  . MSE A 1 127 ? -5.882  0.813   -2.919  1.00 26.11 ? 124 MSE A CE  1 
ATOM   855  N  N   . ARG A 1 128 ? -8.717  2.921   -7.819  1.00 27.66 ? 125 ARG A N   1 
ATOM   856  C  CA  . ARG A 1 128 ? -9.110  2.325   -9.094  1.00 29.03 ? 125 ARG A CA  1 
ATOM   857  C  C   . ARG A 1 128 ? -8.960  3.302   -10.266 1.00 28.61 ? 125 ARG A C   1 
ATOM   858  O  O   . ARG A 1 128 ? -8.505  2.921   -11.353 1.00 28.45 ? 125 ARG A O   1 
ATOM   859  C  CB  . ARG A 1 128 ? -10.545 1.791   -8.998  1.00 29.71 ? 125 ARG A CB  1 
ATOM   860  C  CG  . ARG A 1 128 ? -11.096 1.166   -10.286 1.00 34.12 ? 125 ARG A CG  1 
ATOM   861  C  CD  . ARG A 1 128 ? -12.603 1.017   -10.191 1.00 38.16 ? 125 ARG A CD  1 
ATOM   862  N  NE  . ARG A 1 128 ? -13.007 0.098   -9.120  1.00 42.35 ? 125 ARG A NE  1 
ATOM   863  C  CZ  . ARG A 1 128 ? -13.720 -1.022  -9.304  1.00 42.92 ? 125 ARG A CZ  1 
ATOM   864  N  NH1 . ARG A 1 128 ? -14.110 -1.377  -10.528 1.00 41.86 ? 125 ARG A NH1 1 
ATOM   865  N  NH2 . ARG A 1 128 ? -14.038 -1.794  -8.267  1.00 39.76 ? 125 ARG A NH2 1 
ATOM   866  N  N   . ALA A 1 129 ? -9.335  4.559   -10.053 1.00 28.29 ? 126 ALA A N   1 
ATOM   867  C  CA  . ALA A 1 129 ? -9.282  5.565   -11.110 1.00 28.03 ? 126 ALA A CA  1 
ATOM   868  C  C   . ALA A 1 129 ? -7.852  5.787   -11.600 1.00 27.77 ? 126 ALA A C   1 
ATOM   869  O  O   . ALA A 1 129 ? -7.603  5.922   -12.796 1.00 27.19 ? 126 ALA A O   1 
ATOM   870  C  CB  . ALA A 1 129 ? -9.901  6.890   -10.620 1.00 28.55 ? 126 ALA A CB  1 
ATOM   871  N  N   . SER A 1 130 ? -6.909  5.823   -10.662 1.00 26.91 ? 127 SER A N   1 
ATOM   872  C  CA  . SER A 1 130 ? -5.528  6.031   -11.002 1.00 26.86 ? 127 SER A CA  1 
ATOM   873  C  C   . SER A 1 130 ? -4.937  4.744   -11.598 1.00 27.03 ? 127 SER A C   1 
ATOM   874  O  O   . SER A 1 130 ? -4.180  4.801   -12.573 1.00 26.07 ? 127 SER A O   1 
ATOM   875  C  CB  . SER A 1 130 ? -4.747  6.491   -9.761  1.00 26.60 ? 127 SER A CB  1 
ATOM   876  O  OG  . SER A 1 130 ? -3.450  6.841   -10.148 1.00 28.56 ? 127 SER A OG  1 
ATOM   877  N  N   . HIS A 1 131 ? -5.275  3.591   -11.014 1.00 26.48 ? 128 HIS A N   1 
ATOM   878  C  CA  . HIS A 1 131 ? -4.844  2.283   -11.569 1.00 27.10 ? 128 HIS A CA  1 
ATOM   879  C  C   . HIS A 1 131 ? -5.311  2.121   -13.026 1.00 27.67 ? 128 HIS A C   1 
ATOM   880  O  O   . HIS A 1 131 ? -4.548  1.690   -13.895 1.00 27.17 ? 128 HIS A O   1 
ATOM   881  C  CB  . HIS A 1 131 ? -5.400  1.138   -10.704 1.00 26.88 ? 128 HIS A CB  1 
ATOM   882  C  CG  . HIS A 1 131 ? -5.016  -0.235  -11.175 1.00 28.36 ? 128 HIS A CG  1 
ATOM   883  N  ND1 . HIS A 1 131 ? -5.708  -0.909  -12.162 1.00 32.29 ? 128 HIS A ND1 1 
ATOM   884  C  CD2 . HIS A 1 131 ? -4.019  -1.067  -10.783 1.00 28.90 ? 128 HIS A CD2 1 
ATOM   885  C  CE1 . HIS A 1 131 ? -5.155  -2.101  -12.350 1.00 32.66 ? 128 HIS A CE1 1 
ATOM   886  N  NE2 . HIS A 1 131 ? -4.135  -2.224  -11.519 1.00 26.67 ? 128 HIS A NE2 1 
ATOM   887  N  N   . ASP A 1 132 ? -6.569  2.462   -13.290 1.00 28.15 ? 129 ASP A N   1 
ATOM   888  C  CA  . ASP A 1 132 ? -7.109  2.344   -14.652 1.00 28.99 ? 129 ASP A CA  1 
ATOM   889  C  C   . ASP A 1 132 ? -6.473  3.345   -15.611 1.00 28.97 ? 129 ASP A C   1 
ATOM   890  O  O   . ASP A 1 132 ? -6.211  3.021   -16.789 1.00 29.00 ? 129 ASP A O   1 
ATOM   891  C  CB  . ASP A 1 132 ? -8.635  2.478   -14.663 1.00 29.65 ? 129 ASP A CB  1 
ATOM   892  C  CG  . ASP A 1 132 ? -9.338  1.307   -13.961 1.00 31.38 ? 129 ASP A CG  1 
ATOM   893  O  OD1 . ASP A 1 132 ? -8.696  0.258   -13.683 1.00 31.66 ? 129 ASP A OD1 1 
ATOM   894  O  OD2 . ASP A 1 132 ? -10.542 1.462   -13.673 1.00 35.03 ? 129 ASP A OD2 1 
ATOM   895  N  N   . ARG A 1 133 ? -6.239  4.565   -15.123 1.00 27.92 ? 130 ARG A N   1 
ATOM   896  C  CA  . ARG A 1 133 ? -5.561  5.558   -15.940 1.00 27.40 ? 130 ARG A CA  1 
ATOM   897  C  C   . ARG A 1 133 ? -4.153  5.087   -16.334 1.00 26.43 ? 130 ARG A C   1 
ATOM   898  O  O   . ARG A 1 133 ? -3.780  5.152   -17.513 1.00 26.86 ? 130 ARG A O   1 
ATOM   899  C  CB  . ARG A 1 133 ? -5.520  6.932   -15.245 1.00 26.80 ? 130 ARG A CB  1 
ATOM   900  C  CG  . ARG A 1 133 ? -4.811  8.002   -16.072 1.00 27.36 ? 130 ARG A CG  1 
ATOM   901  C  CD  . ARG A 1 133 ? -5.082  9.417   -15.563 1.00 28.46 ? 130 ARG A CD  1 
ATOM   902  N  NE  . ARG A 1 133 ? -4.189  10.372  -16.227 1.00 28.90 ? 130 ARG A NE  1 
ATOM   903  C  CZ  . ARG A 1 133 ? -4.220  11.696  -16.063 1.00 28.65 ? 130 ARG A CZ  1 
ATOM   904  N  NH1 . ARG A 1 133 ? -5.109  12.267  -15.242 1.00 29.71 ? 130 ARG A NH1 1 
ATOM   905  N  NH2 . ARG A 1 133 ? -3.347  12.450  -16.707 1.00 26.74 ? 130 ARG A NH2 1 
HETATM 906  N  N   . MSE A 1 134 ? -3.359  4.629   -15.360 1.00 25.55 ? 131 MSE A N   1 
HETATM 907  C  CA  . MSE A 1 134 ? -1.987  4.241   -15.654 1.00 25.44 ? 131 MSE A CA  1 
HETATM 908  C  C   . MSE A 1 134 ? -1.896  3.104   -16.658 1.00 25.16 ? 131 MSE A C   1 
HETATM 909  O  O   . MSE A 1 134 ? -0.937  3.038   -17.459 1.00 23.87 ? 131 MSE A O   1 
HETATM 910  C  CB  . MSE A 1 134 ? -1.173  3.954   -14.382 1.00 25.48 ? 131 MSE A CB  1 
HETATM 911  C  CG  . MSE A 1 134 ? -1.449  2.641   -13.705 1.00 25.83 ? 131 MSE A CG  1 
HETATM 912  SE SE  . MSE A 1 134 ? -0.253  2.476   -12.140 0.50 26.38 ? 131 MSE A SE  1 
HETATM 913  C  CE  . MSE A 1 134 ? -1.015  3.744   -10.976 1.00 20.68 ? 131 MSE A CE  1 
ATOM   914  N  N   . PHE A 1 135 ? -2.907  2.231   -16.646 1.00 24.84 ? 132 PHE A N   1 
ATOM   915  C  CA  . PHE A 1 135 ? -2.926  1.088   -17.564 1.00 25.72 ? 132 PHE A CA  1 
ATOM   916  C  C   . PHE A 1 135 ? -3.698  1.287   -18.881 1.00 26.82 ? 132 PHE A C   1 
ATOM   917  O  O   . PHE A 1 135 ? -3.831  0.338   -19.640 1.00 26.57 ? 132 PHE A O   1 
ATOM   918  C  CB  . PHE A 1 135 ? -3.393  -0.195  -16.852 1.00 25.03 ? 132 PHE A CB  1 
ATOM   919  C  CG  . PHE A 1 135 ? -2.325  -0.811  -15.988 1.00 25.37 ? 132 PHE A CG  1 
ATOM   920  C  CD1 . PHE A 1 135 ? -1.190  -1.376  -16.568 1.00 24.49 ? 132 PHE A CD1 1 
ATOM   921  C  CD2 . PHE A 1 135 ? -2.428  -0.778  -14.616 1.00 24.48 ? 132 PHE A CD2 1 
ATOM   922  C  CE1 . PHE A 1 135 ? -0.186  -1.910  -15.773 1.00 24.49 ? 132 PHE A CE1 1 
ATOM   923  C  CE2 . PHE A 1 135 ? -1.431  -1.305  -13.805 1.00 25.45 ? 132 PHE A CE2 1 
ATOM   924  C  CZ  . PHE A 1 135 ? -0.311  -1.883  -14.392 1.00 25.18 ? 132 PHE A CZ  1 
ATOM   925  N  N   . GLN A 1 136 ? -4.170  2.507   -19.159 1.00 28.87 ? 133 GLN A N   1 
ATOM   926  C  CA  . GLN A 1 136 ? -4.917  2.803   -20.413 1.00 31.07 ? 133 GLN A CA  1 
ATOM   927  C  C   . GLN A 1 136 ? -4.162  2.313   -21.639 1.00 30.15 ? 133 GLN A C   1 
ATOM   928  O  O   . GLN A 1 136 ? -2.995  2.636   -21.810 1.00 29.96 ? 133 GLN A O   1 
ATOM   929  C  CB  . GLN A 1 136 ? -5.146  4.318   -20.567 1.00 31.17 ? 133 GLN A CB  1 
ATOM   930  C  CG  . GLN A 1 136 ? -6.335  4.871   -19.790 1.00 35.38 ? 133 GLN A CG  1 
ATOM   931  C  CD  . GLN A 1 136 ? -6.312  6.413   -19.674 1.00 36.14 ? 133 GLN A CD  1 
ATOM   932  O  OE1 . GLN A 1 136 ? -5.344  7.082   -20.093 1.00 40.95 ? 133 GLN A OE1 1 
ATOM   933  N  NE2 . GLN A 1 136 ? -7.376  6.975   -19.083 1.00 41.08 ? 133 GLN A NE2 1 
ATOM   934  N  N   . GLY A 1 137 ? -4.828  1.537   -22.496 1.00 30.44 ? 134 GLY A N   1 
ATOM   935  C  CA  . GLY A 1 137 ? -4.229  1.082   -23.754 1.00 30.37 ? 134 GLY A CA  1 
ATOM   936  C  C   . GLY A 1 137 ? -3.060  0.120   -23.617 1.00 30.43 ? 134 GLY A C   1 
ATOM   937  O  O   . GLY A 1 137 ? -2.265  -0.055  -24.558 1.00 30.68 ? 134 GLY A O   1 
ATOM   938  N  N   . ILE A 1 138 ? -2.916  -0.463  -22.430 1.00 28.86 ? 135 ILE A N   1 
ATOM   939  C  CA  . ILE A 1 138 ? -1.996  -1.561  -22.231 1.00 27.85 ? 135 ILE A CA  1 
ATOM   940  C  C   . ILE A 1 138 ? -2.824  -2.850  -22.195 1.00 28.74 ? 135 ILE A C   1 
ATOM   941  O  O   . ILE A 1 138 ? -3.752  -2.979  -21.385 1.00 28.24 ? 135 ILE A O   1 
ATOM   942  C  CB  . ILE A 1 138 ? -1.181  -1.387  -20.917 1.00 27.38 ? 135 ILE A CB  1 
ATOM   943  C  CG1 . ILE A 1 138 ? -0.349  -0.090  -20.989 1.00 25.59 ? 135 ILE A CG1 1 
ATOM   944  C  CG2 . ILE A 1 138 ? -0.318  -2.619  -20.666 1.00 26.80 ? 135 ILE A CG2 1 
ATOM   945  C  CD1 . ILE A 1 138 ? 0.212   0.358   -19.652 1.00 26.39 ? 135 ILE A CD1 1 
ATOM   946  N  N   . THR A 1 139 ? -2.479  -3.790  -23.072 1.00 30.52 ? 136 THR A N   1 
ATOM   947  C  CA  . THR A 1 139 ? -3.244  -5.054  -23.244 1.00 32.40 ? 136 THR A CA  1 
ATOM   948  C  C   . THR A 1 139 ? -3.159  -5.954  -22.018 1.00 33.50 ? 136 THR A C   1 
ATOM   949  O  O   . THR A 1 139 ? -2.181  -5.868  -21.269 1.00 33.50 ? 136 THR A O   1 
ATOM   950  C  CB  . THR A 1 139 ? -2.720  -5.872  -24.443 1.00 32.90 ? 136 THR A CB  1 
ATOM   951  O  OG1 . THR A 1 139 ? -1.366  -6.285  -24.192 1.00 32.80 ? 136 THR A OG1 1 
ATOM   952  C  CG2 . THR A 1 139 ? -2.807  -5.079  -25.736 1.00 32.67 ? 136 THR A CG2 1 
ATOM   953  N  N   . PRO A 1 140 ? -4.164  -6.844  -21.811 1.00 34.27 ? 137 PRO A N   1 
ATOM   954  C  CA  . PRO A 1 140 ? -4.115  -7.801  -20.699 1.00 34.42 ? 137 PRO A CA  1 
ATOM   955  C  C   . PRO A 1 140 ? -2.844  -8.652  -20.710 1.00 34.98 ? 137 PRO A C   1 
ATOM   956  O  O   . PRO A 1 140 ? -2.328  -9.026  -19.638 1.00 35.22 ? 137 PRO A O   1 
ATOM   957  C  CB  . PRO A 1 140 ? -5.337  -8.690  -20.946 1.00 34.73 ? 137 PRO A CB  1 
ATOM   958  C  CG  . PRO A 1 140 ? -6.266  -7.818  -21.720 1.00 34.64 ? 137 PRO A CG  1 
ATOM   959  C  CD  . PRO A 1 140 ? -5.404  -6.987  -22.600 1.00 34.42 ? 137 PRO A CD  1 
ATOM   960  N  N   . GLN A 1 141 ? -2.346  -8.942  -21.908 1.00 34.94 ? 138 GLN A N   1 
ATOM   961  C  CA  . GLN A 1 141 ? -1.085  -9.671  -22.084 1.00 35.50 ? 138 GLN A CA  1 
ATOM   962  C  C   . GLN A 1 141 ? 0.135   -8.867  -21.616 1.00 34.62 ? 138 GLN A C   1 
ATOM   963  O  O   . GLN A 1 141 ? 1.020   -9.415  -20.947 1.00 33.78 ? 138 GLN A O   1 
ATOM   964  C  CB  . GLN A 1 141 ? -0.907  -10.069 -23.549 1.00 35.71 ? 138 GLN A CB  1 
ATOM   965  C  CG  . GLN A 1 141 ? -1.961  -11.074 -24.040 1.00 39.60 ? 138 GLN A CG  1 
ATOM   966  C  CD  . GLN A 1 141 ? -3.262  -10.414 -24.515 1.00 42.82 ? 138 GLN A CD  1 
ATOM   967  O  OE1 . GLN A 1 141 ? -3.365  -9.187  -24.606 1.00 41.75 ? 138 GLN A OE1 1 
ATOM   968  N  NE2 . GLN A 1 141 ? -4.260  -11.244 -24.831 1.00 44.56 ? 138 GLN A NE2 1 
ATOM   969  N  N   . GLU A 1 142 ? 0.190   -7.582  -21.983 1.00 34.11 ? 139 GLU A N   1 
ATOM   970  C  CA  . GLU A 1 142 ? 1.271   -6.714  -21.513 1.00 34.67 ? 139 GLU A CA  1 
ATOM   971  C  C   . GLU A 1 142 ? 1.214   -6.532  -19.998 1.00 33.63 ? 139 GLU A C   1 
ATOM   972  O  O   . GLU A 1 142 ? 2.254   -6.515  -19.345 1.00 32.44 ? 139 GLU A O   1 
ATOM   973  C  CB  . GLU A 1 142 ? 1.291   -5.350  -22.231 1.00 34.45 ? 139 GLU A CB  1 
ATOM   974  C  CG  . GLU A 1 142 ? 1.697   -5.466  -23.698 1.00 36.50 ? 139 GLU A CG  1 
ATOM   975  C  CD  . GLU A 1 142 ? 1.398   -4.220  -24.517 1.00 37.33 ? 139 GLU A CD  1 
ATOM   976  O  OE1 . GLU A 1 142 ? 0.681   -3.314  -24.027 1.00 39.10 ? 139 GLU A OE1 1 
ATOM   977  O  OE2 . GLU A 1 142 ? 1.895   -4.163  -25.667 1.00 40.32 ? 139 GLU A OE2 1 
ATOM   978  N  N   . ARG A 1 143 ? -0.001  -6.413  -19.456 1.00 33.59 ? 140 ARG A N   1 
ATOM   979  C  CA  . ARG A 1 143 ? -0.200  -6.275  -18.013 1.00 34.83 ? 140 ARG A CA  1 
ATOM   980  C  C   . ARG A 1 143 ? 0.263   -7.499  -17.231 1.00 34.20 ? 140 ARG A C   1 
ATOM   981  O  O   . ARG A 1 143 ? 0.940   -7.363  -16.200 1.00 33.63 ? 140 ARG A O   1 
ATOM   982  C  CB  . ARG A 1 143 ? -1.661  -5.989  -17.683 1.00 34.74 ? 140 ARG A CB  1 
ATOM   983  C  CG  . ARG A 1 143 ? -2.213  -4.729  -18.334 1.00 37.36 ? 140 ARG A CG  1 
ATOM   984  C  CD  . ARG A 1 143 ? -3.673  -4.489  -17.921 1.00 38.68 ? 140 ARG A CD  1 
ATOM   985  N  NE  . ARG A 1 143 ? -4.282  -3.406  -18.687 1.00 41.75 ? 140 ARG A NE  1 
ATOM   986  C  CZ  . ARG A 1 143 ? -5.298  -2.654  -18.259 1.00 43.34 ? 140 ARG A CZ  1 
ATOM   987  N  NH1 . ARG A 1 143 ? -5.830  -2.870  -17.046 1.00 40.11 ? 140 ARG A NH1 1 
ATOM   988  N  NH2 . ARG A 1 143 ? -5.772  -1.677  -19.051 1.00 42.07 ? 140 ARG A NH2 1 
ATOM   989  N  N   . GLN A 1 144 ? -0.141  -8.675  -17.710 1.00 33.68 ? 141 GLN A N   1 
ATOM   990  C  CA  . GLN A 1 144 ? 0.261   -9.966  -17.159 1.00 34.65 ? 141 GLN A CA  1 
ATOM   991  C  C   . GLN A 1 144 ? 1.789   -10.049 -17.107 1.00 33.25 ? 141 GLN A C   1 
ATOM   992  O  O   . GLN A 1 144 ? 2.360   -10.374 -16.055 1.00 33.19 ? 141 GLN A O   1 
ATOM   993  C  CB  . GLN A 1 144 ? -0.320  -11.103 -18.008 1.00 34.63 ? 141 GLN A CB  1 
ATOM   994  C  CG  . GLN A 1 144 ? -0.305  -12.502 -17.384 1.00 38.91 ? 141 GLN A CG  1 
ATOM   995  C  CD  . GLN A 1 144 ? -0.797  -13.600 -18.359 1.00 37.98 ? 141 GLN A CD  1 
ATOM   996  O  OE1 . GLN A 1 144 ? -1.572  -13.341 -19.279 1.00 45.20 ? 141 GLN A OE1 1 
ATOM   997  N  NE2 . GLN A 1 144 ? -0.330  -14.816 -18.158 1.00 42.54 ? 141 GLN A NE2 1 
ATOM   998  N  N   . ALA A 1 145 ? 2.439   -9.737  -18.234 1.00 31.43 ? 142 ALA A N   1 
ATOM   999  C  CA  . ALA A 1 145 ? 3.904   -9.756  -18.343 1.00 30.22 ? 142 ALA A CA  1 
ATOM   1000 C  C   . ALA A 1 145 ? 4.562   -8.775  -17.380 1.00 29.69 ? 142 ALA A C   1 
ATOM   1001 O  O   . ALA A 1 145 ? 5.602   -9.067  -16.783 1.00 28.83 ? 142 ALA A O   1 
ATOM   1002 C  CB  . ALA A 1 145 ? 4.335   -9.468  -19.767 1.00 30.24 ? 142 ALA A CB  1 
ATOM   1003 N  N   . PHE A 1 146 ? 3.937   -7.610  -17.250 1.00 28.93 ? 143 PHE A N   1 
ATOM   1004 C  CA  . PHE A 1 146 ? 4.401   -6.539  -16.366 1.00 28.35 ? 143 PHE A CA  1 
ATOM   1005 C  C   . PHE A 1 146 ? 4.380   -6.948  -14.907 1.00 28.73 ? 143 PHE A C   1 
ATOM   1006 O  O   . PHE A 1 146 ? 5.374   -6.784  -14.190 1.00 28.78 ? 143 PHE A O   1 
ATOM   1007 C  CB  . PHE A 1 146 ? 3.527   -5.305  -16.566 1.00 26.76 ? 143 PHE A CB  1 
ATOM   1008 C  CG  . PHE A 1 146 ? 3.982   -4.098  -15.779 1.00 26.71 ? 143 PHE A CG  1 
ATOM   1009 C  CD1 . PHE A 1 146 ? 5.182   -3.457  -16.075 1.00 23.78 ? 143 PHE A CD1 1 
ATOM   1010 C  CD2 . PHE A 1 146 ? 3.191   -3.603  -14.740 1.00 27.83 ? 143 PHE A CD2 1 
ATOM   1011 C  CE1 . PHE A 1 146 ? 5.595   -2.342  -15.344 1.00 25.30 ? 143 PHE A CE1 1 
ATOM   1012 C  CE2 . PHE A 1 146 ? 3.589   -2.487  -14.002 1.00 26.48 ? 143 PHE A CE2 1 
ATOM   1013 C  CZ  . PHE A 1 146 ? 4.787   -1.855  -14.298 1.00 25.94 ? 143 PHE A CZ  1 
ATOM   1014 N  N   . LEU A 1 147 ? 3.240   -7.481  -14.473 1.00 28.90 ? 144 LEU A N   1 
ATOM   1015 C  CA  . LEU A 1 147 ? 3.074   -7.952  -13.102 1.00 29.78 ? 144 LEU A CA  1 
ATOM   1016 C  C   . LEU A 1 147 ? 4.034   -9.121  -12.808 1.00 29.49 ? 144 LEU A C   1 
ATOM   1017 O  O   . LEU A 1 147 ? 4.554   -9.230  -11.679 1.00 30.32 ? 144 LEU A O   1 
ATOM   1018 C  CB  . LEU A 1 147 ? 1.599   -8.360  -12.870 1.00 30.26 ? 144 LEU A CB  1 
ATOM   1019 C  CG  . LEU A 1 147 ? 0.561   -7.219  -12.852 1.00 30.25 ? 144 LEU A CG  1 
ATOM   1020 C  CD1 . LEU A 1 147 ? -0.838  -7.790  -12.764 1.00 31.62 ? 144 LEU A CD1 1 
ATOM   1021 C  CD2 . LEU A 1 147 ? 0.833   -6.267  -11.655 1.00 33.14 ? 144 LEU A CD2 1 
ATOM   1022 N  N   . ALA A 1 148 ? 4.266   -9.987  -13.800 1.00 29.18 ? 145 ALA A N   1 
ATOM   1023 C  CA  . ALA A 1 148 ? 5.203   -11.104 -13.611 1.00 28.56 ? 145 ALA A CA  1 
ATOM   1024 C  C   . ALA A 1 148 ? 6.602   -10.561 -13.349 1.00 28.90 ? 145 ALA A C   1 
ATOM   1025 O  O   . ALA A 1 148 ? 7.287   -11.021 -12.431 1.00 28.52 ? 145 ALA A O   1 
ATOM   1026 C  CB  . ALA A 1 148 ? 5.206   -12.036 -14.802 1.00 28.82 ? 145 ALA A CB  1 
ATOM   1027 N  N   . THR A 1 149 ? 7.024   -9.585  -14.160 1.00 28.44 ? 146 THR A N   1 
ATOM   1028 C  CA  . THR A 1 149 ? 8.335   -8.948  -13.959 1.00 27.67 ? 146 THR A CA  1 
ATOM   1029 C  C   . THR A 1 149 ? 8.464   -8.234  -12.591 1.00 27.37 ? 146 THR A C   1 
ATOM   1030 O  O   . THR A 1 149 ? 9.480   -8.369  -11.914 1.00 27.95 ? 146 THR A O   1 
ATOM   1031 C  CB  . THR A 1 149 ? 8.685   -7.999  -15.122 1.00 27.75 ? 146 THR A CB  1 
ATOM   1032 O  OG1 . THR A 1 149 ? 8.579   -8.707  -16.374 1.00 26.30 ? 146 THR A OG1 1 
ATOM   1033 C  CG2 . THR A 1 149 ? 10.114  -7.446  -14.945 1.00 26.05 ? 146 THR A CG2 1 
ATOM   1034 N  N   . LEU A 1 150 ? 7.452   -7.454  -12.200 1.00 26.81 ? 147 LEU A N   1 
ATOM   1035 C  CA  . LEU A 1 150 ? 7.432   -6.818  -10.890 1.00 27.69 ? 147 LEU A CA  1 
ATOM   1036 C  C   . LEU A 1 150 ? 7.551   -7.818  -9.738  1.00 29.12 ? 147 LEU A C   1 
ATOM   1037 O  O   . LEU A 1 150 ? 8.278   -7.566  -8.788  1.00 29.67 ? 147 LEU A O   1 
ATOM   1038 C  CB  . LEU A 1 150 ? 6.174   -5.966  -10.705 1.00 26.43 ? 147 LEU A CB  1 
ATOM   1039 C  CG  . LEU A 1 150 ? 6.079   -4.634  -11.431 1.00 26.82 ? 147 LEU A CG  1 
ATOM   1040 C  CD1 . LEU A 1 150 ? 4.710   -4.028  -11.136 1.00 28.33 ? 147 LEU A CD1 1 
ATOM   1041 C  CD2 . LEU A 1 150 ? 7.200   -3.608  -11.010 1.00 24.37 ? 147 LEU A CD2 1 
ATOM   1042 N  N   . ASN A 1 151 ? 6.846   -8.953  -9.816  1.00 30.32 ? 148 ASN A N   1 
ATOM   1043 C  CA  . ASN A 1 151 ? 6.950   -9.964  -8.758  1.00 31.04 ? 148 ASN A CA  1 
ATOM   1044 C  C   . ASN A 1 151 ? 8.349   -10.549 -8.626  1.00 31.41 ? 148 ASN A C   1 
ATOM   1045 O  O   . ASN A 1 151 ? 8.823   -10.773 -7.525  1.00 32.35 ? 148 ASN A O   1 
ATOM   1046 C  CB  . ASN A 1 151 ? 5.876   -11.038 -8.935  1.00 32.16 ? 148 ASN A CB  1 
ATOM   1047 C  CG  . ASN A 1 151 ? 4.557   -10.618 -8.300  1.00 32.57 ? 148 ASN A CG  1 
ATOM   1048 O  OD1 . ASN A 1 151 ? 4.420   -10.688 -7.096  1.00 35.69 ? 148 ASN A OD1 1 
ATOM   1049 N  ND2 . ASN A 1 151 ? 3.594   -10.178 -9.108  1.00 33.18 ? 148 ASN A ND2 1 
ATOM   1050 N  N   . LYS A 1 152 ? 9.003   -10.781 -9.765  1.00 31.18 ? 149 LYS A N   1 
ATOM   1051 C  CA  . LYS A 1 152 ? 10.391  -11.195 -9.807  1.00 31.17 ? 149 LYS A CA  1 
ATOM   1052 C  C   . LYS A 1 152 ? 11.310  -10.139 -9.151  1.00 29.11 ? 149 LYS A C   1 
ATOM   1053 O  O   . LYS A 1 152 ? 12.199  -10.460 -8.361  1.00 27.14 ? 149 LYS A O   1 
ATOM   1054 C  CB  . LYS A 1 152 ? 10.779  -11.410 -11.271 1.00 30.81 ? 149 LYS A CB  1 
ATOM   1055 C  CG  . LYS A 1 152 ? 11.902  -12.357 -11.468 1.00 35.38 ? 149 LYS A CG  1 
ATOM   1056 C  CD  . LYS A 1 152 ? 12.157  -12.719 -12.957 1.00 34.72 ? 149 LYS A CD  1 
ATOM   1057 C  CE  . LYS A 1 152 ? 10.924  -13.290 -13.653 1.00 40.13 ? 149 LYS A CE  1 
ATOM   1058 N  NZ  . LYS A 1 152 ? 11.316  -13.940 -14.939 1.00 42.16 ? 149 LYS A NZ  1 
HETATM 1059 N  N   . MSE A 1 153 ? 11.105  -8.877  -9.497  1.00 28.39 ? 150 MSE A N   1 
HETATM 1060 C  CA  . MSE A 1 153 ? 11.909  -7.787  -8.908  1.00 27.32 ? 150 MSE A CA  1 
HETATM 1061 C  C   . MSE A 1 153 ? 11.686  -7.656  -7.404  1.00 27.39 ? 150 MSE A C   1 
HETATM 1062 O  O   . MSE A 1 153 ? 12.617  -7.438  -6.644  1.00 26.42 ? 150 MSE A O   1 
HETATM 1063 C  CB  . MSE A 1 153 ? 11.547  -6.475  -9.581  1.00 27.29 ? 150 MSE A CB  1 
HETATM 1064 C  CG  . MSE A 1 153 ? 11.971  -6.452  -11.036 1.00 26.77 ? 150 MSE A CG  1 
HETATM 1065 SE SE  . MSE A 1 153 ? 11.163  -5.011  -11.990 0.50 27.18 ? 150 MSE A SE  1 
HETATM 1066 C  CE  . MSE A 1 153 ? 11.884  -3.631  -10.877 1.00 22.97 ? 150 MSE A CE  1 
ATOM   1067 N  N   . LEU A 1 154 ? 10.436  -7.797  -6.976  1.00 28.67 ? 151 LEU A N   1 
ATOM   1068 C  CA  . LEU A 1 154 ? 10.154  -7.774  -5.530  1.00 30.11 ? 151 LEU A CA  1 
ATOM   1069 C  C   . LEU A 1 154 ? 10.842  -8.946  -4.815  1.00 29.85 ? 151 LEU A C   1 
ATOM   1070 O  O   . LEU A 1 154 ? 11.521  -8.737  -3.817  1.00 30.31 ? 151 LEU A O   1 
ATOM   1071 C  CB  . LEU A 1 154 ? 8.658   -7.804  -5.246  1.00 30.62 ? 151 LEU A CB  1 
ATOM   1072 C  CG  . LEU A 1 154 ? 8.316   -7.841  -3.733  1.00 30.79 ? 151 LEU A CG  1 
ATOM   1073 C  CD1 . LEU A 1 154 ? 8.805   -6.603  -2.997  1.00 28.04 ? 151 LEU A CD1 1 
ATOM   1074 C  CD2 . LEU A 1 154 ? 6.792   -7.899  -3.677  1.00 33.54 ? 151 LEU A CD2 1 
ATOM   1075 N  N   . ALA A 1 155 ? 10.697  -10.162 -5.332  1.00 30.75 ? 152 ALA A N   1 
ATOM   1076 C  CA  . ALA A 1 155 ? 11.466  -11.301 -4.790  1.00 30.18 ? 152 ALA A CA  1 
ATOM   1077 C  C   . ALA A 1 155 ? 12.970  -11.016 -4.717  1.00 29.40 ? 152 ALA A C   1 
ATOM   1078 O  O   . ALA A 1 155 ? 13.657  -11.385 -3.743  1.00 29.53 ? 152 ALA A O   1 
ATOM   1079 C  CB  . ALA A 1 155 ? 11.188  -12.599 -5.595  1.00 31.57 ? 152 ALA A CB  1 
ATOM   1080 N  N   . ASN A 1 156 ? 13.499  -10.370 -5.746  1.00 28.10 ? 153 ASN A N   1 
ATOM   1081 C  CA  . ASN A 1 156 ? 14.920  -10.082 -5.800  1.00 27.66 ? 153 ASN A CA  1 
ATOM   1082 C  C   . ASN A 1 156 ? 15.373  -9.061  -4.747  1.00 26.94 ? 153 ASN A C   1 
ATOM   1083 O  O   . ASN A 1 156 ? 16.437  -9.195  -4.145  1.00 26.21 ? 153 ASN A O   1 
ATOM   1084 C  CB  . ASN A 1 156 ? 15.287  -9.527  -7.174  1.00 26.76 ? 153 ASN A CB  1 
ATOM   1085 C  CG  . ASN A 1 156 ? 15.413  -10.592 -8.220  1.00 27.39 ? 153 ASN A CG  1 
ATOM   1086 O  OD1 . ASN A 1 156 ? 15.603  -11.777 -7.908  1.00 25.91 ? 153 ASN A OD1 1 
ATOM   1087 N  ND2 . ASN A 1 156 ? 15.339  -10.186 -9.473  1.00 22.38 ? 153 ASN A ND2 1 
ATOM   1088 N  N   . ILE A 1 157 ? 14.590  -8.004  -4.584  1.00 26.88 ? 154 ILE A N   1 
ATOM   1089 C  CA  . ILE A 1 157 ? 15.043  -6.873  -3.781  1.00 26.50 ? 154 ILE A CA  1 
ATOM   1090 C  C   . ILE A 1 157 ? 14.710  -6.970  -2.292  1.00 27.01 ? 154 ILE A C   1 
ATOM   1091 O  O   . ILE A 1 157 ? 15.410  -6.364  -1.457  1.00 26.55 ? 154 ILE A O   1 
ATOM   1092 C  CB  . ILE A 1 157 ? 14.529  -5.516  -4.366  1.00 25.87 ? 154 ILE A CB  1 
ATOM   1093 C  CG1 . ILE A 1 157 ? 15.466  -4.381  -3.963  1.00 26.46 ? 154 ILE A CG1 1 
ATOM   1094 C  CG2 . ILE A 1 157 ? 13.086  -5.264  -3.956  1.00 26.72 ? 154 ILE A CG2 1 
ATOM   1095 C  CD1 . ILE A 1 157 ? 15.061  -2.981  -4.508  1.00 26.52 ? 154 ILE A CD1 1 
ATOM   1096 N  N   . ARG A 1 158 ? 13.654  -7.711  -1.952  1.00 27.63 ? 155 ARG A N   1 
ATOM   1097 C  CA  . ARG A 1 158 ? 13.054  -7.575  -0.624  1.00 29.02 ? 155 ARG A CA  1 
ATOM   1098 C  C   . ARG A 1 158 ? 13.952  -8.129  0.466   1.00 29.48 ? 155 ARG A C   1 
ATOM   1099 O  O   . ARG A 1 158 ? 14.640  -9.111  0.239   1.00 29.84 ? 155 ARG A O   1 
ATOM   1100 C  CB  . ARG A 1 158 ? 11.707  -8.287  -0.552  1.00 28.73 ? 155 ARG A CB  1 
ATOM   1101 C  CG  . ARG A 1 158 ? 11.816  -9.796  -0.731  1.00 29.52 ? 155 ARG A CG  1 
ATOM   1102 C  CD  . ARG A 1 158 ? 10.407  -10.391 -0.842  1.00 30.47 ? 155 ARG A CD  1 
ATOM   1103 N  NE  . ARG A 1 158 ? 10.491  -11.806 -1.156  1.00 32.78 ? 155 ARG A NE  1 
ATOM   1104 C  CZ  . ARG A 1 158 ? 9.481   -12.513 -1.668  1.00 34.49 ? 155 ARG A CZ  1 
ATOM   1105 N  NH1 . ARG A 1 158 ? 8.281   -11.962 -1.845  1.00 34.68 ? 155 ARG A NH1 1 
ATOM   1106 N  NH2 . ARG A 1 158 ? 9.670   -13.774 -1.972  1.00 34.24 ? 155 ARG A NH2 1 
ATOM   1107 N  N   . VAL A 1 159 ? 13.946  -7.485  1.632   1.00 30.03 ? 156 VAL A N   1 
ATOM   1108 C  CA  . VAL A 1 159 ? 14.709  -7.966  2.804   1.00 31.35 ? 156 VAL A CA  1 
ATOM   1109 C  C   . VAL A 1 159 ? 13.924  -9.021  3.586   1.00 31.69 ? 156 VAL A C   1 
ATOM   1110 O  O   . VAL A 1 159 ? 14.511  -9.952  4.144   1.00 31.28 ? 156 VAL A O   1 
ATOM   1111 C  CB  . VAL A 1 159 ? 15.117  -6.786  3.717   1.00 30.86 ? 156 VAL A CB  1 
ATOM   1112 C  CG1 . VAL A 1 159 ? 15.737  -7.305  5.057   1.00 35.21 ? 156 VAL A CG1 1 
ATOM   1113 C  CG2 . VAL A 1 159 ? 16.120  -5.923  2.988   1.00 31.80 ? 156 VAL A CG2 1 
ATOM   1114 N  N   . HIS A 1 160 ? 12.590  -8.891  3.586   1.00 31.98 ? 157 HIS A N   1 
ATOM   1115 C  CA  . HIS A 1 160 ? 11.696  -9.811  4.320   1.00 32.74 ? 157 HIS A CA  1 
ATOM   1116 C  C   . HIS A 1 160 ? 11.000  -10.716 3.322   1.00 33.26 ? 157 HIS A C   1 
ATOM   1117 O  O   . HIS A 1 160 ? 10.399  -10.235 2.351   1.00 33.61 ? 157 HIS A O   1 
ATOM   1118 C  CB  . HIS A 1 160 ? 10.676  -9.008  5.126   1.00 31.85 ? 157 HIS A CB  1 
ATOM   1119 C  CG  . HIS A 1 160 ? 11.309  -7.999  6.025   1.00 33.16 ? 157 HIS A CG  1 
ATOM   1120 N  ND1 . HIS A 1 160 ? 11.439  -6.673  5.678   1.00 32.56 ? 157 HIS A ND1 1 
ATOM   1121 C  CD2 . HIS A 1 160 ? 11.903  -8.136  7.241   1.00 32.52 ? 157 HIS A CD2 1 
ATOM   1122 C  CE1 . HIS A 1 160 ? 12.050  -6.025  6.657   1.00 35.36 ? 157 HIS A CE1 1 
ATOM   1123 N  NE2 . HIS A 1 160 ? 12.330  -6.886  7.620   1.00 34.79 ? 157 HIS A NE2 1 
ATOM   1124 N  N   A GLU A 1 161 ? 11.082  -12.018 3.569   0.50 33.21 ? 158 GLU A N   1 
ATOM   1125 N  N   B GLU A 1 161 ? 11.093  -12.028 3.527   0.50 33.10 ? 158 GLU A N   1 
ATOM   1126 C  CA  A GLU A 1 161 ? 10.590  -13.006 2.625   0.50 34.08 ? 158 GLU A CA  1 
ATOM   1127 C  CA  B GLU A 1 161 ? 10.614  -12.977 2.520   0.50 33.85 ? 158 GLU A CA  1 
ATOM   1128 C  C   A GLU A 1 161 ? 9.102   -13.236 2.807   0.50 33.79 ? 158 GLU A C   1 
ATOM   1129 C  C   B GLU A 1 161 ? 9.123   -13.257 2.657   0.50 33.64 ? 158 GLU A C   1 
ATOM   1130 O  O   A GLU A 1 161 ? 8.672   -14.302 3.252   0.50 34.42 ? 158 GLU A O   1 
ATOM   1131 O  O   B GLU A 1 161 ? 8.713   -14.389 2.925   0.50 34.33 ? 158 GLU A O   1 
ATOM   1132 C  CB  A GLU A 1 161 ? 11.405  -14.305 2.728   0.50 34.25 ? 158 GLU A CB  1 
ATOM   1133 C  CB  B GLU A 1 161 ? 11.434  -14.277 2.528   0.50 33.90 ? 158 GLU A CB  1 
ATOM   1134 C  CG  A GLU A 1 161 ? 12.902  -14.111 2.444   0.50 36.26 ? 158 GLU A CG  1 
ATOM   1135 C  CG  B GLU A 1 161 ? 11.558  -14.911 1.136   0.50 35.20 ? 158 GLU A CG  1 
ATOM   1136 C  CD  A GLU A 1 161 ? 13.187  -13.287 1.184   0.50 38.83 ? 158 GLU A CD  1 
ATOM   1137 C  CD  B GLU A 1 161 ? 11.855  -16.403 1.169   0.50 35.30 ? 158 GLU A CD  1 
ATOM   1138 O  OE1 A GLU A 1 161 ? 12.588  -13.580 0.126   0.50 38.69 ? 158 GLU A OE1 1 
ATOM   1139 O  OE1 B GLU A 1 161 ? 12.504  -16.877 2.124   0.50 36.02 ? 158 GLU A OE1 1 
ATOM   1140 O  OE2 A GLU A 1 161 ? 14.022  -12.350 1.251   0.50 39.68 ? 158 GLU A OE2 1 
ATOM   1141 O  OE2 B GLU A 1 161 ? 11.428  -17.107 0.233   0.50 34.77 ? 158 GLU A OE2 1 
ATOM   1142 N  N   . ILE A 1 162 ? 8.322   -12.201 2.477   1.00 33.55 ? 159 ILE A N   1 
ATOM   1143 C  CA  . ILE A 1 162 ? 6.849   -12.277 2.487   1.00 32.36 ? 159 ILE A CA  1 
ATOM   1144 C  C   . ILE A 1 162 ? 6.355   -11.439 1.307   1.00 32.09 ? 159 ILE A C   1 
ATOM   1145 O  O   . ILE A 1 162 ? 7.136   -10.645 0.722   1.00 32.51 ? 159 ILE A O   1 
ATOM   1146 C  CB  . ILE A 1 162 ? 6.227   -11.667 3.763   1.00 32.43 ? 159 ILE A CB  1 
ATOM   1147 C  CG1 . ILE A 1 162 ? 6.501   -10.154 3.825   1.00 32.86 ? 159 ILE A CG1 1 
ATOM   1148 C  CG2 . ILE A 1 162 ? 6.771   -12.311 5.045   1.00 30.95 ? 159 ILE A CG2 1 
ATOM   1149 C  CD1 . ILE A 1 162 ? 5.817   -9.442  5.002   1.00 33.72 ? 159 ILE A CD1 1 
ATOM   1150 O  OXT . ILE A 1 162 ? 5.182   -11.509 0.916   1.00 30.85 ? 159 ILE A OXT 1 
HETATM 1151 P  P   . PO4 B 2 .   ? 3.786   14.450  -12.807 1.00 23.07 ? 201 PO4 A P   1 
HETATM 1152 O  O1  . PO4 B 2 .   ? 4.006   14.944  -14.205 1.00 25.66 ? 201 PO4 A O1  1 
HETATM 1153 O  O2  . PO4 B 2 .   ? 4.980   13.585  -12.478 1.00 26.46 ? 201 PO4 A O2  1 
HETATM 1154 O  O3  . PO4 B 2 .   ? 3.712   15.603  -11.867 1.00 23.29 ? 201 PO4 A O3  1 
HETATM 1155 O  O4  . PO4 B 2 .   ? 2.525   13.633  -12.736 1.00 23.68 ? 201 PO4 A O4  1 
HETATM 1156 O  O   . HOH C 3 .   ? 4.583   11.101  -3.653  1.00 47.23 ? 202 HOH A O   1 
HETATM 1157 O  O   . HOH C 3 .   ? -5.305  10.839  10.213  1.00 38.56 ? 203 HOH A O   1 
HETATM 1158 O  O   . HOH C 3 .   ? 1.241   -12.007 -14.248 1.00 31.17 ? 204 HOH A O   1 
HETATM 1159 O  O   . HOH C 3 .   ? 16.810  6.423   -21.960 1.00 34.66 ? 205 HOH A O   1 
HETATM 1160 O  O   . HOH C 3 .   ? -15.598 -6.473  6.743   1.00 49.53 ? 206 HOH A O   1 
HETATM 1161 O  O   . HOH C 3 .   ? 16.345  0.213   -15.662 1.00 22.81 ? 207 HOH A O   1 
HETATM 1162 O  O   . HOH C 3 .   ? 15.490  -10.925 -1.563  1.00 34.29 ? 208 HOH A O   1 
HETATM 1163 O  O   . HOH C 3 .   ? 10.183  11.670  -18.573 1.00 24.23 ? 209 HOH A O   1 
HETATM 1164 O  O   . HOH C 3 .   ? 7.556   8.050   -5.484  1.00 33.02 ? 210 HOH A O   1 
HETATM 1165 O  O   . HOH C 3 .   ? 5.120   12.288  -10.036 1.00 24.79 ? 211 HOH A O   1 
HETATM 1166 O  O   . HOH C 3 .   ? 4.711   -5.713  -20.332 1.00 33.50 ? 212 HOH A O   1 
HETATM 1167 O  O   . HOH C 3 .   ? -17.867 -1.745  12.632  1.00 36.23 ? 213 HOH A O   1 
HETATM 1168 O  O   . HOH C 3 .   ? 5.122   -9.425  12.054  1.00 43.34 ? 214 HOH A O   1 
HETATM 1169 O  O   . HOH C 3 .   ? -15.544 -0.048  -3.532  1.00 43.16 ? 215 HOH A O   1 
HETATM 1170 O  O   . HOH C 3 .   ? -17.699 3.580   8.168   1.00 32.69 ? 216 HOH A O   1 
HETATM 1171 O  O   . HOH C 3 .   ? 7.128   14.305  -9.687  1.00 26.31 ? 217 HOH A O   1 
HETATM 1172 O  O   . HOH C 3 .   ? 7.534   -1.177  8.267   1.00 33.97 ? 218 HOH A O   1 
HETATM 1173 O  O   . HOH C 3 .   ? -9.219  7.431   11.465  1.00 36.36 ? 219 HOH A O   1 
HETATM 1174 O  O   . HOH C 3 .   ? 17.580  -4.870  -1.077  1.00 27.27 ? 220 HOH A O   1 
HETATM 1175 O  O   . HOH C 3 .   ? -1.893  8.334   10.864  1.00 32.78 ? 221 HOH A O   1 
HETATM 1176 O  O   . HOH C 3 .   ? 1.331   4.077   18.879  1.00 37.06 ? 222 HOH A O   1 
HETATM 1177 O  O   . HOH C 3 .   ? 2.491   -13.112 -18.903 1.00 59.15 ? 223 HOH A O   1 
HETATM 1178 O  O   . HOH C 3 .   ? -11.248 -9.402  2.023   1.00 53.13 ? 224 HOH A O   1 
HETATM 1179 O  O   . HOH C 3 .   ? -5.786  16.213  1.990   1.00 48.57 ? 225 HOH A O   1 
HETATM 1180 O  O   . HOH C 3 .   ? -1.348  15.679  -3.494  1.00 37.09 ? 226 HOH A O   1 
HETATM 1181 O  O   . HOH C 3 .   ? -0.257  -7.754  -26.337 1.00 49.58 ? 227 HOH A O   1 
HETATM 1182 O  O   . HOH C 3 .   ? 1.337   -12.119 -21.231 1.00 60.84 ? 228 HOH A O   1 
HETATM 1183 O  O   . HOH C 3 .   ? -0.338  5.945   -1.056  1.00 36.11 ? 229 HOH A O   1 
HETATM 1184 O  O   . HOH C 3 .   ? 14.493  -13.984 -6.944  1.00 38.59 ? 230 HOH A O   1 
HETATM 1185 O  O   . HOH C 3 .   ? -8.186  9.126   14.301  1.00 44.10 ? 231 HOH A O   1 
HETATM 1186 O  O   . HOH C 3 .   ? -7.222  9.016   -8.554  1.00 37.98 ? 232 HOH A O   1 
HETATM 1187 O  O   . HOH C 3 .   ? 7.165   -11.281 -17.741 1.00 50.17 ? 233 HOH A O   1 
HETATM 1188 O  O   . HOH C 3 .   ? 8.699   10.717  -20.881 1.00 27.45 ? 234 HOH A O   1 
HETATM 1189 O  O   . HOH C 3 .   ? -9.287  6.513   -14.574 1.00 33.17 ? 235 HOH A O   1 
HETATM 1190 O  O   . HOH C 3 .   ? -18.647 2.282   1.756   1.00 41.95 ? 236 HOH A O   1 
HETATM 1191 O  O   . HOH C 3 .   ? 3.699   13.580  -8.187  1.00 32.49 ? 237 HOH A O   1 
HETATM 1192 O  O   . HOH C 3 .   ? -3.920  9.449   -19.846 1.00 41.73 ? 238 HOH A O   1 
HETATM 1193 O  O   . HOH C 3 .   ? -5.026  9.606   14.148  1.00 39.85 ? 239 HOH A O   1 
HETATM 1194 O  O   . HOH C 3 .   ? -7.132  0.951   -17.987 1.00 39.23 ? 240 HOH A O   1 
HETATM 1195 O  O   . HOH C 3 .   ? 18.134  0.972   -19.839 1.00 45.11 ? 241 HOH A O   1 
HETATM 1196 O  O   . HOH C 3 .   ? -8.731  11.316  11.605  1.00 57.83 ? 242 HOH A O   1 
HETATM 1197 O  O   . HOH C 3 .   ? 6.780   -11.526 -5.600  1.00 38.07 ? 243 HOH A O   1 
HETATM 1198 O  O   . HOH C 3 .   ? -14.940 2.089   -7.885  1.00 43.78 ? 244 HOH A O   1 
HETATM 1199 O  O   . HOH C 3 .   ? -12.230 -8.332  10.985  1.00 53.37 ? 245 HOH A O   1 
HETATM 1200 O  O   . HOH C 3 .   ? -12.849 5.073   -10.429 1.00 41.20 ? 246 HOH A O   1 
HETATM 1201 O  O   . HOH C 3 .   ? 9.631   0.178   10.861  1.00 48.16 ? 247 HOH A O   1 
HETATM 1202 O  O   . HOH C 3 .   ? 7.629   7.087   8.696   1.00 51.36 ? 248 HOH A O   1 
HETATM 1203 O  O   . HOH C 3 .   ? 4.935   -7.687  14.561  1.00 46.93 ? 249 HOH A O   1 
HETATM 1204 O  O   . HOH C 3 .   ? -9.068  10.667  -7.624  1.00 38.66 ? 250 HOH A O   1 
HETATM 1205 O  O   . HOH C 3 .   ? -7.845  9.800   16.954  1.00 39.29 ? 251 HOH A O   1 
HETATM 1206 O  O   . HOH C 3 .   ? 24.681  0.105   -14.779 1.00 54.66 ? 252 HOH A O   1 
HETATM 1207 O  O   . HOH C 3 .   ? -11.804 3.727   -12.905 1.00 56.26 ? 253 HOH A O   1 
HETATM 1208 O  O   . HOH C 3 .   ? -13.321 -4.298  0.717   1.00 46.78 ? 254 HOH A O   1 
HETATM 1209 O  O   . HOH C 3 .   ? -14.617 9.102   16.247  1.00 53.62 ? 255 HOH A O   1 
HETATM 1210 O  O   . HOH C 3 .   ? 16.219  1.861   -22.460 1.00 46.86 ? 256 HOH A O   1 
HETATM 1211 O  O   . HOH C 3 .   ? 10.610  10.791  -22.354 1.00 42.59 ? 257 HOH A O   1 
HETATM 1212 O  O   . HOH C 3 .   ? -18.091 -5.568  6.078   1.00 45.24 ? 258 HOH A O   1 
HETATM 1213 O  O   . HOH C 3 .   ? -17.556 3.363   -3.099  1.00 38.57 ? 259 HOH A O   1 
HETATM 1214 O  O   . HOH C 3 .   ? -3.210  8.562   16.203  1.00 37.13 ? 260 HOH A O   1 
HETATM 1215 O  O   . HOH C 3 .   ? 8.194   -0.662  5.385   1.00 42.97 ? 261 HOH A O   1 
HETATM 1216 O  O   . HOH C 3 .   ? -12.136 -1.520  17.666  1.00 34.34 ? 262 HOH A O   1 
HETATM 1217 O  O   . HOH C 3 .   ? 1.158   15.996  -2.430  1.00 56.01 ? 263 HOH A O   1 
HETATM 1218 O  O   . HOH C 3 .   ? -18.171 -2.312  2.972   1.00 51.95 ? 264 HOH A O   1 
HETATM 1219 O  O   . HOH C 3 .   ? -10.676 10.164  17.010  1.00 46.25 ? 265 HOH A O   1 
HETATM 1220 O  O   . HOH C 3 .   ? -18.935 1.518   -1.671  1.00 49.06 ? 266 HOH A O   1 
HETATM 1221 O  O   . HOH C 3 .   ? -7.169  -12.958 20.408  1.00 54.91 ? 267 HOH A O   1 
HETATM 1222 O  O   . HOH C 3 .   ? -14.419 -3.247  17.300  1.00 45.37 ? 268 HOH A O   1 
HETATM 1223 O  O   . HOH C 3 .   ? -6.824  9.526   -11.099 1.00 34.98 ? 269 HOH A O   1 
HETATM 1224 O  O   . HOH C 3 .   ? 6.268   5.613   6.966   1.00 36.02 ? 270 HOH A O   1 
HETATM 1225 O  O   . HOH C 3 .   ? -10.001 -8.404  4.666   1.00 38.03 ? 271 HOH A O   1 
HETATM 1226 O  O   . HOH C 3 .   ? 18.955  3.323   -22.103 1.00 52.33 ? 272 HOH A O   1 
HETATM 1227 O  O   . HOH C 3 .   ? -18.519 -3.025  5.467   1.00 47.78 ? 273 HOH A O   1 
HETATM 1228 O  O   . HOH C 3 .   ? -11.214 9.855   19.632  1.00 31.71 ? 274 HOH A O   1 
HETATM 1229 O  O   . HOH C 3 .   ? -10.589 -4.970  -1.154  1.00 37.81 ? 275 HOH A O   1 
HETATM 1230 O  O   . HOH C 3 .   ? -4.458  3.737   -0.091  1.00 44.81 ? 276 HOH A O   1 
HETATM 1231 O  O   . HOH C 3 .   ? -8.804  16.394  1.209   1.00 51.41 ? 277 HOH A O   1 
HETATM 1232 O  O   . HOH C 3 .   ? 5.470   8.592   -3.535  1.00 30.07 ? 278 HOH A O   1 
HETATM 1233 O  O   . HOH C 3 .   ? -3.959  -9.638  -17.842 1.00 45.92 ? 279 HOH A O   1 
HETATM 1234 O  O   . HOH C 3 .   ? -14.737 -6.904  9.012   1.00 63.23 ? 280 HOH A O   1 
HETATM 1235 O  O   . HOH C 3 .   ? 8.324   5.748   -5.074  1.00 47.40 ? 281 HOH A O   1 
HETATM 1236 O  O   . HOH C 3 .   ? 10.823  -17.121 -12.216 1.00 62.50 ? 282 HOH A O   1 
HETATM 1237 O  O   . HOH C 3 .   ? -16.868 -0.201  14.358  1.00 39.71 ? 283 HOH A O   1 
HETATM 1238 O  O   . HOH C 3 .   ? -8.882  9.205   -13.072 1.00 56.58 ? 284 HOH A O   1 
HETATM 1239 O  O   . HOH C 3 .   ? 4.901   16.258  -9.592  1.00 43.36 ? 285 HOH A O   1 
HETATM 1240 O  O   . HOH C 3 .   ? 6.843   -5.827  -18.434 0.50 28.25 ? 286 HOH A O   1 
HETATM 1241 O  O   . HOH C 3 .   ? 5.238   -7.174  -22.388 1.00 37.58 ? 287 HOH A O   1 
HETATM 1242 O  O   . HOH C 3 .   ? -6.500  -3.986  -24.519 1.00 56.43 ? 288 HOH A O   1 
HETATM 1243 O  O   . HOH C 3 .   ? -1.281  -11.560 -14.061 1.00 48.61 ? 289 HOH A O   1 
HETATM 1244 O  O   . HOH C 3 .   ? -4.041  -1.613  -26.763 1.00 55.21 ? 290 HOH A O   1 
HETATM 1245 O  O   . HOH C 3 .   ? -7.750  12.686  -6.084  1.00 40.26 ? 291 HOH A O   1 
HETATM 1246 O  O   . HOH C 3 .   ? -13.470 9.685   -1.221  1.00 49.54 ? 292 HOH A O   1 
HETATM 1247 O  O   . HOH C 3 .   ? -7.345  0.369   -21.958 1.00 54.43 ? 293 HOH A O   1 
HETATM 1248 O  O   . HOH C 3 .   ? -4.325  9.098   -12.005 1.00 41.18 ? 294 HOH A O   1 
HETATM 1249 O  O   . HOH C 3 .   ? -12.791 -8.134  7.377   1.00 52.63 ? 295 HOH A O   1 
HETATM 1250 O  O   . HOH C 3 .   ? -18.287 5.032   5.582   1.00 39.45 ? 296 HOH A O   1 
HETATM 1251 O  O   . HOH C 3 .   ? 1.062   -11.070 16.229  1.00 54.15 ? 297 HOH A O   1 
HETATM 1252 O  O   . HOH C 3 .   ? 12.752  -13.572 -2.347  1.00 38.51 ? 298 HOH A O   1 
HETATM 1253 O  O   . HOH C 3 .   ? -0.713  -1.332  16.933  1.00 42.27 ? 299 HOH A O   1 
HETATM 1254 O  O   . HOH C 3 .   ? 11.717  10.005  -10.520 1.00 25.38 ? 300 HOH A O   1 
HETATM 1255 O  O   . HOH C 3 .   ? -10.397 -2.636  19.515  1.00 27.09 ? 301 HOH A O   1 
HETATM 1256 O  O   . HOH C 3 .   ? 18.220  11.315  -19.313 1.00 28.37 ? 302 HOH A O   1 
HETATM 1257 O  O   . HOH C 3 .   ? 15.938  12.002  -20.891 1.00 31.98 ? 303 HOH A O   1 
HETATM 1258 O  O   . HOH C 3 .   ? -11.606 -7.185  18.981  1.00 36.18 ? 304 HOH A O   1 
HETATM 1259 O  O   . HOH C 3 .   ? -0.023  11.450  5.699   1.00 39.80 ? 305 HOH A O   1 
HETATM 1260 O  O   . HOH C 3 .   ? -10.263 -5.226  20.229  1.00 30.05 ? 306 HOH A O   1 
HETATM 1261 O  O   . HOH C 3 .   ? -0.735  8.548   -0.656  1.00 31.17 ? 307 HOH A O   1 
HETATM 1262 O  O   . HOH C 3 .   ? 25.655  7.596   -12.982 1.00 37.94 ? 308 HOH A O   1 
HETATM 1263 O  O   . HOH C 3 .   ? 2.568   -11.866 -11.576 1.00 30.96 ? 309 HOH A O   1 
HETATM 1264 O  O   . HOH C 3 .   ? 20.762  11.439  -20.085 1.00 40.28 ? 310 HOH A O   1 
HETATM 1265 O  O   . HOH C 3 .   ? 0.240   18.691  -9.405  1.00 55.75 ? 311 HOH A O   1 
HETATM 1266 O  O   . HOH C 3 .   ? 1.136   9.126   7.159   1.00 36.05 ? 312 HOH A O   1 
HETATM 1267 O  O   . HOH C 3 .   ? 1.385   9.661   9.690   1.00 38.10 ? 313 HOH A O   1 
HETATM 1268 O  O   . HOH C 3 .   ? 0.665   7.996   11.576  1.00 33.64 ? 314 HOH A O   1 
HETATM 1269 O  O   . HOH C 3 .   ? 6.868   -13.554 -11.678 1.00 33.09 ? 315 HOH A O   1 
HETATM 1270 O  O   . HOH C 3 .   ? -2.334  1.609   -2.910  1.00 30.18 ? 316 HOH A O   1 
HETATM 1271 O  O   . HOH C 3 .   ? 11.203  -14.805 -8.953  1.00 48.67 ? 317 HOH A O   1 
HETATM 1272 O  O   . HOH C 3 .   ? 4.534   -14.014 -11.012 1.00 34.26 ? 318 HOH A O   1 
HETATM 1273 O  O   . HOH C 3 .   ? -0.118  17.033  -6.955  1.00 52.47 ? 319 HOH A O   1 
HETATM 1274 O  O   . HOH C 3 .   ? -4.038  8.407   18.788  1.00 34.25 ? 320 HOH A O   1 
HETATM 1275 O  O   . HOH C 3 .   ? 28.260  7.724   -11.889 1.00 43.48 ? 321 HOH A O   1 
HETATM 1276 O  O   . HOH C 3 .   ? 1.850   9.514   -0.031  1.00 43.77 ? 322 HOH A O   1 
HETATM 1277 O  O   . HOH C 3 .   ? -1.257  -0.786  -1.179  1.00 60.47 ? 323 HOH A O   1 
HETATM 1278 O  O   . HOH C 3 .   ? 7.875   -8.043  12.534  1.00 51.04 ? 324 HOH A O   1 
HETATM 1279 O  O   . HOH C 3 .   ? -0.238  -1.297  -25.494 1.00 49.51 ? 325 HOH A O   1 
HETATM 1280 O  O   . HOH C 3 .   ? -1.693  7.214   19.958  1.00 45.37 ? 326 HOH A O   1 
HETATM 1281 O  O   . HOH C 3 .   ? -20.119 2.165   8.528   1.00 35.89 ? 327 HOH A O   1 
HETATM 1282 O  O   . HOH C 3 .   ? -6.980  18.142  -2.009  1.00 39.22 ? 328 HOH A O   1 
HETATM 1283 O  O   . HOH C 3 .   ? 19.184  -4.913  1.193   1.00 32.87 ? 329 HOH A O   1 
HETATM 1284 O  O   . HOH C 3 .   ? -14.828 -6.824  13.173  1.00 46.35 ? 330 HOH A O   1 
HETATM 1285 O  O   . HOH C 3 .   ? -0.186  11.974  10.244  1.00 45.56 ? 331 HOH A O   1 
HETATM 1286 O  O   . HOH C 3 .   ? 13.455  12.697  -18.003 1.00 45.62 ? 332 HOH A O   1 
HETATM 1287 O  O   . HOH C 3 .   ? -1.955  3.486   -1.132  1.00 46.25 ? 333 HOH A O   1 
HETATM 1288 O  O   . HOH C 3 .   ? 2.474   -6.905  19.676  1.00 50.53 ? 334 HOH A O   1 
HETATM 1289 O  O   . HOH C 3 .   ? -3.186  10.830  11.943  1.00 47.30 ? 335 HOH A O   1 
HETATM 1290 O  O   . HOH C 3 .   ? 12.354  -12.975 5.981   1.00 42.75 ? 336 HOH A O   1 
HETATM 1291 O  O   . HOH C 3 .   ? -0.948  13.027  7.585   1.00 45.08 ? 337 HOH A O   1 
HETATM 1292 O  O   . HOH C 3 .   ? 4.654   13.146  -5.198  1.00 48.90 ? 338 HOH A O   1 
HETATM 1293 O  O   . HOH C 3 .   ? -2.638  9.486   1.215   1.00 47.22 ? 339 HOH A O   1 
HETATM 1294 O  O   . HOH C 3 .   ? -0.803  3.300   -23.721 1.00 50.10 ? 340 HOH A O   1 
HETATM 1295 O  O   . HOH C 3 .   ? 10.619  -10.937 -16.024 1.00 54.81 ? 341 HOH A O   1 
HETATM 1296 O  O   . HOH C 3 .   ? 6.605   -9.241  -22.710 0.50 47.12 ? 342 HOH A O   1 
HETATM 1297 O  O   . HOH C 3 .   ? 13.186  -13.177 -8.860  1.00 56.65 ? 343 HOH A O   1 
# 
